data_1XJC
# 
_entry.id   1XJC 
# 
_audit_conform.dict_name       mmcif_pdbx.dic 
_audit_conform.dict_version    5.397 
_audit_conform.dict_location   http://mmcif.pdb.org/dictionaries/ascii/mmcif_pdbx.dic 
# 
loop_
_database_2.database_id 
_database_2.database_code 
_database_2.pdbx_database_accession 
_database_2.pdbx_DOI 
PDB   1XJC         pdb_00001xjc 10.2210/pdb1xjc/pdb 
RCSB  RCSB030419   ?            ?                   
WWPDB D_1000030419 ?            ?                   
# 
loop_
_pdbx_audit_revision_history.ordinal 
_pdbx_audit_revision_history.data_content_type 
_pdbx_audit_revision_history.major_revision 
_pdbx_audit_revision_history.minor_revision 
_pdbx_audit_revision_history.revision_date 
1 'Structure model' 1 0 2004-11-09 
2 'Structure model' 1 1 2008-04-30 
3 'Structure model' 1 2 2011-07-13 
4 'Structure model' 1 3 2012-09-26 
5 'Structure model' 1 4 2024-10-16 
# 
_pdbx_audit_revision_details.ordinal             1 
_pdbx_audit_revision_details.revision_ordinal    1 
_pdbx_audit_revision_details.data_content_type   'Structure model' 
_pdbx_audit_revision_details.provider            repository 
_pdbx_audit_revision_details.type                'Initial release' 
_pdbx_audit_revision_details.description         ? 
_pdbx_audit_revision_details.details             ? 
# 
loop_
_pdbx_audit_revision_group.ordinal 
_pdbx_audit_revision_group.revision_ordinal 
_pdbx_audit_revision_group.data_content_type 
_pdbx_audit_revision_group.group 
1 2 'Structure model' 'Version format compliance' 
2 3 'Structure model' 'Derived calculations'      
3 3 'Structure model' 'Version format compliance' 
4 4 'Structure model' 'Structure summary'         
5 5 'Structure model' 'Data collection'           
6 5 'Structure model' 'Database references'       
7 5 'Structure model' 'Derived calculations'      
8 5 'Structure model' 'Structure summary'         
# 
loop_
_pdbx_audit_revision_category.ordinal 
_pdbx_audit_revision_category.revision_ordinal 
_pdbx_audit_revision_category.data_content_type 
_pdbx_audit_revision_category.category 
1 5 'Structure model' chem_comp_atom            
2 5 'Structure model' chem_comp_bond            
3 5 'Structure model' database_2                
4 5 'Structure model' pdbx_entry_details        
5 5 'Structure model' pdbx_modification_feature 
6 5 'Structure model' struct_conn               
# 
loop_
_pdbx_audit_revision_item.ordinal 
_pdbx_audit_revision_item.revision_ordinal 
_pdbx_audit_revision_item.data_content_type 
_pdbx_audit_revision_item.item 
1 5 'Structure model' '_database_2.pdbx_DOI'                
2 5 'Structure model' '_database_2.pdbx_database_accession' 
3 5 'Structure model' '_struct_conn.pdbx_leaving_atom_flag' 
# 
_pdbx_database_status.status_code                     REL 
_pdbx_database_status.entry_id                        1XJC 
_pdbx_database_status.recvd_initial_deposition_date   2004-09-23 
_pdbx_database_status.deposit_site                    RCSB 
_pdbx_database_status.process_site                    RCSB 
_pdbx_database_status.SG_entry                        Y 
_pdbx_database_status.status_code_sf                  REL 
_pdbx_database_status.status_code_mr                  ? 
_pdbx_database_status.status_code_cs                  ? 
_pdbx_database_status.methods_development_category    ? 
_pdbx_database_status.pdb_format_compatible           Y 
_pdbx_database_status.status_code_nmr_data            ? 
# 
_pdbx_database_related.db_name        TargetDB 
_pdbx_database_related.db_id          APC35871 
_pdbx_database_related.details        . 
_pdbx_database_related.content_type   unspecified 
# 
loop_
_audit_author.name 
_audit_author.pdbx_ordinal 
'Osipiuk, J.'                                   1 
'Zhou, M.'                                      2 
'Moy, S.'                                       3 
'Collart, F.'                                   4 
'Joachimiak, A.'                                5 
'Midwest Center for Structural Genomics (MCSG)' 6 
# 
_citation.id                        primary 
_citation.title                     'X-ray crystal structure of MobB protein homolog from Bacillus stearothermophilus' 
_citation.journal_abbrev            'To be Published' 
_citation.journal_volume            ? 
_citation.page_first                ? 
_citation.page_last                 ? 
_citation.year                      ? 
_citation.journal_id_ASTM           ? 
_citation.country                   ? 
_citation.journal_id_ISSN           ? 
_citation.journal_id_CSD            0353 
_citation.book_publisher            ? 
_citation.pdbx_database_id_PubMed   ? 
_citation.pdbx_database_id_DOI      ? 
# 
loop_
_citation_author.citation_id 
_citation_author.name 
_citation_author.ordinal 
_citation_author.identifier_ORCID 
primary 'Osipiuk, J.'    1 ? 
primary 'Zhou, M.'       2 ? 
primary 'Moy, S.'        3 ? 
primary 'Collart, F.'    4 ? 
primary 'Joachimiak, A.' 5 ? 
# 
loop_
_entity.id 
_entity.type 
_entity.src_method 
_entity.pdbx_description 
_entity.formula_weight 
_entity.pdbx_number_of_molecules 
_entity.pdbx_ec 
_entity.pdbx_mutation 
_entity.pdbx_fragment 
_entity.details 
1 polymer man 'MobB protein homolog' 19225.424 1  ? ? ? ? 
2 water   nat water                  18.015    81 ? ? ? ? 
# 
_entity_poly.entity_id                      1 
_entity_poly.type                           'polypeptide(L)' 
_entity_poly.nstd_linkage                   no 
_entity_poly.nstd_monomer                   yes 
_entity_poly.pdbx_seq_one_letter_code       
;SNA(MSE)NVWQVVGYKHSGKTTL(MSE)EKWVAAAVREGWRVGTVKHHGHGGEPARPEGVDSVRHERAGAVATAVEGDG
LLQLHLRRPLWRLDDVLALYAPLRLDLVLVEGYKQERHPKVVLVRSEEDWASLQHLANIRAVIAWEPLEGPLAHPVFSLA
DDDEYIPWL(MSE)NEVRTRT
;
_entity_poly.pdbx_seq_one_letter_code_can   
;SNAMNVWQVVGYKHSGKTTLMEKWVAAAVREGWRVGTVKHHGHGGEPARPEGVDSVRHERAGAVATAVEGDGLLQLHLRR
PLWRLDDVLALYAPLRLDLVLVEGYKQERHPKVVLVRSEEDWASLQHLANIRAVIAWEPLEGPLAHPVFSLADDDEYIPW
LMNEVRTRT
;
_entity_poly.pdbx_strand_id                 A 
_entity_poly.pdbx_target_identifier         APC35871 
# 
_pdbx_entity_nonpoly.entity_id   2 
_pdbx_entity_nonpoly.name        water 
_pdbx_entity_nonpoly.comp_id     HOH 
# 
loop_
_entity_poly_seq.entity_id 
_entity_poly_seq.num 
_entity_poly_seq.mon_id 
_entity_poly_seq.hetero 
1 1   SER n 
1 2   ASN n 
1 3   ALA n 
1 4   MSE n 
1 5   ASN n 
1 6   VAL n 
1 7   TRP n 
1 8   GLN n 
1 9   VAL n 
1 10  VAL n 
1 11  GLY n 
1 12  TYR n 
1 13  LYS n 
1 14  HIS n 
1 15  SER n 
1 16  GLY n 
1 17  LYS n 
1 18  THR n 
1 19  THR n 
1 20  LEU n 
1 21  MSE n 
1 22  GLU n 
1 23  LYS n 
1 24  TRP n 
1 25  VAL n 
1 26  ALA n 
1 27  ALA n 
1 28  ALA n 
1 29  VAL n 
1 30  ARG n 
1 31  GLU n 
1 32  GLY n 
1 33  TRP n 
1 34  ARG n 
1 35  VAL n 
1 36  GLY n 
1 37  THR n 
1 38  VAL n 
1 39  LYS n 
1 40  HIS n 
1 41  HIS n 
1 42  GLY n 
1 43  HIS n 
1 44  GLY n 
1 45  GLY n 
1 46  GLU n 
1 47  PRO n 
1 48  ALA n 
1 49  ARG n 
1 50  PRO n 
1 51  GLU n 
1 52  GLY n 
1 53  VAL n 
1 54  ASP n 
1 55  SER n 
1 56  VAL n 
1 57  ARG n 
1 58  HIS n 
1 59  GLU n 
1 60  ARG n 
1 61  ALA n 
1 62  GLY n 
1 63  ALA n 
1 64  VAL n 
1 65  ALA n 
1 66  THR n 
1 67  ALA n 
1 68  VAL n 
1 69  GLU n 
1 70  GLY n 
1 71  ASP n 
1 72  GLY n 
1 73  LEU n 
1 74  LEU n 
1 75  GLN n 
1 76  LEU n 
1 77  HIS n 
1 78  LEU n 
1 79  ARG n 
1 80  ARG n 
1 81  PRO n 
1 82  LEU n 
1 83  TRP n 
1 84  ARG n 
1 85  LEU n 
1 86  ASP n 
1 87  ASP n 
1 88  VAL n 
1 89  LEU n 
1 90  ALA n 
1 91  LEU n 
1 92  TYR n 
1 93  ALA n 
1 94  PRO n 
1 95  LEU n 
1 96  ARG n 
1 97  LEU n 
1 98  ASP n 
1 99  LEU n 
1 100 VAL n 
1 101 LEU n 
1 102 VAL n 
1 103 GLU n 
1 104 GLY n 
1 105 TYR n 
1 106 LYS n 
1 107 GLN n 
1 108 GLU n 
1 109 ARG n 
1 110 HIS n 
1 111 PRO n 
1 112 LYS n 
1 113 VAL n 
1 114 VAL n 
1 115 LEU n 
1 116 VAL n 
1 117 ARG n 
1 118 SER n 
1 119 GLU n 
1 120 GLU n 
1 121 ASP n 
1 122 TRP n 
1 123 ALA n 
1 124 SER n 
1 125 LEU n 
1 126 GLN n 
1 127 HIS n 
1 128 LEU n 
1 129 ALA n 
1 130 ASN n 
1 131 ILE n 
1 132 ARG n 
1 133 ALA n 
1 134 VAL n 
1 135 ILE n 
1 136 ALA n 
1 137 TRP n 
1 138 GLU n 
1 139 PRO n 
1 140 LEU n 
1 141 GLU n 
1 142 GLY n 
1 143 PRO n 
1 144 LEU n 
1 145 ALA n 
1 146 HIS n 
1 147 PRO n 
1 148 VAL n 
1 149 PHE n 
1 150 SER n 
1 151 LEU n 
1 152 ALA n 
1 153 ASP n 
1 154 ASP n 
1 155 ASP n 
1 156 GLU n 
1 157 TYR n 
1 158 ILE n 
1 159 PRO n 
1 160 TRP n 
1 161 LEU n 
1 162 MSE n 
1 163 ASN n 
1 164 GLU n 
1 165 VAL n 
1 166 ARG n 
1 167 THR n 
1 168 ARG n 
1 169 THR n 
# 
_entity_src_gen.entity_id                          1 
_entity_src_gen.pdbx_src_id                        1 
_entity_src_gen.pdbx_alt_source_flag               sample 
_entity_src_gen.pdbx_seq_type                      ? 
_entity_src_gen.pdbx_beg_seq_num                   ? 
_entity_src_gen.pdbx_end_seq_num                   ? 
_entity_src_gen.gene_src_common_name               ? 
_entity_src_gen.gene_src_genus                     Geobacillus 
_entity_src_gen.pdbx_gene_src_gene                 RBSTP0958 
_entity_src_gen.gene_src_species                   ? 
_entity_src_gen.gene_src_strain                    ? 
_entity_src_gen.gene_src_tissue                    ? 
_entity_src_gen.gene_src_tissue_fraction           ? 
_entity_src_gen.gene_src_details                   ? 
_entity_src_gen.pdbx_gene_src_fragment             ? 
_entity_src_gen.pdbx_gene_src_scientific_name      'Geobacillus stearothermophilus' 
_entity_src_gen.pdbx_gene_src_ncbi_taxonomy_id     1422 
_entity_src_gen.pdbx_gene_src_variant              ? 
_entity_src_gen.pdbx_gene_src_cell_line            ? 
_entity_src_gen.pdbx_gene_src_atcc                 ? 
_entity_src_gen.pdbx_gene_src_organ                ? 
_entity_src_gen.pdbx_gene_src_organelle            ? 
_entity_src_gen.pdbx_gene_src_cell                 ? 
_entity_src_gen.pdbx_gene_src_cellular_location    ? 
_entity_src_gen.host_org_common_name               ? 
_entity_src_gen.pdbx_host_org_scientific_name      'Escherichia coli' 
_entity_src_gen.pdbx_host_org_ncbi_taxonomy_id     562 
_entity_src_gen.host_org_genus                     Escherichia 
_entity_src_gen.pdbx_host_org_gene                 ? 
_entity_src_gen.pdbx_host_org_organ                ? 
_entity_src_gen.host_org_species                   ? 
_entity_src_gen.pdbx_host_org_tissue               ? 
_entity_src_gen.pdbx_host_org_tissue_fraction      ? 
_entity_src_gen.pdbx_host_org_strain               'BL21[DE3]pMAGIC' 
_entity_src_gen.pdbx_host_org_variant              ? 
_entity_src_gen.pdbx_host_org_cell_line            ? 
_entity_src_gen.pdbx_host_org_atcc                 ? 
_entity_src_gen.pdbx_host_org_culture_collection   ? 
_entity_src_gen.pdbx_host_org_cell                 ? 
_entity_src_gen.pdbx_host_org_organelle            ? 
_entity_src_gen.pdbx_host_org_cellular_location    ? 
_entity_src_gen.pdbx_host_org_vector_type          plasmid 
_entity_src_gen.pdbx_host_org_vector               ? 
_entity_src_gen.host_org_details                   ? 
_entity_src_gen.expression_system_id               ? 
_entity_src_gen.plasmid_name                       pMCSG7 
_entity_src_gen.plasmid_details                    ? 
_entity_src_gen.pdbx_description                   ? 
# 
loop_
_chem_comp.id 
_chem_comp.type 
_chem_comp.mon_nstd_flag 
_chem_comp.name 
_chem_comp.pdbx_synonyms 
_chem_comp.formula 
_chem_comp.formula_weight 
ALA 'L-peptide linking' y ALANINE          ? 'C3 H7 N O2'     89.093  
ARG 'L-peptide linking' y ARGININE         ? 'C6 H15 N4 O2 1' 175.209 
ASN 'L-peptide linking' y ASPARAGINE       ? 'C4 H8 N2 O3'    132.118 
ASP 'L-peptide linking' y 'ASPARTIC ACID'  ? 'C4 H7 N O4'     133.103 
GLN 'L-peptide linking' y GLUTAMINE        ? 'C5 H10 N2 O3'   146.144 
GLU 'L-peptide linking' y 'GLUTAMIC ACID'  ? 'C5 H9 N O4'     147.129 
GLY 'peptide linking'   y GLYCINE          ? 'C2 H5 N O2'     75.067  
HIS 'L-peptide linking' y HISTIDINE        ? 'C6 H10 N3 O2 1' 156.162 
HOH non-polymer         . WATER            ? 'H2 O'           18.015  
ILE 'L-peptide linking' y ISOLEUCINE       ? 'C6 H13 N O2'    131.173 
LEU 'L-peptide linking' y LEUCINE          ? 'C6 H13 N O2'    131.173 
LYS 'L-peptide linking' y LYSINE           ? 'C6 H15 N2 O2 1' 147.195 
MSE 'L-peptide linking' n SELENOMETHIONINE ? 'C5 H11 N O2 Se' 196.106 
PHE 'L-peptide linking' y PHENYLALANINE    ? 'C9 H11 N O2'    165.189 
PRO 'L-peptide linking' y PROLINE          ? 'C5 H9 N O2'     115.130 
SER 'L-peptide linking' y SERINE           ? 'C3 H7 N O3'     105.093 
THR 'L-peptide linking' y THREONINE        ? 'C4 H9 N O3'     119.119 
TRP 'L-peptide linking' y TRYPTOPHAN       ? 'C11 H12 N2 O2'  204.225 
TYR 'L-peptide linking' y TYROSINE         ? 'C9 H11 N O3'    181.189 
VAL 'L-peptide linking' y VALINE           ? 'C5 H11 N O2'    117.146 
# 
loop_
_pdbx_poly_seq_scheme.asym_id 
_pdbx_poly_seq_scheme.entity_id 
_pdbx_poly_seq_scheme.seq_id 
_pdbx_poly_seq_scheme.mon_id 
_pdbx_poly_seq_scheme.ndb_seq_num 
_pdbx_poly_seq_scheme.pdb_seq_num 
_pdbx_poly_seq_scheme.auth_seq_num 
_pdbx_poly_seq_scheme.pdb_mon_id 
_pdbx_poly_seq_scheme.auth_mon_id 
_pdbx_poly_seq_scheme.pdb_strand_id 
_pdbx_poly_seq_scheme.pdb_ins_code 
_pdbx_poly_seq_scheme.hetero 
A 1 1   SER 1   -2  ?   ?   ?   A . n 
A 1 2   ASN 2   -1  ?   ?   ?   A . n 
A 1 3   ALA 3   0   ?   ?   ?   A . n 
A 1 4   MSE 4   1   1   MSE MSE A . n 
A 1 5   ASN 5   2   2   ASN ASN A . n 
A 1 6   VAL 6   3   3   VAL VAL A . n 
A 1 7   TRP 7   4   4   TRP TRP A . n 
A 1 8   GLN 8   5   5   GLN GLN A . n 
A 1 9   VAL 9   6   6   VAL VAL A . n 
A 1 10  VAL 10  7   7   VAL VAL A . n 
A 1 11  GLY 11  8   8   GLY GLY A . n 
A 1 12  TYR 12  9   9   TYR TYR A . n 
A 1 13  LYS 13  10  10  LYS LYS A . n 
A 1 14  HIS 14  11  11  HIS HIS A . n 
A 1 15  SER 15  12  12  SER SER A . n 
A 1 16  GLY 16  13  13  GLY GLY A . n 
A 1 17  LYS 17  14  14  LYS LYS A . n 
A 1 18  THR 18  15  15  THR THR A . n 
A 1 19  THR 19  16  16  THR THR A . n 
A 1 20  LEU 20  17  17  LEU LEU A . n 
A 1 21  MSE 21  18  18  MSE MSE A . n 
A 1 22  GLU 22  19  19  GLU GLU A . n 
A 1 23  LYS 23  20  20  LYS LYS A . n 
A 1 24  TRP 24  21  21  TRP TRP A . n 
A 1 25  VAL 25  22  22  VAL VAL A . n 
A 1 26  ALA 26  23  23  ALA ALA A . n 
A 1 27  ALA 27  24  24  ALA ALA A . n 
A 1 28  ALA 28  25  25  ALA ALA A . n 
A 1 29  VAL 29  26  26  VAL VAL A . n 
A 1 30  ARG 30  27  27  ARG ARG A . n 
A 1 31  GLU 31  28  28  GLU GLU A . n 
A 1 32  GLY 32  29  29  GLY GLY A . n 
A 1 33  TRP 33  30  30  TRP TRP A . n 
A 1 34  ARG 34  31  31  ARG ARG A . n 
A 1 35  VAL 35  32  32  VAL VAL A . n 
A 1 36  GLY 36  33  33  GLY GLY A . n 
A 1 37  THR 37  34  34  THR THR A . n 
A 1 38  VAL 38  35  35  VAL VAL A . n 
A 1 39  LYS 39  36  36  LYS LYS A . n 
A 1 40  HIS 40  37  37  HIS HIS A . n 
A 1 41  HIS 41  38  38  HIS HIS A . n 
A 1 42  GLY 42  39  ?   ?   ?   A . n 
A 1 43  HIS 43  40  ?   ?   ?   A . n 
A 1 44  GLY 44  41  ?   ?   ?   A . n 
A 1 45  GLY 45  42  ?   ?   ?   A . n 
A 1 46  GLU 46  43  ?   ?   ?   A . n 
A 1 47  PRO 47  44  ?   ?   ?   A . n 
A 1 48  ALA 48  45  ?   ?   ?   A . n 
A 1 49  ARG 49  46  ?   ?   ?   A . n 
A 1 50  PRO 50  47  ?   ?   ?   A . n 
A 1 51  GLU 51  48  ?   ?   ?   A . n 
A 1 52  GLY 52  49  ?   ?   ?   A . n 
A 1 53  VAL 53  50  ?   ?   ?   A . n 
A 1 54  ASP 54  51  ?   ?   ?   A . n 
A 1 55  SER 55  52  ?   ?   ?   A . n 
A 1 56  VAL 56  53  ?   ?   ?   A . n 
A 1 57  ARG 57  54  ?   ?   ?   A . n 
A 1 58  HIS 58  55  ?   ?   ?   A . n 
A 1 59  GLU 59  56  ?   ?   ?   A . n 
A 1 60  ARG 60  57  ?   ?   ?   A . n 
A 1 61  ALA 61  58  ?   ?   ?   A . n 
A 1 62  GLY 62  59  59  GLY GLY A . n 
A 1 63  ALA 63  60  60  ALA ALA A . n 
A 1 64  VAL 64  61  61  VAL VAL A . n 
A 1 65  ALA 65  62  62  ALA ALA A . n 
A 1 66  THR 66  63  63  THR THR A . n 
A 1 67  ALA 67  64  64  ALA ALA A . n 
A 1 68  VAL 68  65  65  VAL VAL A . n 
A 1 69  GLU 69  66  66  GLU GLU A . n 
A 1 70  GLY 70  67  67  GLY GLY A . n 
A 1 71  ASP 71  68  68  ASP ASP A . n 
A 1 72  GLY 72  69  69  GLY GLY A . n 
A 1 73  LEU 73  70  70  LEU LEU A . n 
A 1 74  LEU 74  71  71  LEU LEU A . n 
A 1 75  GLN 75  72  72  GLN GLN A . n 
A 1 76  LEU 76  73  73  LEU LEU A . n 
A 1 77  HIS 77  74  74  HIS HIS A . n 
A 1 78  LEU 78  75  75  LEU LEU A . n 
A 1 79  ARG 79  76  76  ARG ARG A . n 
A 1 80  ARG 80  77  77  ARG ARG A . n 
A 1 81  PRO 81  78  78  PRO PRO A . n 
A 1 82  LEU 82  79  79  LEU LEU A . n 
A 1 83  TRP 83  80  80  TRP TRP A . n 
A 1 84  ARG 84  81  81  ARG ARG A . n 
A 1 85  LEU 85  82  82  LEU LEU A . n 
A 1 86  ASP 86  83  83  ASP ASP A . n 
A 1 87  ASP 87  84  84  ASP ASP A . n 
A 1 88  VAL 88  85  85  VAL VAL A . n 
A 1 89  LEU 89  86  86  LEU LEU A . n 
A 1 90  ALA 90  87  87  ALA ALA A . n 
A 1 91  LEU 91  88  88  LEU LEU A . n 
A 1 92  TYR 92  89  89  TYR TYR A . n 
A 1 93  ALA 93  90  90  ALA ALA A . n 
A 1 94  PRO 94  91  91  PRO PRO A . n 
A 1 95  LEU 95  92  92  LEU LEU A . n 
A 1 96  ARG 96  93  93  ARG ARG A . n 
A 1 97  LEU 97  94  94  LEU LEU A . n 
A 1 98  ASP 98  95  95  ASP ASP A . n 
A 1 99  LEU 99  96  96  LEU LEU A . n 
A 1 100 VAL 100 97  97  VAL VAL A . n 
A 1 101 LEU 101 98  98  LEU LEU A . n 
A 1 102 VAL 102 99  99  VAL VAL A . n 
A 1 103 GLU 103 100 100 GLU GLU A . n 
A 1 104 GLY 104 101 101 GLY GLY A . n 
A 1 105 TYR 105 102 102 TYR TYR A . n 
A 1 106 LYS 106 103 103 LYS LYS A . n 
A 1 107 GLN 107 104 104 GLN GLN A . n 
A 1 108 GLU 108 105 105 GLU GLU A . n 
A 1 109 ARG 109 106 106 ARG ARG A . n 
A 1 110 HIS 110 107 107 HIS HIS A . n 
A 1 111 PRO 111 108 108 PRO PRO A . n 
A 1 112 LYS 112 109 109 LYS LYS A . n 
A 1 113 VAL 113 110 110 VAL VAL A . n 
A 1 114 VAL 114 111 111 VAL VAL A . n 
A 1 115 LEU 115 112 112 LEU LEU A . n 
A 1 116 VAL 116 113 113 VAL VAL A . n 
A 1 117 ARG 117 114 114 ARG ARG A . n 
A 1 118 SER 118 115 115 SER SER A . n 
A 1 119 GLU 119 116 116 GLU GLU A . n 
A 1 120 GLU 120 117 117 GLU GLU A . n 
A 1 121 ASP 121 118 118 ASP ASP A . n 
A 1 122 TRP 122 119 119 TRP TRP A . n 
A 1 123 ALA 123 120 120 ALA ALA A . n 
A 1 124 SER 124 121 121 SER SER A . n 
A 1 125 LEU 125 122 122 LEU LEU A . n 
A 1 126 GLN 126 123 123 GLN GLN A . n 
A 1 127 HIS 127 124 124 HIS HIS A . n 
A 1 128 LEU 128 125 125 LEU LEU A . n 
A 1 129 ALA 129 126 126 ALA ALA A . n 
A 1 130 ASN 130 127 127 ASN ASN A . n 
A 1 131 ILE 131 128 128 ILE ILE A . n 
A 1 132 ARG 132 129 129 ARG ARG A . n 
A 1 133 ALA 133 130 130 ALA ALA A . n 
A 1 134 VAL 134 131 131 VAL VAL A . n 
A 1 135 ILE 135 132 132 ILE ILE A . n 
A 1 136 ALA 136 133 133 ALA ALA A . n 
A 1 137 TRP 137 134 134 TRP TRP A . n 
A 1 138 GLU 138 135 135 GLU GLU A . n 
A 1 139 PRO 139 136 136 PRO PRO A . n 
A 1 140 LEU 140 137 137 LEU LEU A . n 
A 1 141 GLU 141 138 138 GLU GLU A . n 
A 1 142 GLY 142 139 139 GLY GLY A . n 
A 1 143 PRO 143 140 140 PRO PRO A . n 
A 1 144 LEU 144 141 141 LEU LEU A . n 
A 1 145 ALA 145 142 142 ALA ALA A . n 
A 1 146 HIS 146 143 143 HIS HIS A . n 
A 1 147 PRO 147 144 144 PRO PRO A . n 
A 1 148 VAL 148 145 145 VAL VAL A . n 
A 1 149 PHE 149 146 146 PHE PHE A . n 
A 1 150 SER 150 147 147 SER SER A . n 
A 1 151 LEU 151 148 148 LEU LEU A . n 
A 1 152 ALA 152 149 149 ALA ALA A . n 
A 1 153 ASP 153 150 150 ASP ASP A . n 
A 1 154 ASP 154 151 151 ASP ASP A . n 
A 1 155 ASP 155 152 152 ASP ASP A . n 
A 1 156 GLU 156 153 153 GLU GLU A . n 
A 1 157 TYR 157 154 154 TYR TYR A . n 
A 1 158 ILE 158 155 155 ILE ILE A . n 
A 1 159 PRO 159 156 156 PRO PRO A . n 
A 1 160 TRP 160 157 157 TRP TRP A . n 
A 1 161 LEU 161 158 158 LEU LEU A . n 
A 1 162 MSE 162 159 159 MSE MSE A . n 
A 1 163 ASN 163 160 160 ASN ASN A . n 
A 1 164 GLU 164 161 161 GLU GLU A . n 
A 1 165 VAL 165 162 162 VAL VAL A . n 
A 1 166 ARG 166 163 163 ARG ARG A . n 
A 1 167 THR 167 164 164 THR THR A . n 
A 1 168 ARG 168 165 165 ARG ARG A . n 
A 1 169 THR 169 166 ?   ?   ?   A . n 
# 
loop_
_pdbx_nonpoly_scheme.asym_id 
_pdbx_nonpoly_scheme.entity_id 
_pdbx_nonpoly_scheme.mon_id 
_pdbx_nonpoly_scheme.ndb_seq_num 
_pdbx_nonpoly_scheme.pdb_seq_num 
_pdbx_nonpoly_scheme.auth_seq_num 
_pdbx_nonpoly_scheme.pdb_mon_id 
_pdbx_nonpoly_scheme.auth_mon_id 
_pdbx_nonpoly_scheme.pdb_strand_id 
_pdbx_nonpoly_scheme.pdb_ins_code 
B 2 HOH 1  167 1  HOH HOH A . 
B 2 HOH 2  168 2  HOH HOH A . 
B 2 HOH 3  169 3  HOH HOH A . 
B 2 HOH 4  170 4  HOH HOH A . 
B 2 HOH 5  171 5  HOH HOH A . 
B 2 HOH 6  172 6  HOH HOH A . 
B 2 HOH 7  173 7  HOH HOH A . 
B 2 HOH 8  174 8  HOH HOH A . 
B 2 HOH 9  175 9  HOH HOH A . 
B 2 HOH 10 176 10 HOH HOH A . 
B 2 HOH 11 177 11 HOH HOH A . 
B 2 HOH 12 178 12 HOH HOH A . 
B 2 HOH 13 179 13 HOH HOH A . 
B 2 HOH 14 180 14 HOH HOH A . 
B 2 HOH 15 181 15 HOH HOH A . 
B 2 HOH 16 182 16 HOH HOH A . 
B 2 HOH 17 183 17 HOH HOH A . 
B 2 HOH 18 184 18 HOH HOH A . 
B 2 HOH 19 185 19 HOH HOH A . 
B 2 HOH 20 186 20 HOH HOH A . 
B 2 HOH 21 187 21 HOH HOH A . 
B 2 HOH 22 188 22 HOH HOH A . 
B 2 HOH 23 189 23 HOH HOH A . 
B 2 HOH 24 190 24 HOH HOH A . 
B 2 HOH 25 191 25 HOH HOH A . 
B 2 HOH 26 192 26 HOH HOH A . 
B 2 HOH 27 193 27 HOH HOH A . 
B 2 HOH 28 194 28 HOH HOH A . 
B 2 HOH 29 195 29 HOH HOH A . 
B 2 HOH 30 196 30 HOH HOH A . 
B 2 HOH 31 197 31 HOH HOH A . 
B 2 HOH 32 198 32 HOH HOH A . 
B 2 HOH 33 199 33 HOH HOH A . 
B 2 HOH 34 200 34 HOH HOH A . 
B 2 HOH 35 201 35 HOH HOH A . 
B 2 HOH 36 202 36 HOH HOH A . 
B 2 HOH 37 203 37 HOH HOH A . 
B 2 HOH 38 204 38 HOH HOH A . 
B 2 HOH 39 205 39 HOH HOH A . 
B 2 HOH 40 206 40 HOH HOH A . 
B 2 HOH 41 207 41 HOH HOH A . 
B 2 HOH 42 208 42 HOH HOH A . 
B 2 HOH 43 209 43 HOH HOH A . 
B 2 HOH 44 210 44 HOH HOH A . 
B 2 HOH 45 211 45 HOH HOH A . 
B 2 HOH 46 212 46 HOH HOH A . 
B 2 HOH 47 213 47 HOH HOH A . 
B 2 HOH 48 214 48 HOH HOH A . 
B 2 HOH 49 215 49 HOH HOH A . 
B 2 HOH 50 216 50 HOH HOH A . 
B 2 HOH 51 217 51 HOH HOH A . 
B 2 HOH 52 218 52 HOH HOH A . 
B 2 HOH 53 219 53 HOH HOH A . 
B 2 HOH 54 220 54 HOH HOH A . 
B 2 HOH 55 221 55 HOH HOH A . 
B 2 HOH 56 222 56 HOH HOH A . 
B 2 HOH 57 223 57 HOH HOH A . 
B 2 HOH 58 224 58 HOH HOH A . 
B 2 HOH 59 225 59 HOH HOH A . 
B 2 HOH 60 226 60 HOH HOH A . 
B 2 HOH 61 227 61 HOH HOH A . 
B 2 HOH 62 228 62 HOH HOH A . 
B 2 HOH 63 229 63 HOH HOH A . 
B 2 HOH 64 230 64 HOH HOH A . 
B 2 HOH 65 231 65 HOH HOH A . 
B 2 HOH 66 232 66 HOH HOH A . 
B 2 HOH 67 233 67 HOH HOH A . 
B 2 HOH 68 234 68 HOH HOH A . 
B 2 HOH 69 235 69 HOH HOH A . 
B 2 HOH 70 236 70 HOH HOH A . 
B 2 HOH 71 237 71 HOH HOH A . 
B 2 HOH 72 238 72 HOH HOH A . 
B 2 HOH 73 239 73 HOH HOH A . 
B 2 HOH 74 240 74 HOH HOH A . 
B 2 HOH 75 241 75 HOH HOH A . 
B 2 HOH 76 242 76 HOH HOH A . 
B 2 HOH 77 243 77 HOH HOH A . 
B 2 HOH 78 244 78 HOH HOH A . 
B 2 HOH 79 245 79 HOH HOH A . 
B 2 HOH 80 246 80 HOH HOH A . 
B 2 HOH 81 247 81 HOH HOH A . 
# 
loop_
_software.name 
_software.classification 
_software.version 
_software.citation_id 
_software.pdbx_ordinal 
CNS       refinement       1.1 ? 1 
HKL-2000  'data reduction' .   ? 2 
SCALEPACK 'data scaling'   .   ? 3 
SHELXD    phasing          .   ? 4 
RESOLVE   phasing          .   ? 5 
# 
_cell.entry_id           1XJC 
_cell.length_a           92.889 
_cell.length_b           92.889 
_cell.length_c           39.107 
_cell.angle_alpha        90.00 
_cell.angle_beta         90.00 
_cell.angle_gamma        120.00 
_cell.Z_PDB              6 
_cell.pdbx_unique_axis   ? 
_cell.length_a_esd       ? 
_cell.length_b_esd       ? 
_cell.length_c_esd       ? 
_cell.angle_alpha_esd    ? 
_cell.angle_beta_esd     ? 
_cell.angle_gamma_esd    ? 
# 
_symmetry.entry_id                         1XJC 
_symmetry.space_group_name_H-M             'P 3 2 1' 
_symmetry.pdbx_full_space_group_name_H-M   ? 
_symmetry.cell_setting                     ? 
_symmetry.Int_Tables_number                150 
_symmetry.space_group_name_Hall            ? 
# 
_exptl.entry_id          1XJC 
_exptl.method            'X-RAY DIFFRACTION' 
_exptl.crystals_number   1 
# 
_exptl_crystal.id                    1 
_exptl_crystal.density_meas          ? 
_exptl_crystal.density_Matthews      2.7 
_exptl_crystal.density_percent_sol   54.1 
_exptl_crystal.description           ? 
_exptl_crystal.F_000                 ? 
_exptl_crystal.preparation           ? 
# 
_exptl_crystal_grow.crystal_id      1 
_exptl_crystal_grow.method          'VAPOR DIFFUSION, HANGING DROP' 
_exptl_crystal_grow.temp            289 
_exptl_crystal_grow.temp_details    ? 
_exptl_crystal_grow.pH              3.5 
_exptl_crystal_grow.pdbx_details    'citric acid, sodium chloride, pH 3.5, VAPOR DIFFUSION, HANGING DROP, temperature 289K' 
_exptl_crystal_grow.pdbx_pH_range   . 
# 
_diffrn.id                     1 
_diffrn.ambient_temp           100 
_diffrn.ambient_temp_details   ? 
_diffrn.crystal_id             1 
# 
_diffrn_detector.diffrn_id              1 
_diffrn_detector.detector               CCD 
_diffrn_detector.type                   SBC-3 
_diffrn_detector.pdbx_collection_date   2004-06-16 
_diffrn_detector.details                ? 
# 
_diffrn_radiation.diffrn_id                        1 
_diffrn_radiation.wavelength_id                    1 
_diffrn_radiation.pdbx_monochromatic_or_laue_m_l   M 
_diffrn_radiation.monochromator                    'double crystal' 
_diffrn_radiation.pdbx_diffrn_protocol             'SINGLE WAVELENGTH' 
_diffrn_radiation.pdbx_scattering_type             x-ray 
# 
_diffrn_radiation_wavelength.id           1 
_diffrn_radiation_wavelength.wavelength   0.979295 
_diffrn_radiation_wavelength.wt           1.0 
# 
_diffrn_source.diffrn_id                   1 
_diffrn_source.source                      SYNCHROTRON 
_diffrn_source.type                        'APS BEAMLINE 19-ID' 
_diffrn_source.pdbx_synchrotron_site       APS 
_diffrn_source.pdbx_synchrotron_beamline   19-ID 
_diffrn_source.pdbx_wavelength             ? 
_diffrn_source.pdbx_wavelength_list        0.979295 
# 
_reflns.entry_id                     1XJC 
_reflns.observed_criterion_sigma_I   0 
_reflns.observed_criterion_sigma_F   0 
_reflns.d_resolution_low             40 
_reflns.d_resolution_high            2.10 
_reflns.number_obs                   11599 
_reflns.number_all                   12603 
_reflns.percent_possible_obs         100 
_reflns.pdbx_Rmerge_I_obs            0.094 
_reflns.pdbx_Rsym_value              ? 
_reflns.pdbx_netI_over_sigmaI        42.9 
_reflns.B_iso_Wilson_estimate        16.9 
_reflns.pdbx_redundancy              20.5 
_reflns.R_free_details               ? 
_reflns.limit_h_max                  ? 
_reflns.limit_h_min                  ? 
_reflns.limit_k_max                  ? 
_reflns.limit_k_min                  ? 
_reflns.limit_l_max                  ? 
_reflns.limit_l_min                  ? 
_reflns.observed_criterion_F_max     ? 
_reflns.observed_criterion_F_min     ? 
_reflns.pdbx_chi_squared             ? 
_reflns.pdbx_scaling_rejects         ? 
_reflns.pdbx_ordinal                 1 
_reflns.pdbx_diffrn_id               1 
# 
_reflns_shell.d_res_high             2.10 
_reflns_shell.d_res_low              2.15 
_reflns_shell.percent_possible_all   100 
_reflns_shell.Rmerge_I_obs           0.31 
_reflns_shell.pdbx_Rsym_value        ? 
_reflns_shell.meanI_over_sigI_obs    9.5 
_reflns_shell.pdbx_redundancy        16.5 
_reflns_shell.percent_possible_obs   ? 
_reflns_shell.number_unique_all      753 
_reflns_shell.number_measured_all    ? 
_reflns_shell.number_measured_obs    ? 
_reflns_shell.number_unique_obs      ? 
_reflns_shell.pdbx_chi_squared       ? 
_reflns_shell.pdbx_ordinal           1 
_reflns_shell.pdbx_diffrn_id         1 
# 
_refine.entry_id                                 1XJC 
_refine.ls_number_reflns_obs                     11568 
_refine.ls_number_reflns_all                     11568 
_refine.pdbx_ls_sigma_I                          ? 
_refine.pdbx_ls_sigma_F                          0.0 
_refine.pdbx_data_cutoff_high_absF               1472321.17 
_refine.pdbx_data_cutoff_low_absF                0.000000 
_refine.pdbx_data_cutoff_high_rms_absF           ? 
_refine.ls_d_res_low                             30.41 
_refine.ls_d_res_high                            2.10 
_refine.ls_percent_reflns_obs                    99.8 
_refine.ls_R_factor_obs                          0.1961 
_refine.ls_R_factor_all                          0.1961 
_refine.ls_R_factor_R_work                       0.1955 
_refine.ls_R_factor_R_free                       0.2249 
_refine.ls_R_factor_R_free_error                 0.007 
_refine.ls_R_factor_R_free_error_details         ? 
_refine.ls_percent_reflns_R_free                 9.8 
_refine.ls_number_reflns_R_free                  1132 
_refine.ls_number_parameters                     ? 
_refine.ls_number_restraints                     ? 
_refine.occupancy_min                            ? 
_refine.occupancy_max                            ? 
_refine.correlation_coeff_Fo_to_Fc               ? 
_refine.correlation_coeff_Fo_to_Fc_free          ? 
_refine.B_iso_mean                               29.5 
_refine.aniso_B[1][1]                            7.35 
_refine.aniso_B[2][2]                            7.74 
_refine.aniso_B[3][3]                            -15.08 
_refine.aniso_B[1][2]                            3.08 
_refine.aniso_B[1][3]                            0.00 
_refine.aniso_B[2][3]                            0.00 
_refine.solvent_model_details                    'FLAT MODEL' 
_refine.solvent_model_param_ksol                 0.391931 
_refine.solvent_model_param_bsol                 51.2382 
_refine.pdbx_solvent_vdw_probe_radii             ? 
_refine.pdbx_solvent_ion_probe_radii             ? 
_refine.pdbx_solvent_shrinkage_radii             ? 
_refine.pdbx_ls_cross_valid_method               THROUGHOUT 
_refine.details                                  ? 
_refine.pdbx_starting_model                      ? 
_refine.pdbx_method_to_determine_struct          SAD 
_refine.pdbx_isotropic_thermal_model             RESTRAINED 
_refine.pdbx_stereochemistry_target_values       'MAXIMUM LIKELIHOOD' 
_refine.pdbx_stereochem_target_val_spec_case     ? 
_refine.pdbx_R_Free_selection_details            RANDOM 
_refine.pdbx_overall_ESU_R                       ? 
_refine.pdbx_overall_ESU_R_Free                  ? 
_refine.overall_SU_ML                            ? 
_refine.overall_SU_B                             ? 
_refine.ls_redundancy_reflns_obs                 ? 
_refine.B_iso_min                                ? 
_refine.B_iso_max                                ? 
_refine.overall_SU_R_Cruickshank_DPI             ? 
_refine.overall_SU_R_free                        ? 
_refine.ls_wR_factor_R_free                      ? 
_refine.ls_wR_factor_R_work                      ? 
_refine.overall_FOM_free_R_set                   ? 
_refine.overall_FOM_work_R_set                   ? 
_refine.pdbx_refine_id                           'X-RAY DIFFRACTION' 
_refine.pdbx_diffrn_id                           1 
_refine.pdbx_overall_phase_error                 ? 
_refine.pdbx_TLS_residual_ADP_flag               ? 
_refine.pdbx_overall_SU_R_free_Cruickshank_DPI   ? 
_refine.pdbx_overall_SU_R_Blow_DPI               ? 
_refine.pdbx_overall_SU_R_free_Blow_DPI          ? 
# 
_refine_analyze.entry_id                        1XJC 
_refine_analyze.Luzzati_coordinate_error_obs    0.22 
_refine_analyze.Luzzati_sigma_a_obs             0.12 
_refine_analyze.Luzzati_d_res_low_obs           5.00 
_refine_analyze.Luzzati_coordinate_error_free   0.26 
_refine_analyze.Luzzati_sigma_a_free            0.17 
_refine_analyze.Luzzati_d_res_low_free          ? 
_refine_analyze.number_disordered_residues      ? 
_refine_analyze.occupancy_sum_hydrogen          ? 
_refine_analyze.occupancy_sum_non_hydrogen      ? 
_refine_analyze.pdbx_Luzzati_d_res_high_obs     ? 
_refine_analyze.pdbx_refine_id                  'X-RAY DIFFRACTION' 
# 
_refine_hist.pdbx_refine_id                   'X-RAY DIFFRACTION' 
_refine_hist.cycle_id                         LAST 
_refine_hist.pdbx_number_atoms_protein        1173 
_refine_hist.pdbx_number_atoms_nucleic_acid   0 
_refine_hist.pdbx_number_atoms_ligand         0 
_refine_hist.number_atoms_solvent             81 
_refine_hist.number_atoms_total               1254 
_refine_hist.d_res_high                       2.10 
_refine_hist.d_res_low                        30.41 
# 
loop_
_refine_ls_restr.type 
_refine_ls_restr.dev_ideal 
_refine_ls_restr.dev_ideal_target 
_refine_ls_restr.weight 
_refine_ls_restr.number 
_refine_ls_restr.pdbx_refine_id 
_refine_ls_restr.pdbx_restraint_function 
c_bond_d                0.009 ?    ? ? 'X-RAY DIFFRACTION' ? 
c_bond_d_na             ?     ?    ? ? 'X-RAY DIFFRACTION' ? 
c_bond_d_prot           ?     ?    ? ? 'X-RAY DIFFRACTION' ? 
c_angle_d               ?     ?    ? ? 'X-RAY DIFFRACTION' ? 
c_angle_d_na            ?     ?    ? ? 'X-RAY DIFFRACTION' ? 
c_angle_d_prot          ?     ?    ? ? 'X-RAY DIFFRACTION' ? 
c_angle_deg             1.5   ?    ? ? 'X-RAY DIFFRACTION' ? 
c_angle_deg_na          ?     ?    ? ? 'X-RAY DIFFRACTION' ? 
c_angle_deg_prot        ?     ?    ? ? 'X-RAY DIFFRACTION' ? 
c_dihedral_angle_d      23.8  ?    ? ? 'X-RAY DIFFRACTION' ? 
c_dihedral_angle_d_na   ?     ?    ? ? 'X-RAY DIFFRACTION' ? 
c_dihedral_angle_d_prot ?     ?    ? ? 'X-RAY DIFFRACTION' ? 
c_improper_angle_d      0.82  ?    ? ? 'X-RAY DIFFRACTION' ? 
c_improper_angle_d_na   ?     ?    ? ? 'X-RAY DIFFRACTION' ? 
c_improper_angle_d_prot ?     ?    ? ? 'X-RAY DIFFRACTION' ? 
c_mcbond_it             1.37  1.50 ? ? 'X-RAY DIFFRACTION' ? 
c_mcangle_it            2.44  2.00 ? ? 'X-RAY DIFFRACTION' ? 
c_scbond_it             2.07  2.00 ? ? 'X-RAY DIFFRACTION' ? 
c_scangle_it            3.30  2.50 ? ? 'X-RAY DIFFRACTION' ? 
# 
_refine_ls_shell.pdbx_total_number_of_bins_used   6 
_refine_ls_shell.d_res_high                       2.10 
_refine_ls_shell.d_res_low                        2.23 
_refine_ls_shell.number_reflns_R_work             1716 
_refine_ls_shell.R_factor_R_work                  0.204 
_refine_ls_shell.percent_reflns_obs               100.0 
_refine_ls_shell.R_factor_R_free                  0.228 
_refine_ls_shell.R_factor_R_free_error            0.017 
_refine_ls_shell.percent_reflns_R_free            9.2 
_refine_ls_shell.number_reflns_R_free             174 
_refine_ls_shell.number_reflns_obs                ? 
_refine_ls_shell.redundancy_reflns_obs            ? 
_refine_ls_shell.number_reflns_all                ? 
_refine_ls_shell.R_factor_all                     ? 
_refine_ls_shell.pdbx_refine_id                   'X-RAY DIFFRACTION' 
# 
loop_
_pdbx_xplor_file.serial_no 
_pdbx_xplor_file.param_file 
_pdbx_xplor_file.topol_file 
_pdbx_xplor_file.pdbx_refine_id 
1 PROTEIN_REP.PARAM PROTEIN.TOP 'X-RAY DIFFRACTION' 
2 WATER_REP.PARAM   WATER.TOP   'X-RAY DIFFRACTION' 
# 
_struct.entry_id                  1XJC 
_struct.title                     'X-ray crystal structure of MobB protein homolog from Bacillus stearothermophilus' 
_struct.pdbx_model_details        ? 
_struct.pdbx_CASP_flag            ? 
_struct.pdbx_model_type_details   ? 
# 
_struct_keywords.entry_id        1XJC 
_struct_keywords.pdbx_keywords   'structural genomics, unknown function' 
_struct_keywords.text            
'structural genomics, MobB, Midwest Center for Structural Genomics, PSI, Protein Structure Initiative, MCSG, unknown function' 
# 
loop_
_struct_asym.id 
_struct_asym.pdbx_blank_PDB_chainid_flag 
_struct_asym.pdbx_modified 
_struct_asym.entity_id 
_struct_asym.details 
A N N 1 ? 
B N N 2 ? 
# 
_struct_ref.id                         1 
_struct_ref.entity_id                  1 
_struct_ref.db_name                    PDB 
_struct_ref.db_code                    1XJC 
_struct_ref.pdbx_db_accession          1XJC 
_struct_ref.pdbx_align_begin           ? 
_struct_ref.pdbx_seq_one_letter_code   ? 
_struct_ref.pdbx_db_isoform            ? 
# 
_struct_ref_seq.align_id                      1 
_struct_ref_seq.ref_id                        1 
_struct_ref_seq.pdbx_PDB_id_code              1XJC 
_struct_ref_seq.pdbx_strand_id                A 
_struct_ref_seq.seq_align_beg                 1 
_struct_ref_seq.pdbx_seq_align_beg_ins_code   ? 
_struct_ref_seq.seq_align_end                 169 
_struct_ref_seq.pdbx_seq_align_end_ins_code   ? 
_struct_ref_seq.pdbx_db_accession             1XJC 
_struct_ref_seq.db_align_beg                  -2 
_struct_ref_seq.pdbx_db_align_beg_ins_code    ? 
_struct_ref_seq.db_align_end                  166 
_struct_ref_seq.pdbx_db_align_end_ins_code    ? 
_struct_ref_seq.pdbx_auth_seq_align_beg       -2 
_struct_ref_seq.pdbx_auth_seq_align_end       166 
# 
loop_
_pdbx_struct_assembly.id 
_pdbx_struct_assembly.details 
_pdbx_struct_assembly.method_details 
_pdbx_struct_assembly.oligomeric_details 
_pdbx_struct_assembly.oligomeric_count 
1 author_defined_assembly   ?        monomeric 1 
2 software_defined_assembly PISA,PQS dimeric   2 
# 
loop_
_pdbx_struct_assembly_prop.biol_id 
_pdbx_struct_assembly_prop.type 
_pdbx_struct_assembly_prop.value 
_pdbx_struct_assembly_prop.details 
2 'ABSA (A^2)' 3330  ? 
2 MORE         -18   ? 
2 'SSA (A^2)'  14710 ? 
# 
loop_
_pdbx_struct_assembly_gen.assembly_id 
_pdbx_struct_assembly_gen.oper_expression 
_pdbx_struct_assembly_gen.asym_id_list 
1 1   A,B 
2 1,2 A,B 
# 
loop_
_pdbx_struct_oper_list.id 
_pdbx_struct_oper_list.type 
_pdbx_struct_oper_list.name 
_pdbx_struct_oper_list.symmetry_operation 
_pdbx_struct_oper_list.matrix[1][1] 
_pdbx_struct_oper_list.matrix[1][2] 
_pdbx_struct_oper_list.matrix[1][3] 
_pdbx_struct_oper_list.vector[1] 
_pdbx_struct_oper_list.matrix[2][1] 
_pdbx_struct_oper_list.matrix[2][2] 
_pdbx_struct_oper_list.matrix[2][3] 
_pdbx_struct_oper_list.vector[2] 
_pdbx_struct_oper_list.matrix[3][1] 
_pdbx_struct_oper_list.matrix[3][2] 
_pdbx_struct_oper_list.matrix[3][3] 
_pdbx_struct_oper_list.vector[3] 
1 'identity operation'         1_555 x,y,z  1.0000000000 0.0000000000  0.0000000000 0.0000000000  0.0000000000  1.0000000000  0.0000000000  0.0000000000  0.0000000000 0.0000000000  1.0000000000  0.0000000000   
2 'crystal symmetry operation' 4_555 y,x,-z 0.3617667431 -0.1541183142 0.9194413352 19.9737594363 -0.1541183142 -0.9825576187 -0.1040580182 16.9930431711 0.9194413352 -0.1040580182 -0.3792091244 -26.7343453343 
# 
_struct_biol.id        1 
_struct_biol.details   ? 
# 
loop_
_struct_conf.conf_type_id 
_struct_conf.id 
_struct_conf.pdbx_PDB_helix_id 
_struct_conf.beg_label_comp_id 
_struct_conf.beg_label_asym_id 
_struct_conf.beg_label_seq_id 
_struct_conf.pdbx_beg_PDB_ins_code 
_struct_conf.end_label_comp_id 
_struct_conf.end_label_asym_id 
_struct_conf.end_label_seq_id 
_struct_conf.pdbx_end_PDB_ins_code 
_struct_conf.beg_auth_comp_id 
_struct_conf.beg_auth_asym_id 
_struct_conf.beg_auth_seq_id 
_struct_conf.end_auth_comp_id 
_struct_conf.end_auth_asym_id 
_struct_conf.end_auth_seq_id 
_struct_conf.pdbx_PDB_helix_class 
_struct_conf.details 
_struct_conf.pdbx_PDB_helix_length 
HELX_P HELX_P1 1 GLY A 16  ? GLU A 31  ? GLY A 13  GLU A 28  1 ? 16 
HELX_P HELX_P2 2 ARG A 84  ? ALA A 93  ? ARG A 81  ALA A 90  1 ? 10 
HELX_P HELX_P3 3 PRO A 94  ? ARG A 96  ? PRO A 91  ARG A 93  5 ? 3  
HELX_P HELX_P4 4 SER A 118 ? GLN A 126 ? SER A 115 GLN A 123 1 ? 9  
HELX_P HELX_P5 5 ASP A 153 ? THR A 167 ? ASP A 150 THR A 164 1 ? 15 
# 
_struct_conf_type.id          HELX_P 
_struct_conf_type.criteria    ? 
_struct_conf_type.reference   ? 
# 
loop_
_struct_conn.id 
_struct_conn.conn_type_id 
_struct_conn.pdbx_leaving_atom_flag 
_struct_conn.pdbx_PDB_id 
_struct_conn.ptnr1_label_asym_id 
_struct_conn.ptnr1_label_comp_id 
_struct_conn.ptnr1_label_seq_id 
_struct_conn.ptnr1_label_atom_id 
_struct_conn.pdbx_ptnr1_label_alt_id 
_struct_conn.pdbx_ptnr1_PDB_ins_code 
_struct_conn.pdbx_ptnr1_standard_comp_id 
_struct_conn.ptnr1_symmetry 
_struct_conn.ptnr2_label_asym_id 
_struct_conn.ptnr2_label_comp_id 
_struct_conn.ptnr2_label_seq_id 
_struct_conn.ptnr2_label_atom_id 
_struct_conn.pdbx_ptnr2_label_alt_id 
_struct_conn.pdbx_ptnr2_PDB_ins_code 
_struct_conn.ptnr1_auth_asym_id 
_struct_conn.ptnr1_auth_comp_id 
_struct_conn.ptnr1_auth_seq_id 
_struct_conn.ptnr2_auth_asym_id 
_struct_conn.ptnr2_auth_comp_id 
_struct_conn.ptnr2_auth_seq_id 
_struct_conn.ptnr2_symmetry 
_struct_conn.pdbx_ptnr3_label_atom_id 
_struct_conn.pdbx_ptnr3_label_seq_id 
_struct_conn.pdbx_ptnr3_label_comp_id 
_struct_conn.pdbx_ptnr3_label_asym_id 
_struct_conn.pdbx_ptnr3_label_alt_id 
_struct_conn.pdbx_ptnr3_PDB_ins_code 
_struct_conn.details 
_struct_conn.pdbx_dist_value 
_struct_conn.pdbx_value_order 
_struct_conn.pdbx_role 
covale1 covale both ? A MSE 4   C ? ? ? 1_555 A ASN 5   N ? ? A MSE 1   A ASN 2   1_555 ? ? ? ? ? ? ? 1.326 ? ? 
covale2 covale both ? A LEU 20  C ? ? ? 1_555 A MSE 21  N ? ? A LEU 17  A MSE 18  1_555 ? ? ? ? ? ? ? 1.331 ? ? 
covale3 covale both ? A MSE 21  C ? ? ? 1_555 A GLU 22  N ? ? A MSE 18  A GLU 19  1_555 ? ? ? ? ? ? ? 1.324 ? ? 
covale4 covale both ? A LEU 161 C ? ? ? 1_555 A MSE 162 N ? ? A LEU 158 A MSE 159 1_555 ? ? ? ? ? ? ? 1.333 ? ? 
covale5 covale both ? A MSE 162 C ? ? ? 1_555 A ASN 163 N ? ? A MSE 159 A ASN 160 1_555 ? ? ? ? ? ? ? 1.326 ? ? 
# 
_struct_conn_type.id          covale 
_struct_conn_type.criteria    ? 
_struct_conn_type.reference   ? 
# 
loop_
_pdbx_modification_feature.ordinal 
_pdbx_modification_feature.label_comp_id 
_pdbx_modification_feature.label_asym_id 
_pdbx_modification_feature.label_seq_id 
_pdbx_modification_feature.label_alt_id 
_pdbx_modification_feature.modified_residue_label_comp_id 
_pdbx_modification_feature.modified_residue_label_asym_id 
_pdbx_modification_feature.modified_residue_label_seq_id 
_pdbx_modification_feature.modified_residue_label_alt_id 
_pdbx_modification_feature.auth_comp_id 
_pdbx_modification_feature.auth_asym_id 
_pdbx_modification_feature.auth_seq_id 
_pdbx_modification_feature.PDB_ins_code 
_pdbx_modification_feature.symmetry 
_pdbx_modification_feature.modified_residue_auth_comp_id 
_pdbx_modification_feature.modified_residue_auth_asym_id 
_pdbx_modification_feature.modified_residue_auth_seq_id 
_pdbx_modification_feature.modified_residue_PDB_ins_code 
_pdbx_modification_feature.modified_residue_symmetry 
_pdbx_modification_feature.comp_id_linking_atom 
_pdbx_modification_feature.modified_residue_id_linking_atom 
_pdbx_modification_feature.modified_residue_id 
_pdbx_modification_feature.ref_pcm_id 
_pdbx_modification_feature.ref_comp_id 
_pdbx_modification_feature.type 
_pdbx_modification_feature.category 
1 MSE A 4   ? . . . . MSE A 1   ? 1_555 . . . . . . . MET 1 MSE Selenomethionine 'Named protein modification' 
2 MSE A 21  ? . . . . MSE A 18  ? 1_555 . . . . . . . MET 1 MSE Selenomethionine 'Named protein modification' 
3 MSE A 162 ? . . . . MSE A 159 ? 1_555 . . . . . . . MET 1 MSE Selenomethionine 'Named protein modification' 
# 
loop_
_struct_sheet.id 
_struct_sheet.type 
_struct_sheet.number_strands 
_struct_sheet.details 
A ? 6 ? 
B ? 2 ? 
# 
loop_
_struct_sheet_order.sheet_id 
_struct_sheet_order.range_id_1 
_struct_sheet_order.range_id_2 
_struct_sheet_order.offset 
_struct_sheet_order.sense 
A 1 2 ? parallel      
A 2 3 ? parallel      
A 3 4 ? parallel      
A 4 5 ? parallel      
A 5 6 ? parallel      
B 1 2 ? anti-parallel 
# 
loop_
_struct_sheet_range.sheet_id 
_struct_sheet_range.id 
_struct_sheet_range.beg_label_comp_id 
_struct_sheet_range.beg_label_asym_id 
_struct_sheet_range.beg_label_seq_id 
_struct_sheet_range.pdbx_beg_PDB_ins_code 
_struct_sheet_range.end_label_comp_id 
_struct_sheet_range.end_label_asym_id 
_struct_sheet_range.end_label_seq_id 
_struct_sheet_range.pdbx_end_PDB_ins_code 
_struct_sheet_range.beg_auth_comp_id 
_struct_sheet_range.beg_auth_asym_id 
_struct_sheet_range.beg_auth_seq_id 
_struct_sheet_range.end_auth_comp_id 
_struct_sheet_range.end_auth_asym_id 
_struct_sheet_range.end_auth_seq_id 
A 1 VAL A 35  ? LYS A 39  ? VAL A 32  LYS A 36  
A 2 LEU A 99  ? GLU A 103 ? LEU A 96  GLU A 100 
A 3 VAL A 6   ? VAL A 10  ? VAL A 3   VAL A 7   
A 4 LYS A 112 ? VAL A 116 ? LYS A 109 VAL A 113 
A 5 ILE A 131 ? ALA A 136 ? ILE A 128 ALA A 133 
A 6 VAL A 148 ? SER A 150 ? VAL A 145 SER A 147 
B 1 ALA A 65  ? GLY A 70  ? ALA A 62  GLY A 67  
B 2 LEU A 73  ? LEU A 78  ? LEU A 70  LEU A 75  
# 
loop_
_pdbx_struct_sheet_hbond.sheet_id 
_pdbx_struct_sheet_hbond.range_id_1 
_pdbx_struct_sheet_hbond.range_id_2 
_pdbx_struct_sheet_hbond.range_1_label_atom_id 
_pdbx_struct_sheet_hbond.range_1_label_comp_id 
_pdbx_struct_sheet_hbond.range_1_label_asym_id 
_pdbx_struct_sheet_hbond.range_1_label_seq_id 
_pdbx_struct_sheet_hbond.range_1_PDB_ins_code 
_pdbx_struct_sheet_hbond.range_1_auth_atom_id 
_pdbx_struct_sheet_hbond.range_1_auth_comp_id 
_pdbx_struct_sheet_hbond.range_1_auth_asym_id 
_pdbx_struct_sheet_hbond.range_1_auth_seq_id 
_pdbx_struct_sheet_hbond.range_2_label_atom_id 
_pdbx_struct_sheet_hbond.range_2_label_comp_id 
_pdbx_struct_sheet_hbond.range_2_label_asym_id 
_pdbx_struct_sheet_hbond.range_2_label_seq_id 
_pdbx_struct_sheet_hbond.range_2_PDB_ins_code 
_pdbx_struct_sheet_hbond.range_2_auth_atom_id 
_pdbx_struct_sheet_hbond.range_2_auth_comp_id 
_pdbx_struct_sheet_hbond.range_2_auth_asym_id 
_pdbx_struct_sheet_hbond.range_2_auth_seq_id 
A 1 2 N VAL A 38  ? N VAL A 35  O GLU A 103 ? O GLU A 100 
A 2 3 O VAL A 102 ? O VAL A 99  N TRP A 7   ? N TRP A 4   
A 3 4 N VAL A 10  ? N VAL A 7   O LEU A 115 ? O LEU A 112 
A 4 5 N LYS A 112 ? N LYS A 109 O ARG A 132 ? O ARG A 129 
A 5 6 N ALA A 136 ? N ALA A 133 O PHE A 149 ? O PHE A 146 
B 1 2 N VAL A 68  ? N VAL A 65  O GLN A 75  ? O GLN A 72  
# 
_pdbx_entry_details.entry_id                   1XJC 
_pdbx_entry_details.compound_details           ? 
_pdbx_entry_details.source_details             ? 
_pdbx_entry_details.nonpolymer_details         ? 
_pdbx_entry_details.sequence_details           ? 
_pdbx_entry_details.has_ligand_of_interest     ? 
_pdbx_entry_details.has_protein_modification   Y 
# 
loop_
_pdbx_validate_torsion.id 
_pdbx_validate_torsion.PDB_model_num 
_pdbx_validate_torsion.auth_comp_id 
_pdbx_validate_torsion.auth_asym_id 
_pdbx_validate_torsion.auth_seq_id 
_pdbx_validate_torsion.PDB_ins_code 
_pdbx_validate_torsion.label_alt_id 
_pdbx_validate_torsion.phi 
_pdbx_validate_torsion.psi 
1 1 ASP A 150 ? ? -92.95 48.64 
2 1 THR A 164 ? ? -75.75 26.80 
# 
_pdbx_SG_project.id                    1 
_pdbx_SG_project.project_name          'PSI, Protein Structure Initiative' 
_pdbx_SG_project.full_name_of_center   'Midwest Center for Structural Genomics' 
_pdbx_SG_project.initial_of_center     MCSG 
# 
loop_
_pdbx_struct_mod_residue.id 
_pdbx_struct_mod_residue.label_asym_id 
_pdbx_struct_mod_residue.label_comp_id 
_pdbx_struct_mod_residue.label_seq_id 
_pdbx_struct_mod_residue.auth_asym_id 
_pdbx_struct_mod_residue.auth_comp_id 
_pdbx_struct_mod_residue.auth_seq_id 
_pdbx_struct_mod_residue.PDB_ins_code 
_pdbx_struct_mod_residue.parent_comp_id 
_pdbx_struct_mod_residue.details 
1 A MSE 4   A MSE 1   ? MET SELENOMETHIONINE 
2 A MSE 21  A MSE 18  ? MET SELENOMETHIONINE 
3 A MSE 162 A MSE 159 ? MET SELENOMETHIONINE 
# 
loop_
_pdbx_database_remark.id 
_pdbx_database_remark.text 
300 
;BIOMOLECULE:
THIS ENTRY CONTAINS THE CRYSTALLOGRAPHIC ASYMMETRIC UNIT
WHICH CONSISTS OF 1 CHAIN(S). THE BIOLOGICAL UNIT IS
UNKNOWN.
;
999 
;SEQUENCE
THE SEQUENCE OF THE PROTEIN IS NOT YET 
AVAILABLE IN ANY REFERENCE SEQUENCE 
DATABASE.  RESIDUES -2 TO 0 ARE CLONING
ARTIFACTS.
;
# 
loop_
_pdbx_unobs_or_zero_occ_residues.id 
_pdbx_unobs_or_zero_occ_residues.PDB_model_num 
_pdbx_unobs_or_zero_occ_residues.polymer_flag 
_pdbx_unobs_or_zero_occ_residues.occupancy_flag 
_pdbx_unobs_or_zero_occ_residues.auth_asym_id 
_pdbx_unobs_or_zero_occ_residues.auth_comp_id 
_pdbx_unobs_or_zero_occ_residues.auth_seq_id 
_pdbx_unobs_or_zero_occ_residues.PDB_ins_code 
_pdbx_unobs_or_zero_occ_residues.label_asym_id 
_pdbx_unobs_or_zero_occ_residues.label_comp_id 
_pdbx_unobs_or_zero_occ_residues.label_seq_id 
1  1 Y 1 A SER -2  ? A SER 1   
2  1 Y 1 A ASN -1  ? A ASN 2   
3  1 Y 1 A ALA 0   ? A ALA 3   
4  1 Y 1 A GLY 39  ? A GLY 42  
5  1 Y 1 A HIS 40  ? A HIS 43  
6  1 Y 1 A GLY 41  ? A GLY 44  
7  1 Y 1 A GLY 42  ? A GLY 45  
8  1 Y 1 A GLU 43  ? A GLU 46  
9  1 Y 1 A PRO 44  ? A PRO 47  
10 1 Y 1 A ALA 45  ? A ALA 48  
11 1 Y 1 A ARG 46  ? A ARG 49  
12 1 Y 1 A PRO 47  ? A PRO 50  
13 1 Y 1 A GLU 48  ? A GLU 51  
14 1 Y 1 A GLY 49  ? A GLY 52  
15 1 Y 1 A VAL 50  ? A VAL 53  
16 1 Y 1 A ASP 51  ? A ASP 54  
17 1 Y 1 A SER 52  ? A SER 55  
18 1 Y 1 A VAL 53  ? A VAL 56  
19 1 Y 1 A ARG 54  ? A ARG 57  
20 1 Y 1 A HIS 55  ? A HIS 58  
21 1 Y 1 A GLU 56  ? A GLU 59  
22 1 Y 1 A ARG 57  ? A ARG 60  
23 1 Y 1 A ALA 58  ? A ALA 61  
24 1 Y 1 A THR 166 ? A THR 169 
# 
loop_
_chem_comp_atom.comp_id 
_chem_comp_atom.atom_id 
_chem_comp_atom.type_symbol 
_chem_comp_atom.pdbx_aromatic_flag 
_chem_comp_atom.pdbx_stereo_config 
_chem_comp_atom.pdbx_ordinal 
ALA N    N  N N 1   
ALA CA   C  N S 2   
ALA C    C  N N 3   
ALA O    O  N N 4   
ALA CB   C  N N 5   
ALA OXT  O  N N 6   
ALA H    H  N N 7   
ALA H2   H  N N 8   
ALA HA   H  N N 9   
ALA HB1  H  N N 10  
ALA HB2  H  N N 11  
ALA HB3  H  N N 12  
ALA HXT  H  N N 13  
ARG N    N  N N 14  
ARG CA   C  N S 15  
ARG C    C  N N 16  
ARG O    O  N N 17  
ARG CB   C  N N 18  
ARG CG   C  N N 19  
ARG CD   C  N N 20  
ARG NE   N  N N 21  
ARG CZ   C  N N 22  
ARG NH1  N  N N 23  
ARG NH2  N  N N 24  
ARG OXT  O  N N 25  
ARG H    H  N N 26  
ARG H2   H  N N 27  
ARG HA   H  N N 28  
ARG HB2  H  N N 29  
ARG HB3  H  N N 30  
ARG HG2  H  N N 31  
ARG HG3  H  N N 32  
ARG HD2  H  N N 33  
ARG HD3  H  N N 34  
ARG HE   H  N N 35  
ARG HH11 H  N N 36  
ARG HH12 H  N N 37  
ARG HH21 H  N N 38  
ARG HH22 H  N N 39  
ARG HXT  H  N N 40  
ASN N    N  N N 41  
ASN CA   C  N S 42  
ASN C    C  N N 43  
ASN O    O  N N 44  
ASN CB   C  N N 45  
ASN CG   C  N N 46  
ASN OD1  O  N N 47  
ASN ND2  N  N N 48  
ASN OXT  O  N N 49  
ASN H    H  N N 50  
ASN H2   H  N N 51  
ASN HA   H  N N 52  
ASN HB2  H  N N 53  
ASN HB3  H  N N 54  
ASN HD21 H  N N 55  
ASN HD22 H  N N 56  
ASN HXT  H  N N 57  
ASP N    N  N N 58  
ASP CA   C  N S 59  
ASP C    C  N N 60  
ASP O    O  N N 61  
ASP CB   C  N N 62  
ASP CG   C  N N 63  
ASP OD1  O  N N 64  
ASP OD2  O  N N 65  
ASP OXT  O  N N 66  
ASP H    H  N N 67  
ASP H2   H  N N 68  
ASP HA   H  N N 69  
ASP HB2  H  N N 70  
ASP HB3  H  N N 71  
ASP HD2  H  N N 72  
ASP HXT  H  N N 73  
GLN N    N  N N 74  
GLN CA   C  N S 75  
GLN C    C  N N 76  
GLN O    O  N N 77  
GLN CB   C  N N 78  
GLN CG   C  N N 79  
GLN CD   C  N N 80  
GLN OE1  O  N N 81  
GLN NE2  N  N N 82  
GLN OXT  O  N N 83  
GLN H    H  N N 84  
GLN H2   H  N N 85  
GLN HA   H  N N 86  
GLN HB2  H  N N 87  
GLN HB3  H  N N 88  
GLN HG2  H  N N 89  
GLN HG3  H  N N 90  
GLN HE21 H  N N 91  
GLN HE22 H  N N 92  
GLN HXT  H  N N 93  
GLU N    N  N N 94  
GLU CA   C  N S 95  
GLU C    C  N N 96  
GLU O    O  N N 97  
GLU CB   C  N N 98  
GLU CG   C  N N 99  
GLU CD   C  N N 100 
GLU OE1  O  N N 101 
GLU OE2  O  N N 102 
GLU OXT  O  N N 103 
GLU H    H  N N 104 
GLU H2   H  N N 105 
GLU HA   H  N N 106 
GLU HB2  H  N N 107 
GLU HB3  H  N N 108 
GLU HG2  H  N N 109 
GLU HG3  H  N N 110 
GLU HE2  H  N N 111 
GLU HXT  H  N N 112 
GLY N    N  N N 113 
GLY CA   C  N N 114 
GLY C    C  N N 115 
GLY O    O  N N 116 
GLY OXT  O  N N 117 
GLY H    H  N N 118 
GLY H2   H  N N 119 
GLY HA2  H  N N 120 
GLY HA3  H  N N 121 
GLY HXT  H  N N 122 
HIS N    N  N N 123 
HIS CA   C  N S 124 
HIS C    C  N N 125 
HIS O    O  N N 126 
HIS CB   C  N N 127 
HIS CG   C  Y N 128 
HIS ND1  N  Y N 129 
HIS CD2  C  Y N 130 
HIS CE1  C  Y N 131 
HIS NE2  N  Y N 132 
HIS OXT  O  N N 133 
HIS H    H  N N 134 
HIS H2   H  N N 135 
HIS HA   H  N N 136 
HIS HB2  H  N N 137 
HIS HB3  H  N N 138 
HIS HD1  H  N N 139 
HIS HD2  H  N N 140 
HIS HE1  H  N N 141 
HIS HE2  H  N N 142 
HIS HXT  H  N N 143 
HOH O    O  N N 144 
HOH H1   H  N N 145 
HOH H2   H  N N 146 
ILE N    N  N N 147 
ILE CA   C  N S 148 
ILE C    C  N N 149 
ILE O    O  N N 150 
ILE CB   C  N S 151 
ILE CG1  C  N N 152 
ILE CG2  C  N N 153 
ILE CD1  C  N N 154 
ILE OXT  O  N N 155 
ILE H    H  N N 156 
ILE H2   H  N N 157 
ILE HA   H  N N 158 
ILE HB   H  N N 159 
ILE HG12 H  N N 160 
ILE HG13 H  N N 161 
ILE HG21 H  N N 162 
ILE HG22 H  N N 163 
ILE HG23 H  N N 164 
ILE HD11 H  N N 165 
ILE HD12 H  N N 166 
ILE HD13 H  N N 167 
ILE HXT  H  N N 168 
LEU N    N  N N 169 
LEU CA   C  N S 170 
LEU C    C  N N 171 
LEU O    O  N N 172 
LEU CB   C  N N 173 
LEU CG   C  N N 174 
LEU CD1  C  N N 175 
LEU CD2  C  N N 176 
LEU OXT  O  N N 177 
LEU H    H  N N 178 
LEU H2   H  N N 179 
LEU HA   H  N N 180 
LEU HB2  H  N N 181 
LEU HB3  H  N N 182 
LEU HG   H  N N 183 
LEU HD11 H  N N 184 
LEU HD12 H  N N 185 
LEU HD13 H  N N 186 
LEU HD21 H  N N 187 
LEU HD22 H  N N 188 
LEU HD23 H  N N 189 
LEU HXT  H  N N 190 
LYS N    N  N N 191 
LYS CA   C  N S 192 
LYS C    C  N N 193 
LYS O    O  N N 194 
LYS CB   C  N N 195 
LYS CG   C  N N 196 
LYS CD   C  N N 197 
LYS CE   C  N N 198 
LYS NZ   N  N N 199 
LYS OXT  O  N N 200 
LYS H    H  N N 201 
LYS H2   H  N N 202 
LYS HA   H  N N 203 
LYS HB2  H  N N 204 
LYS HB3  H  N N 205 
LYS HG2  H  N N 206 
LYS HG3  H  N N 207 
LYS HD2  H  N N 208 
LYS HD3  H  N N 209 
LYS HE2  H  N N 210 
LYS HE3  H  N N 211 
LYS HZ1  H  N N 212 
LYS HZ2  H  N N 213 
LYS HZ3  H  N N 214 
LYS HXT  H  N N 215 
MSE N    N  N N 216 
MSE CA   C  N S 217 
MSE C    C  N N 218 
MSE O    O  N N 219 
MSE OXT  O  N N 220 
MSE CB   C  N N 221 
MSE CG   C  N N 222 
MSE SE   SE N N 223 
MSE CE   C  N N 224 
MSE H    H  N N 225 
MSE H2   H  N N 226 
MSE HA   H  N N 227 
MSE HXT  H  N N 228 
MSE HB2  H  N N 229 
MSE HB3  H  N N 230 
MSE HG2  H  N N 231 
MSE HG3  H  N N 232 
MSE HE1  H  N N 233 
MSE HE2  H  N N 234 
MSE HE3  H  N N 235 
PHE N    N  N N 236 
PHE CA   C  N S 237 
PHE C    C  N N 238 
PHE O    O  N N 239 
PHE CB   C  N N 240 
PHE CG   C  Y N 241 
PHE CD1  C  Y N 242 
PHE CD2  C  Y N 243 
PHE CE1  C  Y N 244 
PHE CE2  C  Y N 245 
PHE CZ   C  Y N 246 
PHE OXT  O  N N 247 
PHE H    H  N N 248 
PHE H2   H  N N 249 
PHE HA   H  N N 250 
PHE HB2  H  N N 251 
PHE HB3  H  N N 252 
PHE HD1  H  N N 253 
PHE HD2  H  N N 254 
PHE HE1  H  N N 255 
PHE HE2  H  N N 256 
PHE HZ   H  N N 257 
PHE HXT  H  N N 258 
PRO N    N  N N 259 
PRO CA   C  N S 260 
PRO C    C  N N 261 
PRO O    O  N N 262 
PRO CB   C  N N 263 
PRO CG   C  N N 264 
PRO CD   C  N N 265 
PRO OXT  O  N N 266 
PRO H    H  N N 267 
PRO HA   H  N N 268 
PRO HB2  H  N N 269 
PRO HB3  H  N N 270 
PRO HG2  H  N N 271 
PRO HG3  H  N N 272 
PRO HD2  H  N N 273 
PRO HD3  H  N N 274 
PRO HXT  H  N N 275 
SER N    N  N N 276 
SER CA   C  N S 277 
SER C    C  N N 278 
SER O    O  N N 279 
SER CB   C  N N 280 
SER OG   O  N N 281 
SER OXT  O  N N 282 
SER H    H  N N 283 
SER H2   H  N N 284 
SER HA   H  N N 285 
SER HB2  H  N N 286 
SER HB3  H  N N 287 
SER HG   H  N N 288 
SER HXT  H  N N 289 
THR N    N  N N 290 
THR CA   C  N S 291 
THR C    C  N N 292 
THR O    O  N N 293 
THR CB   C  N R 294 
THR OG1  O  N N 295 
THR CG2  C  N N 296 
THR OXT  O  N N 297 
THR H    H  N N 298 
THR H2   H  N N 299 
THR HA   H  N N 300 
THR HB   H  N N 301 
THR HG1  H  N N 302 
THR HG21 H  N N 303 
THR HG22 H  N N 304 
THR HG23 H  N N 305 
THR HXT  H  N N 306 
TRP N    N  N N 307 
TRP CA   C  N S 308 
TRP C    C  N N 309 
TRP O    O  N N 310 
TRP CB   C  N N 311 
TRP CG   C  Y N 312 
TRP CD1  C  Y N 313 
TRP CD2  C  Y N 314 
TRP NE1  N  Y N 315 
TRP CE2  C  Y N 316 
TRP CE3  C  Y N 317 
TRP CZ2  C  Y N 318 
TRP CZ3  C  Y N 319 
TRP CH2  C  Y N 320 
TRP OXT  O  N N 321 
TRP H    H  N N 322 
TRP H2   H  N N 323 
TRP HA   H  N N 324 
TRP HB2  H  N N 325 
TRP HB3  H  N N 326 
TRP HD1  H  N N 327 
TRP HE1  H  N N 328 
TRP HE3  H  N N 329 
TRP HZ2  H  N N 330 
TRP HZ3  H  N N 331 
TRP HH2  H  N N 332 
TRP HXT  H  N N 333 
TYR N    N  N N 334 
TYR CA   C  N S 335 
TYR C    C  N N 336 
TYR O    O  N N 337 
TYR CB   C  N N 338 
TYR CG   C  Y N 339 
TYR CD1  C  Y N 340 
TYR CD2  C  Y N 341 
TYR CE1  C  Y N 342 
TYR CE2  C  Y N 343 
TYR CZ   C  Y N 344 
TYR OH   O  N N 345 
TYR OXT  O  N N 346 
TYR H    H  N N 347 
TYR H2   H  N N 348 
TYR HA   H  N N 349 
TYR HB2  H  N N 350 
TYR HB3  H  N N 351 
TYR HD1  H  N N 352 
TYR HD2  H  N N 353 
TYR HE1  H  N N 354 
TYR HE2  H  N N 355 
TYR HH   H  N N 356 
TYR HXT  H  N N 357 
VAL N    N  N N 358 
VAL CA   C  N S 359 
VAL C    C  N N 360 
VAL O    O  N N 361 
VAL CB   C  N N 362 
VAL CG1  C  N N 363 
VAL CG2  C  N N 364 
VAL OXT  O  N N 365 
VAL H    H  N N 366 
VAL H2   H  N N 367 
VAL HA   H  N N 368 
VAL HB   H  N N 369 
VAL HG11 H  N N 370 
VAL HG12 H  N N 371 
VAL HG13 H  N N 372 
VAL HG21 H  N N 373 
VAL HG22 H  N N 374 
VAL HG23 H  N N 375 
VAL HXT  H  N N 376 
# 
loop_
_chem_comp_bond.comp_id 
_chem_comp_bond.atom_id_1 
_chem_comp_bond.atom_id_2 
_chem_comp_bond.value_order 
_chem_comp_bond.pdbx_aromatic_flag 
_chem_comp_bond.pdbx_stereo_config 
_chem_comp_bond.pdbx_ordinal 
ALA N   CA   sing N N 1   
ALA N   H    sing N N 2   
ALA N   H2   sing N N 3   
ALA CA  C    sing N N 4   
ALA CA  CB   sing N N 5   
ALA CA  HA   sing N N 6   
ALA C   O    doub N N 7   
ALA C   OXT  sing N N 8   
ALA CB  HB1  sing N N 9   
ALA CB  HB2  sing N N 10  
ALA CB  HB3  sing N N 11  
ALA OXT HXT  sing N N 12  
ARG N   CA   sing N N 13  
ARG N   H    sing N N 14  
ARG N   H2   sing N N 15  
ARG CA  C    sing N N 16  
ARG CA  CB   sing N N 17  
ARG CA  HA   sing N N 18  
ARG C   O    doub N N 19  
ARG C   OXT  sing N N 20  
ARG CB  CG   sing N N 21  
ARG CB  HB2  sing N N 22  
ARG CB  HB3  sing N N 23  
ARG CG  CD   sing N N 24  
ARG CG  HG2  sing N N 25  
ARG CG  HG3  sing N N 26  
ARG CD  NE   sing N N 27  
ARG CD  HD2  sing N N 28  
ARG CD  HD3  sing N N 29  
ARG NE  CZ   sing N N 30  
ARG NE  HE   sing N N 31  
ARG CZ  NH1  sing N N 32  
ARG CZ  NH2  doub N N 33  
ARG NH1 HH11 sing N N 34  
ARG NH1 HH12 sing N N 35  
ARG NH2 HH21 sing N N 36  
ARG NH2 HH22 sing N N 37  
ARG OXT HXT  sing N N 38  
ASN N   CA   sing N N 39  
ASN N   H    sing N N 40  
ASN N   H2   sing N N 41  
ASN CA  C    sing N N 42  
ASN CA  CB   sing N N 43  
ASN CA  HA   sing N N 44  
ASN C   O    doub N N 45  
ASN C   OXT  sing N N 46  
ASN CB  CG   sing N N 47  
ASN CB  HB2  sing N N 48  
ASN CB  HB3  sing N N 49  
ASN CG  OD1  doub N N 50  
ASN CG  ND2  sing N N 51  
ASN ND2 HD21 sing N N 52  
ASN ND2 HD22 sing N N 53  
ASN OXT HXT  sing N N 54  
ASP N   CA   sing N N 55  
ASP N   H    sing N N 56  
ASP N   H2   sing N N 57  
ASP CA  C    sing N N 58  
ASP CA  CB   sing N N 59  
ASP CA  HA   sing N N 60  
ASP C   O    doub N N 61  
ASP C   OXT  sing N N 62  
ASP CB  CG   sing N N 63  
ASP CB  HB2  sing N N 64  
ASP CB  HB3  sing N N 65  
ASP CG  OD1  doub N N 66  
ASP CG  OD2  sing N N 67  
ASP OD2 HD2  sing N N 68  
ASP OXT HXT  sing N N 69  
GLN N   CA   sing N N 70  
GLN N   H    sing N N 71  
GLN N   H2   sing N N 72  
GLN CA  C    sing N N 73  
GLN CA  CB   sing N N 74  
GLN CA  HA   sing N N 75  
GLN C   O    doub N N 76  
GLN C   OXT  sing N N 77  
GLN CB  CG   sing N N 78  
GLN CB  HB2  sing N N 79  
GLN CB  HB3  sing N N 80  
GLN CG  CD   sing N N 81  
GLN CG  HG2  sing N N 82  
GLN CG  HG3  sing N N 83  
GLN CD  OE1  doub N N 84  
GLN CD  NE2  sing N N 85  
GLN NE2 HE21 sing N N 86  
GLN NE2 HE22 sing N N 87  
GLN OXT HXT  sing N N 88  
GLU N   CA   sing N N 89  
GLU N   H    sing N N 90  
GLU N   H2   sing N N 91  
GLU CA  C    sing N N 92  
GLU CA  CB   sing N N 93  
GLU CA  HA   sing N N 94  
GLU C   O    doub N N 95  
GLU C   OXT  sing N N 96  
GLU CB  CG   sing N N 97  
GLU CB  HB2  sing N N 98  
GLU CB  HB3  sing N N 99  
GLU CG  CD   sing N N 100 
GLU CG  HG2  sing N N 101 
GLU CG  HG3  sing N N 102 
GLU CD  OE1  doub N N 103 
GLU CD  OE2  sing N N 104 
GLU OE2 HE2  sing N N 105 
GLU OXT HXT  sing N N 106 
GLY N   CA   sing N N 107 
GLY N   H    sing N N 108 
GLY N   H2   sing N N 109 
GLY CA  C    sing N N 110 
GLY CA  HA2  sing N N 111 
GLY CA  HA3  sing N N 112 
GLY C   O    doub N N 113 
GLY C   OXT  sing N N 114 
GLY OXT HXT  sing N N 115 
HIS N   CA   sing N N 116 
HIS N   H    sing N N 117 
HIS N   H2   sing N N 118 
HIS CA  C    sing N N 119 
HIS CA  CB   sing N N 120 
HIS CA  HA   sing N N 121 
HIS C   O    doub N N 122 
HIS C   OXT  sing N N 123 
HIS CB  CG   sing N N 124 
HIS CB  HB2  sing N N 125 
HIS CB  HB3  sing N N 126 
HIS CG  ND1  sing Y N 127 
HIS CG  CD2  doub Y N 128 
HIS ND1 CE1  doub Y N 129 
HIS ND1 HD1  sing N N 130 
HIS CD2 NE2  sing Y N 131 
HIS CD2 HD2  sing N N 132 
HIS CE1 NE2  sing Y N 133 
HIS CE1 HE1  sing N N 134 
HIS NE2 HE2  sing N N 135 
HIS OXT HXT  sing N N 136 
HOH O   H1   sing N N 137 
HOH O   H2   sing N N 138 
ILE N   CA   sing N N 139 
ILE N   H    sing N N 140 
ILE N   H2   sing N N 141 
ILE CA  C    sing N N 142 
ILE CA  CB   sing N N 143 
ILE CA  HA   sing N N 144 
ILE C   O    doub N N 145 
ILE C   OXT  sing N N 146 
ILE CB  CG1  sing N N 147 
ILE CB  CG2  sing N N 148 
ILE CB  HB   sing N N 149 
ILE CG1 CD1  sing N N 150 
ILE CG1 HG12 sing N N 151 
ILE CG1 HG13 sing N N 152 
ILE CG2 HG21 sing N N 153 
ILE CG2 HG22 sing N N 154 
ILE CG2 HG23 sing N N 155 
ILE CD1 HD11 sing N N 156 
ILE CD1 HD12 sing N N 157 
ILE CD1 HD13 sing N N 158 
ILE OXT HXT  sing N N 159 
LEU N   CA   sing N N 160 
LEU N   H    sing N N 161 
LEU N   H2   sing N N 162 
LEU CA  C    sing N N 163 
LEU CA  CB   sing N N 164 
LEU CA  HA   sing N N 165 
LEU C   O    doub N N 166 
LEU C   OXT  sing N N 167 
LEU CB  CG   sing N N 168 
LEU CB  HB2  sing N N 169 
LEU CB  HB3  sing N N 170 
LEU CG  CD1  sing N N 171 
LEU CG  CD2  sing N N 172 
LEU CG  HG   sing N N 173 
LEU CD1 HD11 sing N N 174 
LEU CD1 HD12 sing N N 175 
LEU CD1 HD13 sing N N 176 
LEU CD2 HD21 sing N N 177 
LEU CD2 HD22 sing N N 178 
LEU CD2 HD23 sing N N 179 
LEU OXT HXT  sing N N 180 
LYS N   CA   sing N N 181 
LYS N   H    sing N N 182 
LYS N   H2   sing N N 183 
LYS CA  C    sing N N 184 
LYS CA  CB   sing N N 185 
LYS CA  HA   sing N N 186 
LYS C   O    doub N N 187 
LYS C   OXT  sing N N 188 
LYS CB  CG   sing N N 189 
LYS CB  HB2  sing N N 190 
LYS CB  HB3  sing N N 191 
LYS CG  CD   sing N N 192 
LYS CG  HG2  sing N N 193 
LYS CG  HG3  sing N N 194 
LYS CD  CE   sing N N 195 
LYS CD  HD2  sing N N 196 
LYS CD  HD3  sing N N 197 
LYS CE  NZ   sing N N 198 
LYS CE  HE2  sing N N 199 
LYS CE  HE3  sing N N 200 
LYS NZ  HZ1  sing N N 201 
LYS NZ  HZ2  sing N N 202 
LYS NZ  HZ3  sing N N 203 
LYS OXT HXT  sing N N 204 
MSE N   CA   sing N N 205 
MSE N   H    sing N N 206 
MSE N   H2   sing N N 207 
MSE CA  C    sing N N 208 
MSE CA  CB   sing N N 209 
MSE CA  HA   sing N N 210 
MSE C   O    doub N N 211 
MSE C   OXT  sing N N 212 
MSE OXT HXT  sing N N 213 
MSE CB  CG   sing N N 214 
MSE CB  HB2  sing N N 215 
MSE CB  HB3  sing N N 216 
MSE CG  SE   sing N N 217 
MSE CG  HG2  sing N N 218 
MSE CG  HG3  sing N N 219 
MSE SE  CE   sing N N 220 
MSE CE  HE1  sing N N 221 
MSE CE  HE2  sing N N 222 
MSE CE  HE3  sing N N 223 
PHE N   CA   sing N N 224 
PHE N   H    sing N N 225 
PHE N   H2   sing N N 226 
PHE CA  C    sing N N 227 
PHE CA  CB   sing N N 228 
PHE CA  HA   sing N N 229 
PHE C   O    doub N N 230 
PHE C   OXT  sing N N 231 
PHE CB  CG   sing N N 232 
PHE CB  HB2  sing N N 233 
PHE CB  HB3  sing N N 234 
PHE CG  CD1  doub Y N 235 
PHE CG  CD2  sing Y N 236 
PHE CD1 CE1  sing Y N 237 
PHE CD1 HD1  sing N N 238 
PHE CD2 CE2  doub Y N 239 
PHE CD2 HD2  sing N N 240 
PHE CE1 CZ   doub Y N 241 
PHE CE1 HE1  sing N N 242 
PHE CE2 CZ   sing Y N 243 
PHE CE2 HE2  sing N N 244 
PHE CZ  HZ   sing N N 245 
PHE OXT HXT  sing N N 246 
PRO N   CA   sing N N 247 
PRO N   CD   sing N N 248 
PRO N   H    sing N N 249 
PRO CA  C    sing N N 250 
PRO CA  CB   sing N N 251 
PRO CA  HA   sing N N 252 
PRO C   O    doub N N 253 
PRO C   OXT  sing N N 254 
PRO CB  CG   sing N N 255 
PRO CB  HB2  sing N N 256 
PRO CB  HB3  sing N N 257 
PRO CG  CD   sing N N 258 
PRO CG  HG2  sing N N 259 
PRO CG  HG3  sing N N 260 
PRO CD  HD2  sing N N 261 
PRO CD  HD3  sing N N 262 
PRO OXT HXT  sing N N 263 
SER N   CA   sing N N 264 
SER N   H    sing N N 265 
SER N   H2   sing N N 266 
SER CA  C    sing N N 267 
SER CA  CB   sing N N 268 
SER CA  HA   sing N N 269 
SER C   O    doub N N 270 
SER C   OXT  sing N N 271 
SER CB  OG   sing N N 272 
SER CB  HB2  sing N N 273 
SER CB  HB3  sing N N 274 
SER OG  HG   sing N N 275 
SER OXT HXT  sing N N 276 
THR N   CA   sing N N 277 
THR N   H    sing N N 278 
THR N   H2   sing N N 279 
THR CA  C    sing N N 280 
THR CA  CB   sing N N 281 
THR CA  HA   sing N N 282 
THR C   O    doub N N 283 
THR C   OXT  sing N N 284 
THR CB  OG1  sing N N 285 
THR CB  CG2  sing N N 286 
THR CB  HB   sing N N 287 
THR OG1 HG1  sing N N 288 
THR CG2 HG21 sing N N 289 
THR CG2 HG22 sing N N 290 
THR CG2 HG23 sing N N 291 
THR OXT HXT  sing N N 292 
TRP N   CA   sing N N 293 
TRP N   H    sing N N 294 
TRP N   H2   sing N N 295 
TRP CA  C    sing N N 296 
TRP CA  CB   sing N N 297 
TRP CA  HA   sing N N 298 
TRP C   O    doub N N 299 
TRP C   OXT  sing N N 300 
TRP CB  CG   sing N N 301 
TRP CB  HB2  sing N N 302 
TRP CB  HB3  sing N N 303 
TRP CG  CD1  doub Y N 304 
TRP CG  CD2  sing Y N 305 
TRP CD1 NE1  sing Y N 306 
TRP CD1 HD1  sing N N 307 
TRP CD2 CE2  doub Y N 308 
TRP CD2 CE3  sing Y N 309 
TRP NE1 CE2  sing Y N 310 
TRP NE1 HE1  sing N N 311 
TRP CE2 CZ2  sing Y N 312 
TRP CE3 CZ3  doub Y N 313 
TRP CE3 HE3  sing N N 314 
TRP CZ2 CH2  doub Y N 315 
TRP CZ2 HZ2  sing N N 316 
TRP CZ3 CH2  sing Y N 317 
TRP CZ3 HZ3  sing N N 318 
TRP CH2 HH2  sing N N 319 
TRP OXT HXT  sing N N 320 
TYR N   CA   sing N N 321 
TYR N   H    sing N N 322 
TYR N   H2   sing N N 323 
TYR CA  C    sing N N 324 
TYR CA  CB   sing N N 325 
TYR CA  HA   sing N N 326 
TYR C   O    doub N N 327 
TYR C   OXT  sing N N 328 
TYR CB  CG   sing N N 329 
TYR CB  HB2  sing N N 330 
TYR CB  HB3  sing N N 331 
TYR CG  CD1  doub Y N 332 
TYR CG  CD2  sing Y N 333 
TYR CD1 CE1  sing Y N 334 
TYR CD1 HD1  sing N N 335 
TYR CD2 CE2  doub Y N 336 
TYR CD2 HD2  sing N N 337 
TYR CE1 CZ   doub Y N 338 
TYR CE1 HE1  sing N N 339 
TYR CE2 CZ   sing Y N 340 
TYR CE2 HE2  sing N N 341 
TYR CZ  OH   sing N N 342 
TYR OH  HH   sing N N 343 
TYR OXT HXT  sing N N 344 
VAL N   CA   sing N N 345 
VAL N   H    sing N N 346 
VAL N   H2   sing N N 347 
VAL CA  C    sing N N 348 
VAL CA  CB   sing N N 349 
VAL CA  HA   sing N N 350 
VAL C   O    doub N N 351 
VAL C   OXT  sing N N 352 
VAL CB  CG1  sing N N 353 
VAL CB  CG2  sing N N 354 
VAL CB  HB   sing N N 355 
VAL CG1 HG11 sing N N 356 
VAL CG1 HG12 sing N N 357 
VAL CG1 HG13 sing N N 358 
VAL CG2 HG21 sing N N 359 
VAL CG2 HG22 sing N N 360 
VAL CG2 HG23 sing N N 361 
VAL OXT HXT  sing N N 362 
# 
_atom_sites.entry_id                    1XJC 
_atom_sites.fract_transf_matrix[1][1]   0.01222696 
_atom_sites.fract_transf_matrix[1][2]   -0.00206958 
_atom_sites.fract_transf_matrix[1][3]   0.00086680 
_atom_sites.fract_transf_matrix[2][1]   0.00553975 
_atom_sites.fract_transf_matrix[2][2]   0.00005876 
_atom_sites.fract_transf_matrix[2][3]   0.01112823 
_atom_sites.fract_transf_matrix[3][1]   -0.00441016 
_atom_sites.fract_transf_matrix[3][2]   -0.02508003 
_atom_sites.fract_transf_matrix[3][3]   0.00232785 
_atom_sites.fract_transf_vector[1]      0.568768 
_atom_sites.fract_transf_vector[2]      0.754648 
_atom_sites.fract_transf_vector[3]      0.288253 
# 
loop_
_atom_type.symbol 
C  
N  
O  
SE 
# 
loop_
_atom_site.group_PDB 
_atom_site.id 
_atom_site.type_symbol 
_atom_site.label_atom_id 
_atom_site.label_alt_id 
_atom_site.label_comp_id 
_atom_site.label_asym_id 
_atom_site.label_entity_id 
_atom_site.label_seq_id 
_atom_site.pdbx_PDB_ins_code 
_atom_site.Cartn_x 
_atom_site.Cartn_y 
_atom_site.Cartn_z 
_atom_site.occupancy 
_atom_site.B_iso_or_equiv 
_atom_site.pdbx_formal_charge 
_atom_site.auth_seq_id 
_atom_site.auth_comp_id 
_atom_site.auth_asym_id 
_atom_site.auth_atom_id 
_atom_site.pdbx_PDB_model_num 
HETATM 1    N  N   . MSE A 1 4   ? 12.635  3.889   6.238   1.00 47.35 ? 1   MSE A N   1 
HETATM 2    C  CA  . MSE A 1 4   ? 11.345  4.451   5.719   1.00 47.03 ? 1   MSE A CA  1 
HETATM 3    C  C   . MSE A 1 4   ? 10.153  3.735   6.310   1.00 44.63 ? 1   MSE A C   1 
HETATM 4    O  O   . MSE A 1 4   ? 10.214  2.538   6.613   1.00 45.52 ? 1   MSE A O   1 
HETATM 5    C  CB  . MSE A 1 4   ? 11.247  4.308   4.203   1.00 50.89 ? 1   MSE A CB  1 
HETATM 6    C  CG  . MSE A 1 4   ? 12.187  5.170   3.405   1.00 55.90 ? 1   MSE A CG  1 
HETATM 7    SE SE  . MSE A 1 4   ? 11.882  4.809   1.541   0.80 59.24 ? 1   MSE A SE  1 
HETATM 8    C  CE  . MSE A 1 4   ? 11.008  6.435   1.061   1.00 59.30 ? 1   MSE A CE  1 
ATOM   9    N  N   . ASN A 1 5   ? 9.058   4.467   6.459   1.00 40.01 ? 2   ASN A N   1 
ATOM   10   C  CA  . ASN A 1 5   ? 7.843   3.885   6.996   1.00 35.79 ? 2   ASN A CA  1 
ATOM   11   C  C   . ASN A 1 5   ? 7.069   3.349   5.783   1.00 32.52 ? 2   ASN A C   1 
ATOM   12   O  O   . ASN A 1 5   ? 6.266   4.060   5.189   1.00 32.09 ? 2   ASN A O   1 
ATOM   13   C  CB  . ASN A 1 5   ? 7.035   4.966   7.715   1.00 36.03 ? 2   ASN A CB  1 
ATOM   14   C  CG  . ASN A 1 5   ? 6.234   4.415   8.858   1.00 36.95 ? 2   ASN A CG  1 
ATOM   15   O  OD1 . ASN A 1 5   ? 5.657   3.332   8.755   1.00 37.66 ? 2   ASN A OD1 1 
ATOM   16   N  ND2 . ASN A 1 5   ? 6.177   5.159   9.959   1.00 36.99 ? 2   ASN A ND2 1 
ATOM   17   N  N   . VAL A 1 6   ? 7.324   2.096   5.425   1.00 28.95 ? 3   VAL A N   1 
ATOM   18   C  CA  . VAL A 1 6   ? 6.690   1.465   4.265   1.00 25.74 ? 3   VAL A CA  1 
ATOM   19   C  C   . VAL A 1 6   ? 5.540   0.548   4.651   1.00 24.70 ? 3   VAL A C   1 
ATOM   20   O  O   . VAL A 1 6   ? 5.703   -0.300  5.513   1.00 24.88 ? 3   VAL A O   1 
ATOM   21   C  CB  . VAL A 1 6   ? 7.709   0.598   3.488   1.00 25.04 ? 3   VAL A CB  1 
ATOM   22   C  CG1 . VAL A 1 6   ? 7.046   -0.015  2.239   1.00 23.71 ? 3   VAL A CG1 1 
ATOM   23   C  CG2 . VAL A 1 6   ? 8.938   1.446   3.117   1.00 23.09 ? 3   VAL A CG2 1 
ATOM   24   N  N   . TRP A 1 7   ? 4.386   0.717   4.008   1.00 22.99 ? 4   TRP A N   1 
ATOM   25   C  CA  . TRP A 1 7   ? 3.231   -0.135  4.272   1.00 21.37 ? 4   TRP A CA  1 
ATOM   26   C  C   . TRP A 1 7   ? 2.692   -0.684  2.959   1.00 20.70 ? 4   TRP A C   1 
ATOM   27   O  O   . TRP A 1 7   ? 2.683   0.011   1.951   1.00 20.77 ? 4   TRP A O   1 
ATOM   28   C  CB  . TRP A 1 7   ? 2.109   0.639   4.977   1.00 20.95 ? 4   TRP A CB  1 
ATOM   29   C  CG  . TRP A 1 7   ? 2.345   0.831   6.447   1.00 21.89 ? 4   TRP A CG  1 
ATOM   30   C  CD1 . TRP A 1 7   ? 3.266   1.648   7.030   1.00 21.30 ? 4   TRP A CD1 1 
ATOM   31   C  CD2 . TRP A 1 7   ? 1.651   0.171   7.515   1.00 21.23 ? 4   TRP A CD2 1 
ATOM   32   N  NE1 . TRP A 1 7   ? 3.193   1.538   8.403   1.00 22.94 ? 4   TRP A NE1 1 
ATOM   33   C  CE2 . TRP A 1 7   ? 2.209   0.638   8.726   1.00 22.19 ? 4   TRP A CE2 1 
ATOM   34   C  CE3 . TRP A 1 7   ? 0.613   -0.768  7.563   1.00 20.92 ? 4   TRP A CE3 1 
ATOM   35   C  CZ2 . TRP A 1 7   ? 1.761   0.195   9.982   1.00 22.42 ? 4   TRP A CZ2 1 
ATOM   36   C  CZ3 . TRP A 1 7   ? 0.165   -1.213  8.810   1.00 21.92 ? 4   TRP A CZ3 1 
ATOM   37   C  CH2 . TRP A 1 7   ? 0.742   -0.730  10.003  1.00 22.75 ? 4   TRP A CH2 1 
ATOM   38   N  N   . GLN A 1 8   ? 2.218   -1.925  2.979   1.00 18.98 ? 5   GLN A N   1 
ATOM   39   C  CA  . GLN A 1 8   ? 1.688   -2.525  1.776   1.00 19.00 ? 5   GLN A CA  1 
ATOM   40   C  C   . GLN A 1 8   ? 0.179   -2.710  1.802   1.00 19.27 ? 5   GLN A C   1 
ATOM   41   O  O   . GLN A 1 8   ? -0.437  -2.918  2.855   1.00 19.47 ? 5   GLN A O   1 
ATOM   42   C  CB  . GLN A 1 8   ? 2.334   -3.881  1.540   1.00 19.89 ? 5   GLN A CB  1 
ATOM   43   C  CG  . GLN A 1 8   ? 3.779   -3.829  1.118   1.00 22.00 ? 5   GLN A CG  1 
ATOM   44   C  CD  . GLN A 1 8   ? 4.377   -5.207  1.006   1.00 21.38 ? 5   GLN A CD  1 
ATOM   45   O  OE1 . GLN A 1 8   ? 4.069   -5.959  0.067   1.00 24.91 ? 5   GLN A OE1 1 
ATOM   46   N  NE2 . GLN A 1 8   ? 5.225   -5.563  1.966   1.00 20.59 ? 5   GLN A NE2 1 
ATOM   47   N  N   . VAL A 1 9   ? -0.407  -2.641  0.618   1.00 19.22 ? 6   VAL A N   1 
ATOM   48   C  CA  . VAL A 1 9   ? -1.833  -2.839  0.441   1.00 18.67 ? 6   VAL A CA  1 
ATOM   49   C  C   . VAL A 1 9   ? -1.900  -3.989  -0.553  1.00 19.85 ? 6   VAL A C   1 
ATOM   50   O  O   . VAL A 1 9   ? -1.448  -3.859  -1.696  1.00 20.07 ? 6   VAL A O   1 
ATOM   51   C  CB  . VAL A 1 9   ? -2.508  -1.575  -0.134  1.00 18.21 ? 6   VAL A CB  1 
ATOM   52   C  CG1 . VAL A 1 9   ? -3.962  -1.899  -0.543  1.00 16.79 ? 6   VAL A CG1 1 
ATOM   53   C  CG2 . VAL A 1 9   ? -2.484  -0.449  0.918   1.00 16.39 ? 6   VAL A CG2 1 
ATOM   54   N  N   . VAL A 1 10  ? -2.417  -5.132  -0.111  1.00 20.99 ? 7   VAL A N   1 
ATOM   55   C  CA  . VAL A 1 10  ? -2.506  -6.303  -0.982  1.00 21.87 ? 7   VAL A CA  1 
ATOM   56   C  C   . VAL A 1 10  ? -3.935  -6.816  -1.142  1.00 22.42 ? 7   VAL A C   1 
ATOM   57   O  O   . VAL A 1 10  ? -4.754  -6.725  -0.214  1.00 22.98 ? 7   VAL A O   1 
ATOM   58   C  CB  . VAL A 1 10  ? -1.617  -7.463  -0.454  1.00 22.33 ? 7   VAL A CB  1 
ATOM   59   C  CG1 . VAL A 1 10  ? -0.160  -7.014  -0.410  1.00 22.47 ? 7   VAL A CG1 1 
ATOM   60   C  CG2 . VAL A 1 10  ? -2.075  -7.889  0.951   1.00 24.00 ? 7   VAL A CG2 1 
ATOM   61   N  N   . GLY A 1 11  ? -4.225  -7.360  -2.321  1.00 22.17 ? 8   GLY A N   1 
ATOM   62   C  CA  . GLY A 1 11  ? -5.546  -7.889  -2.599  1.00 21.90 ? 8   GLY A CA  1 
ATOM   63   C  C   . GLY A 1 11  ? -5.739  -8.129  -4.086  1.00 22.90 ? 8   GLY A C   1 
ATOM   64   O  O   . GLY A 1 11  ? -4.987  -7.600  -4.924  1.00 22.54 ? 8   GLY A O   1 
ATOM   65   N  N   . TYR A 1 12  ? -6.751  -8.922  -4.419  1.00 22.99 ? 9   TYR A N   1 
ATOM   66   C  CA  . TYR A 1 12  ? -7.045  -9.236  -5.807  1.00 23.56 ? 9   TYR A CA  1 
ATOM   67   C  C   . TYR A 1 12  ? -7.812  -8.098  -6.481  1.00 23.44 ? 9   TYR A C   1 
ATOM   68   O  O   . TYR A 1 12  ? -8.102  -7.071  -5.852  1.00 21.51 ? 9   TYR A O   1 
ATOM   69   C  CB  . TYR A 1 12  ? -7.817  -10.555 -5.861  1.00 24.55 ? 9   TYR A CB  1 
ATOM   70   C  CG  . TYR A 1 12  ? -6.983  -11.722 -5.350  1.00 28.00 ? 9   TYR A CG  1 
ATOM   71   C  CD1 . TYR A 1 12  ? -5.822  -12.114 -6.023  1.00 29.97 ? 9   TYR A CD1 1 
ATOM   72   C  CD2 . TYR A 1 12  ? -7.323  -12.400 -4.173  1.00 28.02 ? 9   TYR A CD2 1 
ATOM   73   C  CE1 . TYR A 1 12  ? -5.019  -13.151 -5.537  1.00 31.57 ? 9   TYR A CE1 1 
ATOM   74   C  CE2 . TYR A 1 12  ? -6.528  -13.436 -3.679  1.00 29.09 ? 9   TYR A CE2 1 
ATOM   75   C  CZ  . TYR A 1 12  ? -5.379  -13.807 -4.365  1.00 30.90 ? 9   TYR A CZ  1 
ATOM   76   O  OH  . TYR A 1 12  ? -4.590  -14.838 -3.903  1.00 32.90 ? 9   TYR A OH  1 
ATOM   77   N  N   . LYS A 1 13  ? -8.117  -8.275  -7.762  1.00 25.14 ? 10  LYS A N   1 
ATOM   78   C  CA  . LYS A 1 13  ? -8.846  -7.266  -8.541  1.00 26.50 ? 10  LYS A CA  1 
ATOM   79   C  C   . LYS A 1 13  ? -10.174 -6.890  -7.883  1.00 24.99 ? 10  LYS A C   1 
ATOM   80   O  O   . LYS A 1 13  ? -10.892 -7.759  -7.404  1.00 23.84 ? 10  LYS A O   1 
ATOM   81   C  CB  . LYS A 1 13  ? -9.095  -7.787  -9.967  1.00 28.84 ? 10  LYS A CB  1 
ATOM   82   C  CG  . LYS A 1 13  ? -10.141 -6.995  -10.749 1.00 35.50 ? 10  LYS A CG  1 
ATOM   83   C  CD  . LYS A 1 13  ? -9.800  -6.867  -12.226 1.00 39.59 ? 10  LYS A CD  1 
ATOM   84   C  CE  . LYS A 1 13  ? -8.635  -5.896  -12.426 1.00 43.83 ? 10  LYS A CE  1 
ATOM   85   N  NZ  . LYS A 1 13  ? -8.305  -5.703  -13.873 1.00 47.13 ? 10  LYS A NZ  1 
ATOM   86   N  N   . HIS A 1 14  ? -10.470 -5.590  -7.845  1.00 24.67 ? 11  HIS A N   1 
ATOM   87   C  CA  . HIS A 1 14  ? -11.718 -5.071  -7.259  1.00 23.53 ? 11  HIS A CA  1 
ATOM   88   C  C   . HIS A 1 14  ? -11.917 -5.459  -5.794  1.00 23.11 ? 11  HIS A C   1 
ATOM   89   O  O   . HIS A 1 14  ? -13.047 -5.541  -5.324  1.00 24.86 ? 11  HIS A O   1 
ATOM   90   C  CB  . HIS A 1 14  ? -12.930 -5.554  -8.077  1.00 23.38 ? 11  HIS A CB  1 
ATOM   91   C  CG  . HIS A 1 14  ? -12.832 -5.249  -9.543  1.00 25.38 ? 11  HIS A CG  1 
ATOM   92   N  ND1 . HIS A 1 14  ? -13.467 -6.004  -10.506 1.00 28.63 ? 11  HIS A ND1 1 
ATOM   93   C  CD2 . HIS A 1 14  ? -12.198 -4.254  -10.209 1.00 26.42 ? 11  HIS A CD2 1 
ATOM   94   C  CE1 . HIS A 1 14  ? -13.231 -5.486  -11.701 1.00 27.27 ? 11  HIS A CE1 1 
ATOM   95   N  NE2 . HIS A 1 14  ? -12.465 -4.423  -11.549 1.00 25.56 ? 11  HIS A NE2 1 
ATOM   96   N  N   . SER A 1 15  ? -10.827 -5.711  -5.073  1.00 22.27 ? 12  SER A N   1 
ATOM   97   C  CA  . SER A 1 15  ? -10.927 -6.063  -3.664  1.00 20.92 ? 12  SER A CA  1 
ATOM   98   C  C   . SER A 1 15  ? -11.192 -4.823  -2.800  1.00 21.82 ? 12  SER A C   1 
ATOM   99   O  O   . SER A 1 15  ? -11.667 -4.936  -1.665  1.00 22.72 ? 12  SER A O   1 
ATOM   100  C  CB  . SER A 1 15  ? -9.630  -6.730  -3.210  1.00 20.60 ? 12  SER A CB  1 
ATOM   101  O  OG  . SER A 1 15  ? -8.509  -5.883  -3.415  1.00 18.80 ? 12  SER A OG  1 
ATOM   102  N  N   . GLY A 1 16  ? -10.885 -3.648  -3.346  1.00 21.42 ? 13  GLY A N   1 
ATOM   103  C  CA  . GLY A 1 16  ? -11.064 -2.396  -2.620  1.00 19.99 ? 13  GLY A CA  1 
ATOM   104  C  C   . GLY A 1 16  ? -9.748  -1.662  -2.355  1.00 20.66 ? 13  GLY A C   1 
ATOM   105  O  O   . GLY A 1 16  ? -9.724  -0.608  -1.694  1.00 19.61 ? 13  GLY A O   1 
ATOM   106  N  N   . LYS A 1 17  ? -8.640  -2.194  -2.870  1.00 21.72 ? 14  LYS A N   1 
ATOM   107  C  CA  . LYS A 1 17  ? -7.359  -1.537  -2.653  1.00 23.12 ? 14  LYS A CA  1 
ATOM   108  C  C   . LYS A 1 17  ? -7.287  -0.120  -3.231  1.00 22.54 ? 14  LYS A C   1 
ATOM   109  O  O   . LYS A 1 17  ? -6.568  0.716   -2.690  1.00 22.26 ? 14  LYS A O   1 
ATOM   110  C  CB  . LYS A 1 17  ? -6.197  -2.409  -3.165  1.00 25.24 ? 14  LYS A CB  1 
ATOM   111  C  CG  . LYS A 1 17  ? -6.390  -3.015  -4.513  1.00 29.42 ? 14  LYS A CG  1 
ATOM   112  C  CD  . LYS A 1 17  ? -5.356  -4.108  -4.786  1.00 32.06 ? 14  LYS A CD  1 
ATOM   113  C  CE  . LYS A 1 17  ? -5.521  -4.653  -6.188  1.00 33.51 ? 14  LYS A CE  1 
ATOM   114  N  NZ  . LYS A 1 17  ? -4.484  -5.676  -6.485  1.00 36.65 ? 14  LYS A NZ  1 
ATOM   115  N  N   . THR A 1 18  ? -8.028  0.158   -4.307  1.00 21.61 ? 15  THR A N   1 
ATOM   116  C  CA  . THR A 1 18  ? -8.046  1.504   -4.891  1.00 21.99 ? 15  THR A CA  1 
ATOM   117  C  C   . THR A 1 18  ? -8.675  2.494   -3.896  1.00 21.54 ? 15  THR A C   1 
ATOM   118  O  O   . THR A 1 18  ? -8.196  3.608   -3.698  1.00 22.28 ? 15  THR A O   1 
ATOM   119  C  CB  . THR A 1 18  ? -8.883  1.530   -6.192  1.00 23.18 ? 15  THR A CB  1 
ATOM   120  O  OG1 . THR A 1 18  ? -8.283  0.671   -7.169  1.00 23.75 ? 15  THR A OG1 1 
ATOM   121  C  CG2 . THR A 1 18  ? -8.987  2.956   -6.735  1.00 23.32 ? 15  THR A CG2 1 
ATOM   122  N  N   . THR A 1 19  ? -9.775  2.086   -3.284  1.00 21.82 ? 16  THR A N   1 
ATOM   123  C  CA  . THR A 1 19  ? -10.436 2.917   -2.294  1.00 21.38 ? 16  THR A CA  1 
ATOM   124  C  C   . THR A 1 19  ? -9.476  3.175   -1.127  1.00 20.67 ? 16  THR A C   1 
ATOM   125  O  O   . THR A 1 19  ? -9.268  4.321   -0.744  1.00 20.28 ? 16  THR A O   1 
ATOM   126  C  CB  . THR A 1 19  ? -11.730 2.235   -1.803  1.00 21.85 ? 16  THR A CB  1 
ATOM   127  O  OG1 . THR A 1 19  ? -12.733 2.384   -2.818  1.00 23.42 ? 16  THR A OG1 1 
ATOM   128  C  CG2 . THR A 1 19  ? -12.224 2.851   -0.472  1.00 20.87 ? 16  THR A CG2 1 
ATOM   129  N  N   . LEU A 1 20  ? -8.872  2.120   -0.580  1.00 20.23 ? 17  LEU A N   1 
ATOM   130  C  CA  . LEU A 1 20  ? -7.931  2.295   0.530   1.00 20.10 ? 17  LEU A CA  1 
ATOM   131  C  C   . LEU A 1 20  ? -6.746  3.192   0.163   1.00 20.24 ? 17  LEU A C   1 
ATOM   132  O  O   . LEU A 1 20  ? -6.434  4.130   0.894   1.00 20.11 ? 17  LEU A O   1 
ATOM   133  C  CB  . LEU A 1 20  ? -7.395  0.954   1.019   1.00 19.69 ? 17  LEU A CB  1 
ATOM   134  C  CG  . LEU A 1 20  ? -6.346  1.112   2.131   1.00 19.82 ? 17  LEU A CG  1 
ATOM   135  C  CD1 . LEU A 1 20  ? -6.975  1.808   3.353   1.00 18.78 ? 17  LEU A CD1 1 
ATOM   136  C  CD2 . LEU A 1 20  ? -5.811  -0.255  2.515   1.00 19.33 ? 17  LEU A CD2 1 
HETATM 137  N  N   . MSE A 1 21  ? -6.093  2.915   -0.963  1.00 19.89 ? 18  MSE A N   1 
HETATM 138  C  CA  . MSE A 1 21  ? -4.945  3.736   -1.390  1.00 20.72 ? 18  MSE A CA  1 
HETATM 139  C  C   . MSE A 1 21  ? -5.328  5.207   -1.493  1.00 20.25 ? 18  MSE A C   1 
HETATM 140  O  O   . MSE A 1 21  ? -4.639  6.090   -0.980  1.00 18.61 ? 18  MSE A O   1 
HETATM 141  C  CB  . MSE A 1 21  ? -4.410  3.273   -2.762  1.00 22.34 ? 18  MSE A CB  1 
HETATM 142  C  CG  . MSE A 1 21  ? -3.644  1.957   -2.744  1.00 25.80 ? 18  MSE A CG  1 
HETATM 143  SE SE  . MSE A 1 21  ? -1.974  2.056   -1.729  0.92 35.08 ? 18  MSE A SE  1 
HETATM 144  C  CE  . MSE A 1 21  ? -0.829  2.902   -3.081  1.00 30.09 ? 18  MSE A CE  1 
ATOM   145  N  N   . GLU A 1 22  ? -6.437  5.477   -2.163  1.00 21.92 ? 19  GLU A N   1 
ATOM   146  C  CA  . GLU A 1 22  ? -6.860  6.859   -2.329  1.00 23.30 ? 19  GLU A CA  1 
ATOM   147  C  C   . GLU A 1 22  ? -7.142  7.578   -1.027  1.00 22.50 ? 19  GLU A C   1 
ATOM   148  O  O   . GLU A 1 22  ? -6.663  8.693   -0.802  1.00 20.98 ? 19  GLU A O   1 
ATOM   149  C  CB  . GLU A 1 22  ? -8.092  6.927   -3.245  1.00 26.57 ? 19  GLU A CB  1 
ATOM   150  C  CG  . GLU A 1 22  ? -7.692  7.074   -4.710  1.00 34.62 ? 19  GLU A CG  1 
ATOM   151  C  CD  . GLU A 1 22  ? -8.875  7.082   -5.679  1.00 38.80 ? 19  GLU A CD  1 
ATOM   152  O  OE1 . GLU A 1 22  ? -9.938  7.664   -5.343  1.00 39.89 ? 19  GLU A OE1 1 
ATOM   153  O  OE2 . GLU A 1 22  ? -8.713  6.517   -6.785  1.00 40.19 ? 19  GLU A OE2 1 
ATOM   154  N  N   . LYS A 1 23  ? -7.913  6.940   -0.159  1.00 20.97 ? 20  LYS A N   1 
ATOM   155  C  CA  . LYS A 1 23  ? -8.261  7.564   1.103   1.00 19.51 ? 20  LYS A CA  1 
ATOM   156  C  C   . LYS A 1 23  ? -7.078  7.676   2.038   1.00 18.44 ? 20  LYS A C   1 
ATOM   157  O  O   . LYS A 1 23  ? -6.942  8.669   2.750   1.00 18.70 ? 20  LYS A O   1 
ATOM   158  C  CB  . LYS A 1 23  ? -9.388  6.773   1.779   1.00 20.45 ? 20  LYS A CB  1 
ATOM   159  C  CG  . LYS A 1 23  ? -10.713 6.888   1.042   1.00 21.07 ? 20  LYS A CG  1 
ATOM   160  C  CD  . LYS A 1 23  ? -11.779 6.027   1.701   1.00 24.97 ? 20  LYS A CD  1 
ATOM   161  C  CE  . LYS A 1 23  ? -13.065 6.072   0.893   1.00 26.66 ? 20  LYS A CE  1 
ATOM   162  N  NZ  . LYS A 1 23  ? -13.535 7.486   0.758   1.00 30.12 ? 20  LYS A NZ  1 
ATOM   163  N  N   . TRP A 1 24  ? -6.218  6.661   2.045   1.00 17.21 ? 21  TRP A N   1 
ATOM   164  C  CA  . TRP A 1 24  ? -5.059  6.672   2.930   1.00 16.67 ? 21  TRP A CA  1 
ATOM   165  C  C   . TRP A 1 24  ? -4.091  7.761   2.466   1.00 17.05 ? 21  TRP A C   1 
ATOM   166  O  O   . TRP A 1 24  ? -3.617  8.546   3.277   1.00 16.86 ? 21  TRP A O   1 
ATOM   167  C  CB  . TRP A 1 24  ? -4.374  5.301   2.915   1.00 17.79 ? 21  TRP A CB  1 
ATOM   168  C  CG  . TRP A 1 24  ? -3.458  5.048   4.076   1.00 17.71 ? 21  TRP A CG  1 
ATOM   169  C  CD1 . TRP A 1 24  ? -3.043  5.948   5.020   1.00 18.12 ? 21  TRP A CD1 1 
ATOM   170  C  CD2 . TRP A 1 24  ? -2.859  3.796   4.426   1.00 18.18 ? 21  TRP A CD2 1 
ATOM   171  N  NE1 . TRP A 1 24  ? -2.228  5.332   5.935   1.00 17.27 ? 21  TRP A NE1 1 
ATOM   172  C  CE2 . TRP A 1 24  ? -2.095  4.011   5.595   1.00 17.31 ? 21  TRP A CE2 1 
ATOM   173  C  CE3 . TRP A 1 24  ? -2.894  2.509   3.865   1.00 18.46 ? 21  TRP A CE3 1 
ATOM   174  C  CZ2 . TRP A 1 24  ? -1.367  2.985   6.215   1.00 19.24 ? 21  TRP A CZ2 1 
ATOM   175  C  CZ3 . TRP A 1 24  ? -2.168  1.486   4.484   1.00 18.30 ? 21  TRP A CZ3 1 
ATOM   176  C  CH2 . TRP A 1 24  ? -1.417  1.732   5.645   1.00 18.05 ? 21  TRP A CH2 1 
ATOM   177  N  N   . VAL A 1 25  ? -3.792  7.810   1.166   1.00 16.83 ? 22  VAL A N   1 
ATOM   178  C  CA  . VAL A 1 25  ? -2.900  8.857   0.650   1.00 16.45 ? 22  VAL A CA  1 
ATOM   179  C  C   . VAL A 1 25  ? -3.464  10.250  0.992   1.00 18.34 ? 22  VAL A C   1 
ATOM   180  O  O   . VAL A 1 25  ? -2.731  11.117  1.465   1.00 20.37 ? 22  VAL A O   1 
ATOM   181  C  CB  . VAL A 1 25  ? -2.703  8.749   -0.911  1.00 15.57 ? 22  VAL A CB  1 
ATOM   182  C  CG1 . VAL A 1 25  ? -2.105  10.032  -1.451  1.00 14.54 ? 22  VAL A CG1 1 
ATOM   183  C  CG2 . VAL A 1 25  ? -1.780  7.569   -1.263  1.00 14.67 ? 22  VAL A CG2 1 
ATOM   184  N  N   . ALA A 1 26  ? -4.764  10.459  0.775   1.00 18.48 ? 23  ALA A N   1 
ATOM   185  C  CA  . ALA A 1 26  ? -5.393  11.755  1.060   1.00 19.10 ? 23  ALA A CA  1 
ATOM   186  C  C   . ALA A 1 26  ? -5.274  12.181  2.533   1.00 19.88 ? 23  ALA A C   1 
ATOM   187  O  O   . ALA A 1 26  ? -4.995  13.350  2.830   1.00 20.04 ? 23  ALA A O   1 
ATOM   188  C  CB  . ALA A 1 26  ? -6.907  11.732  0.635   1.00 17.71 ? 23  ALA A CB  1 
ATOM   189  N  N   . ALA A 1 27  ? -5.479  11.243  3.457   1.00 19.52 ? 24  ALA A N   1 
ATOM   190  C  CA  . ALA A 1 27  ? -5.383  11.573  4.877   1.00 18.17 ? 24  ALA A CA  1 
ATOM   191  C  C   . ALA A 1 27  ? -3.934  11.926  5.184   1.00 20.04 ? 24  ALA A C   1 
ATOM   192  O  O   . ALA A 1 27  ? -3.664  12.891  5.902   1.00 21.65 ? 24  ALA A O   1 
ATOM   193  C  CB  . ALA A 1 27  ? -5.832  10.384  5.745   1.00 16.96 ? 24  ALA A CB  1 
ATOM   194  N  N   . ALA A 1 28  ? -2.996  11.148  4.640   1.00 19.86 ? 25  ALA A N   1 
ATOM   195  C  CA  . ALA A 1 28  ? -1.576  11.428  4.893   1.00 20.80 ? 25  ALA A CA  1 
ATOM   196  C  C   . ALA A 1 28  ? -1.224  12.819  4.345   1.00 21.70 ? 25  ALA A C   1 
ATOM   197  O  O   . ALA A 1 28  ? -0.543  13.597  5.010   1.00 21.49 ? 25  ALA A O   1 
ATOM   198  C  CB  . ALA A 1 28  ? -0.684  10.356  4.229   1.00 19.32 ? 25  ALA A CB  1 
ATOM   199  N  N   . VAL A 1 29  ? -1.685  13.126  3.130   1.00 22.65 ? 26  VAL A N   1 
ATOM   200  C  CA  . VAL A 1 29  ? -1.405  14.440  2.532   1.00 22.05 ? 26  VAL A CA  1 
ATOM   201  C  C   . VAL A 1 29  ? -1.986  15.564  3.390   1.00 23.34 ? 26  VAL A C   1 
ATOM   202  O  O   . VAL A 1 29  ? -1.310  16.563  3.666   1.00 24.35 ? 26  VAL A O   1 
ATOM   203  C  CB  . VAL A 1 29  ? -1.962  14.547  1.065   1.00 21.14 ? 26  VAL A CB  1 
ATOM   204  C  CG1 . VAL A 1 29  ? -1.816  15.973  0.555   1.00 19.68 ? 26  VAL A CG1 1 
ATOM   205  C  CG2 . VAL A 1 29  ? -1.194  13.598  0.137   1.00 20.54 ? 26  VAL A CG2 1 
ATOM   206  N  N   . ARG A 1 30  ? -3.233  15.407  3.824   1.00 25.13 ? 27  ARG A N   1 
ATOM   207  C  CA  . ARG A 1 30  ? -3.870  16.426  4.669   1.00 27.33 ? 27  ARG A CA  1 
ATOM   208  C  C   . ARG A 1 30  ? -3.078  16.694  5.940   1.00 26.81 ? 27  ARG A C   1 
ATOM   209  O  O   . ARG A 1 30  ? -3.049  17.816  6.419   1.00 27.49 ? 27  ARG A O   1 
ATOM   210  C  CB  . ARG A 1 30  ? -5.282  16.010  5.091   1.00 29.57 ? 27  ARG A CB  1 
ATOM   211  C  CG  . ARG A 1 30  ? -6.294  15.982  3.995   1.00 35.85 ? 27  ARG A CG  1 
ATOM   212  C  CD  . ARG A 1 30  ? -7.683  15.803  4.591   1.00 41.31 ? 27  ARG A CD  1 
ATOM   213  N  NE  . ARG A 1 30  ? -8.566  15.107  3.662   1.00 47.27 ? 27  ARG A NE  1 
ATOM   214  C  CZ  . ARG A 1 30  ? -8.730  13.787  3.625   1.00 48.26 ? 27  ARG A CZ  1 
ATOM   215  N  NH1 . ARG A 1 30  ? -8.079  12.997  4.471   1.00 48.86 ? 27  ARG A NH1 1 
ATOM   216  N  NH2 . ARG A 1 30  ? -9.547  13.256  2.729   1.00 49.56 ? 27  ARG A NH2 1 
ATOM   217  N  N   . GLU A 1 31  ? -2.472  15.656  6.506   1.00 27.14 ? 28  GLU A N   1 
ATOM   218  C  CA  . GLU A 1 31  ? -1.672  15.810  7.720   1.00 28.22 ? 28  GLU A CA  1 
ATOM   219  C  C   . GLU A 1 31  ? -0.358  16.484  7.374   1.00 26.82 ? 28  GLU A C   1 
ATOM   220  O  O   . GLU A 1 31  ? 0.459   16.729  8.257   1.00 26.83 ? 28  GLU A O   1 
ATOM   221  C  CB  . GLU A 1 31  ? -1.368  14.450  8.362   1.00 31.81 ? 28  GLU A CB  1 
ATOM   222  C  CG  . GLU A 1 31  ? -2.535  13.823  9.084   1.00 37.46 ? 28  GLU A CG  1 
ATOM   223  C  CD  . GLU A 1 31  ? -3.048  14.712  10.193  1.00 41.21 ? 28  GLU A CD  1 
ATOM   224  O  OE1 . GLU A 1 31  ? -2.301  14.938  11.173  1.00 42.63 ? 28  GLU A OE1 1 
ATOM   225  O  OE2 . GLU A 1 31  ? -4.195  15.194  10.072  1.00 43.64 ? 28  GLU A OE2 1 
ATOM   226  N  N   . GLY A 1 32  ? -0.150  16.763  6.086   1.00 25.66 ? 29  GLY A N   1 
ATOM   227  C  CA  . GLY A 1 32  ? 1.085   17.395  5.659   1.00 24.37 ? 29  GLY A CA  1 
ATOM   228  C  C   . GLY A 1 32  ? 2.276   16.452  5.510   1.00 24.70 ? 29  GLY A C   1 
ATOM   229  O  O   . GLY A 1 32  ? 3.414   16.908  5.404   1.00 25.16 ? 29  GLY A O   1 
ATOM   230  N  N   . TRP A 1 33  ? 2.035   15.144  5.489   1.00 24.26 ? 30  TRP A N   1 
ATOM   231  C  CA  . TRP A 1 33  ? 3.133   14.189  5.342   1.00 24.33 ? 30  TRP A CA  1 
ATOM   232  C  C   . TRP A 1 33  ? 3.692   14.158  3.909   1.00 24.38 ? 30  TRP A C   1 
ATOM   233  O  O   . TRP A 1 33  ? 3.001   14.516  2.945   1.00 23.41 ? 30  TRP A O   1 
ATOM   234  C  CB  . TRP A 1 33  ? 2.670   12.779  5.720   1.00 25.10 ? 30  TRP A CB  1 
ATOM   235  C  CG  . TRP A 1 33  ? 2.326   12.596  7.183   1.00 27.50 ? 30  TRP A CG  1 
ATOM   236  C  CD1 . TRP A 1 33  ? 2.416   13.535  8.180   1.00 27.66 ? 30  TRP A CD1 1 
ATOM   237  C  CD2 . TRP A 1 33  ? 1.848   11.397  7.802   1.00 28.77 ? 30  TRP A CD2 1 
ATOM   238  N  NE1 . TRP A 1 33  ? 2.021   12.988  9.382   1.00 28.68 ? 30  TRP A NE1 1 
ATOM   239  C  CE2 . TRP A 1 33  ? 1.666   11.678  9.179   1.00 29.70 ? 30  TRP A CE2 1 
ATOM   240  C  CE3 . TRP A 1 33  ? 1.554   10.107  7.330   1.00 30.75 ? 30  TRP A CE3 1 
ATOM   241  C  CZ2 . TRP A 1 33  ? 1.200   10.716  10.089  1.00 30.11 ? 30  TRP A CZ2 1 
ATOM   242  C  CZ3 . TRP A 1 33  ? 1.088   9.148   8.237   1.00 30.40 ? 30  TRP A CZ3 1 
ATOM   243  C  CH2 . TRP A 1 33  ? 0.918   9.464   9.603   1.00 30.56 ? 30  TRP A CH2 1 
ATOM   244  N  N   . ARG A 1 34  ? 4.953   13.738  3.792   1.00 23.55 ? 31  ARG A N   1 
ATOM   245  C  CA  . ARG A 1 34  ? 5.625   13.591  2.501   1.00 23.11 ? 31  ARG A CA  1 
ATOM   246  C  C   . ARG A 1 34  ? 5.359   12.121  2.171   1.00 23.34 ? 31  ARG A C   1 
ATOM   247  O  O   . ARG A 1 34  ? 5.900   11.216  2.828   1.00 23.06 ? 31  ARG A O   1 
ATOM   248  C  CB  . ARG A 1 34  ? 7.127   13.885  2.647   1.00 22.78 ? 31  ARG A CB  1 
ATOM   249  C  CG  . ARG A 1 34  ? 7.442   15.375  2.959   1.00 24.15 ? 31  ARG A CG  1 
ATOM   250  C  CD  . ARG A 1 34  ? 8.959   15.612  3.131   1.00 24.92 ? 31  ARG A CD  1 
ATOM   251  N  NE  . ARG A 1 34  ? 9.709   15.236  1.930   1.00 26.39 ? 31  ARG A NE  1 
ATOM   252  C  CZ  . ARG A 1 34  ? 9.666   15.906  0.778   1.00 26.98 ? 31  ARG A CZ  1 
ATOM   253  N  NH1 . ARG A 1 34  ? 8.913   16.995  0.670   1.00 27.69 ? 31  ARG A NH1 1 
ATOM   254  N  NH2 . ARG A 1 34  ? 10.366  15.485  -0.271  1.00 25.16 ? 31  ARG A NH2 1 
ATOM   255  N  N   . VAL A 1 35  ? 4.515   11.889  1.165   1.00 22.05 ? 32  VAL A N   1 
ATOM   256  C  CA  . VAL A 1 35  ? 4.108   10.531  0.796   1.00 20.27 ? 32  VAL A CA  1 
ATOM   257  C  C   . VAL A 1 35  ? 4.613   10.038  -0.550  1.00 20.78 ? 32  VAL A C   1 
ATOM   258  O  O   . VAL A 1 35  ? 4.753   10.821  -1.498  1.00 20.16 ? 32  VAL A O   1 
ATOM   259  C  CB  . VAL A 1 35  ? 2.553   10.424  0.752   1.00 20.43 ? 32  VAL A CB  1 
ATOM   260  C  CG1 . VAL A 1 35  ? 2.115   8.988   0.377   1.00 18.86 ? 32  VAL A CG1 1 
ATOM   261  C  CG2 . VAL A 1 35  ? 1.970   10.836  2.100   1.00 19.46 ? 32  VAL A CG2 1 
ATOM   262  N  N   . GLY A 1 36  ? 4.879   8.736   -0.623  1.00 20.55 ? 33  GLY A N   1 
ATOM   263  C  CA  . GLY A 1 36  ? 5.297   8.128   -1.873  1.00 20.80 ? 33  GLY A CA  1 
ATOM   264  C  C   . GLY A 1 36  ? 4.403   6.919   -2.100  1.00 21.82 ? 33  GLY A C   1 
ATOM   265  O  O   . GLY A 1 36  ? 3.946   6.323   -1.128  1.00 22.31 ? 33  GLY A O   1 
ATOM   266  N  N   . THR A 1 37  ? 4.092   6.576   -3.350  1.00 22.18 ? 34  THR A N   1 
ATOM   267  C  CA  . THR A 1 37  ? 3.300   5.372   -3.607  1.00 23.18 ? 34  THR A CA  1 
ATOM   268  C  C   . THR A 1 37  ? 3.995   4.549   -4.684  1.00 24.13 ? 34  THR A C   1 
ATOM   269  O  O   . THR A 1 37  ? 4.710   5.099   -5.518  1.00 23.65 ? 34  THR A O   1 
ATOM   270  C  CB  . THR A 1 37  ? 1.847   5.676   -4.086  1.00 22.77 ? 34  THR A CB  1 
ATOM   271  O  OG1 . THR A 1 37  ? 1.881   6.420   -5.311  1.00 23.04 ? 34  THR A OG1 1 
ATOM   272  C  CG2 . THR A 1 37  ? 1.085   6.475   -3.015  1.00 23.11 ? 34  THR A CG2 1 
ATOM   273  N  N   . VAL A 1 38  ? 3.795   3.233   -4.636  1.00 24.80 ? 35  VAL A N   1 
ATOM   274  C  CA  . VAL A 1 38  ? 4.358   2.300   -5.619  1.00 25.26 ? 35  VAL A CA  1 
ATOM   275  C  C   . VAL A 1 38  ? 3.239   1.322   -5.968  1.00 27.54 ? 35  VAL A C   1 
ATOM   276  O  O   . VAL A 1 38  ? 2.572   0.775   -5.079  1.00 26.91 ? 35  VAL A O   1 
ATOM   277  C  CB  . VAL A 1 38  ? 5.588   1.489   -5.048  1.00 24.02 ? 35  VAL A CB  1 
ATOM   278  C  CG1 . VAL A 1 38  ? 6.204   0.616   -6.142  1.00 21.70 ? 35  VAL A CG1 1 
ATOM   279  C  CG2 . VAL A 1 38  ? 6.650   2.445   -4.479  1.00 22.89 ? 35  VAL A CG2 1 
ATOM   280  N  N   . LYS A 1 39  ? 3.001   1.130   -7.259  1.00 31.06 ? 36  LYS A N   1 
ATOM   281  C  CA  . LYS A 1 39  ? 1.972   0.202   -7.718  1.00 36.12 ? 36  LYS A CA  1 
ATOM   282  C  C   . LYS A 1 39  ? 2.557   -0.661  -8.825  1.00 39.49 ? 36  LYS A C   1 
ATOM   283  O  O   . LYS A 1 39  ? 3.261   -0.159  -9.712  1.00 38.67 ? 36  LYS A O   1 
ATOM   284  C  CB  . LYS A 1 39  ? 0.751   0.948   -8.274  1.00 36.45 ? 36  LYS A CB  1 
ATOM   285  C  CG  . LYS A 1 39  ? 0.090   1.899   -7.291  1.00 41.05 ? 36  LYS A CG  1 
ATOM   286  C  CD  . LYS A 1 39  ? -1.120  2.603   -7.913  1.00 43.42 ? 36  LYS A CD  1 
ATOM   287  C  CE  . LYS A 1 39  ? -1.695  3.646   -6.954  1.00 45.26 ? 36  LYS A CE  1 
ATOM   288  N  NZ  . LYS A 1 39  ? -2.867  4.386   -7.502  1.00 46.60 ? 36  LYS A NZ  1 
ATOM   289  N  N   . HIS A 1 40  ? 2.263   -1.957  -8.770  1.00 44.61 ? 37  HIS A N   1 
ATOM   290  C  CA  . HIS A 1 40  ? 2.732   -2.883  -9.787  1.00 49.98 ? 37  HIS A CA  1 
ATOM   291  C  C   . HIS A 1 40  ? 1.683   -2.884  -10.901 1.00 52.50 ? 37  HIS A C   1 
ATOM   292  O  O   . HIS A 1 40  ? 0.558   -3.340  -10.705 1.00 53.38 ? 37  HIS A O   1 
ATOM   293  C  CB  . HIS A 1 40  ? 2.910   -4.273  -9.179  1.00 52.02 ? 37  HIS A CB  1 
ATOM   294  C  CG  . HIS A 1 40  ? 3.881   -5.133  -9.923  1.00 55.41 ? 37  HIS A CG  1 
ATOM   295  N  ND1 . HIS A 1 40  ? 3.544   -5.820  -11.069 1.00 56.86 ? 37  HIS A ND1 1 
ATOM   296  C  CD2 . HIS A 1 40  ? 5.195   -5.383  -9.706  1.00 56.93 ? 37  HIS A CD2 1 
ATOM   297  C  CE1 . HIS A 1 40  ? 4.609   -6.455  -11.527 1.00 57.90 ? 37  HIS A CE1 1 
ATOM   298  N  NE2 . HIS A 1 40  ? 5.623   -6.206  -10.719 1.00 58.81 ? 37  HIS A NE2 1 
ATOM   299  N  N   . HIS A 1 41  ? 2.079   -2.348  -12.057 1.00 56.14 ? 38  HIS A N   1 
ATOM   300  C  CA  . HIS A 1 41  ? 1.252   -2.192  -13.261 1.00 58.42 ? 38  HIS A CA  1 
ATOM   301  C  C   . HIS A 1 41  ? -0.177  -2.690  -13.213 1.00 59.29 ? 38  HIS A C   1 
ATOM   302  O  O   . HIS A 1 41  ? -0.961  -2.384  -14.114 1.00 59.94 ? 38  HIS A O   1 
ATOM   303  C  CB  . HIS A 1 41  ? 1.945   -2.807  -14.484 1.00 60.89 ? 38  HIS A CB  1 
ATOM   304  C  CG  . HIS A 1 41  ? 1.902   -4.304  -14.525 1.00 64.28 ? 38  HIS A CG  1 
ATOM   305  N  ND1 . HIS A 1 41  ? 2.581   -5.097  -13.626 1.00 65.92 ? 38  HIS A ND1 1 
ATOM   306  C  CD2 . HIS A 1 41  ? 1.277   -5.153  -15.377 1.00 65.64 ? 38  HIS A CD2 1 
ATOM   307  C  CE1 . HIS A 1 41  ? 2.380   -6.368  -13.922 1.00 66.80 ? 38  HIS A CE1 1 
ATOM   308  N  NE2 . HIS A 1 41  ? 1.591   -6.431  -14.981 1.00 66.40 ? 38  HIS A NE2 1 
ATOM   309  N  N   . GLY A 1 62  ? 13.267  2.716   -27.940 1.00 29.16 ? 59  GLY A N   1 
ATOM   310  C  CA  . GLY A 1 62  ? 14.254  1.811   -27.378 1.00 28.82 ? 59  GLY A CA  1 
ATOM   311  C  C   . GLY A 1 62  ? 15.248  2.456   -26.425 1.00 28.68 ? 59  GLY A C   1 
ATOM   312  O  O   . GLY A 1 62  ? 16.258  1.848   -26.049 1.00 29.74 ? 59  GLY A O   1 
ATOM   313  N  N   . ALA A 1 63  ? 14.988  3.698   -26.039 1.00 27.81 ? 60  ALA A N   1 
ATOM   314  C  CA  . ALA A 1 63  ? 15.867  4.378   -25.095 1.00 27.25 ? 60  ALA A CA  1 
ATOM   315  C  C   . ALA A 1 63  ? 15.768  3.644   -23.758 1.00 26.80 ? 60  ALA A C   1 
ATOM   316  O  O   . ALA A 1 63  ? 14.723  3.084   -23.435 1.00 28.49 ? 60  ALA A O   1 
ATOM   317  C  CB  . ALA A 1 63  ? 15.435  5.827   -24.917 1.00 26.02 ? 60  ALA A CB  1 
ATOM   318  N  N   . VAL A 1 64  ? 16.850  3.635   -22.991 1.00 26.07 ? 61  VAL A N   1 
ATOM   319  C  CA  . VAL A 1 64  ? 16.846  2.986   -21.684 1.00 26.00 ? 61  VAL A CA  1 
ATOM   320  C  C   . VAL A 1 64  ? 16.146  3.889   -20.661 1.00 25.95 ? 61  VAL A C   1 
ATOM   321  O  O   . VAL A 1 64  ? 15.456  3.399   -19.756 1.00 25.25 ? 61  VAL A O   1 
ATOM   322  C  CB  . VAL A 1 64  ? 18.288  2.706   -21.180 1.00 26.24 ? 61  VAL A CB  1 
ATOM   323  C  CG1 . VAL A 1 64  ? 18.256  2.256   -19.733 1.00 27.00 ? 61  VAL A CG1 1 
ATOM   324  C  CG2 . VAL A 1 64  ? 18.951  1.630   -22.044 1.00 27.30 ? 61  VAL A CG2 1 
ATOM   325  N  N   . ALA A 1 65  ? 16.307  5.204   -20.821 1.00 25.59 ? 62  ALA A N   1 
ATOM   326  C  CA  . ALA A 1 65  ? 15.705  6.171   -19.899 1.00 23.97 ? 62  ALA A CA  1 
ATOM   327  C  C   . ALA A 1 65  ? 15.240  7.463   -20.561 1.00 24.50 ? 62  ALA A C   1 
ATOM   328  O  O   . ALA A 1 65  ? 15.936  8.024   -21.426 1.00 25.30 ? 62  ALA A O   1 
ATOM   329  C  CB  . ALA A 1 65  ? 16.706  6.513   -18.790 1.00 21.22 ? 62  ALA A CB  1 
ATOM   330  N  N   . THR A 1 66  ? 14.059  7.931   -20.165 1.00 23.17 ? 63  THR A N   1 
ATOM   331  C  CA  . THR A 1 66  ? 13.553  9.197   -20.667 1.00 23.13 ? 63  THR A CA  1 
ATOM   332  C  C   . THR A 1 66  ? 13.065  9.992   -19.456 1.00 23.60 ? 63  THR A C   1 
ATOM   333  O  O   . THR A 1 66  ? 12.602  9.419   -18.457 1.00 23.57 ? 63  THR A O   1 
ATOM   334  C  CB  . THR A 1 66  ? 12.389  9.008   -21.664 1.00 23.11 ? 63  THR A CB  1 
ATOM   335  O  OG1 . THR A 1 66  ? 11.275  8.395   -20.994 1.00 26.27 ? 63  THR A OG1 1 
ATOM   336  C  CG2 . THR A 1 66  ? 12.833  8.111   -22.828 1.00 21.67 ? 63  THR A CG2 1 
ATOM   337  N  N   . ALA A 1 67  ? 13.185  11.308  -19.535 1.00 23.57 ? 64  ALA A N   1 
ATOM   338  C  CA  . ALA A 1 67  ? 12.755  12.170  -18.451 1.00 23.97 ? 64  ALA A CA  1 
ATOM   339  C  C   . ALA A 1 67  ? 12.258  13.478  -19.029 1.00 25.36 ? 64  ALA A C   1 
ATOM   340  O  O   . ALA A 1 67  ? 12.887  14.068  -19.927 1.00 25.46 ? 64  ALA A O   1 
ATOM   341  C  CB  . ALA A 1 67  ? 13.915  12.437  -17.489 1.00 23.24 ? 64  ALA A CB  1 
ATOM   342  N  N   . VAL A 1 68  ? 11.113  13.918  -18.531 1.00 26.71 ? 65  VAL A N   1 
ATOM   343  C  CA  . VAL A 1 68  ? 10.531  15.184  -18.948 1.00 28.22 ? 65  VAL A CA  1 
ATOM   344  C  C   . VAL A 1 68  ? 10.354  15.941  -17.648 1.00 30.19 ? 65  VAL A C   1 
ATOM   345  O  O   . VAL A 1 68  ? 9.751   15.412  -16.705 1.00 30.81 ? 65  VAL A O   1 
ATOM   346  C  CB  . VAL A 1 68  ? 9.154   14.996  -19.606 1.00 27.94 ? 65  VAL A CB  1 
ATOM   347  C  CG1 . VAL A 1 68  ? 8.581   16.369  -19.970 1.00 27.64 ? 65  VAL A CG1 1 
ATOM   348  C  CG2 . VAL A 1 68  ? 9.274   14.108  -20.835 1.00 26.58 ? 65  VAL A CG2 1 
ATOM   349  N  N   . GLU A 1 69  ? 10.877  17.163  -17.584 1.00 31.73 ? 66  GLU A N   1 
ATOM   350  C  CA  . GLU A 1 69  ? 10.798  17.951  -16.364 1.00 35.49 ? 66  GLU A CA  1 
ATOM   351  C  C   . GLU A 1 69  ? 10.201  19.338  -16.568 1.00 36.79 ? 66  GLU A C   1 
ATOM   352  O  O   . GLU A 1 69  ? 10.451  19.995  -17.581 1.00 36.11 ? 66  GLU A O   1 
ATOM   353  C  CB  . GLU A 1 69  ? 12.194  18.094  -15.751 1.00 37.82 ? 66  GLU A CB  1 
ATOM   354  C  CG  . GLU A 1 69  ? 12.224  18.672  -14.341 1.00 44.39 ? 66  GLU A CG  1 
ATOM   355  C  CD  . GLU A 1 69  ? 11.841  20.154  -14.264 1.00 47.49 ? 66  GLU A CD  1 
ATOM   356  O  OE1 . GLU A 1 69  ? 12.405  20.957  -15.036 1.00 48.41 ? 66  GLU A OE1 1 
ATOM   357  O  OE2 . GLU A 1 69  ? 10.978  20.511  -13.418 1.00 48.96 ? 66  GLU A OE2 1 
ATOM   358  N  N   . GLY A 1 70  ? 9.421   19.773  -15.582 1.00 37.88 ? 67  GLY A N   1 
ATOM   359  C  CA  . GLY A 1 70  ? 8.815   21.085  -15.638 1.00 39.24 ? 67  GLY A CA  1 
ATOM   360  C  C   . GLY A 1 70  ? 8.035   21.410  -14.380 1.00 41.14 ? 67  GLY A C   1 
ATOM   361  O  O   . GLY A 1 70  ? 7.331   20.553  -13.835 1.00 41.38 ? 67  GLY A O   1 
ATOM   362  N  N   . ASP A 1 71  ? 8.189   22.638  -13.893 1.00 42.82 ? 68  ASP A N   1 
ATOM   363  C  CA  . ASP A 1 71  ? 7.453   23.104  -12.716 1.00 43.13 ? 68  ASP A CA  1 
ATOM   364  C  C   . ASP A 1 71  ? 7.636   22.282  -11.432 1.00 40.38 ? 68  ASP A C   1 
ATOM   365  O  O   . ASP A 1 71  ? 6.700   22.173  -10.647 1.00 40.95 ? 68  ASP A O   1 
ATOM   366  C  CB  . ASP A 1 71  ? 5.953   23.151  -13.048 1.00 47.81 ? 68  ASP A CB  1 
ATOM   367  C  CG  . ASP A 1 71  ? 5.665   23.774  -14.414 1.00 52.75 ? 68  ASP A CG  1 
ATOM   368  O  OD1 . ASP A 1 71  ? 5.832   25.006  -14.565 1.00 55.38 ? 68  ASP A OD1 1 
ATOM   369  O  OD2 . ASP A 1 71  ? 5.273   23.027  -15.340 1.00 54.47 ? 68  ASP A OD2 1 
ATOM   370  N  N   . GLY A 1 72  ? 8.814   21.711  -11.202 1.00 36.86 ? 69  GLY A N   1 
ATOM   371  C  CA  . GLY A 1 72  ? 9.003   20.921  -9.993  1.00 33.40 ? 69  GLY A CA  1 
ATOM   372  C  C   . GLY A 1 72  ? 8.609   19.456  -10.152 1.00 31.10 ? 69  GLY A C   1 
ATOM   373  O  O   . GLY A 1 72  ? 8.890   18.616  -9.290  1.00 29.51 ? 69  GLY A O   1 
ATOM   374  N  N   . LEU A 1 73  ? 7.956   19.145  -11.265 1.00 30.15 ? 70  LEU A N   1 
ATOM   375  C  CA  . LEU A 1 73  ? 7.542   17.773  -11.537 1.00 30.50 ? 70  LEU A CA  1 
ATOM   376  C  C   . LEU A 1 73  ? 8.472   17.059  -12.521 1.00 28.95 ? 70  LEU A C   1 
ATOM   377  O  O   . LEU A 1 73  ? 8.606   17.487  -13.660 1.00 29.37 ? 70  LEU A O   1 
ATOM   378  C  CB  . LEU A 1 73  ? 6.129   17.744  -12.108 1.00 31.35 ? 70  LEU A CB  1 
ATOM   379  C  CG  . LEU A 1 73  ? 5.741   16.344  -12.607 1.00 34.22 ? 70  LEU A CG  1 
ATOM   380  C  CD1 . LEU A 1 73  ? 5.901   15.317  -11.477 1.00 33.61 ? 70  LEU A CD1 1 
ATOM   381  C  CD2 . LEU A 1 73  ? 4.312   16.361  -13.104 1.00 35.53 ? 70  LEU A CD2 1 
ATOM   382  N  N   . LEU A 1 74  ? 9.112   15.978  -12.076 1.00 26.83 ? 71  LEU A N   1 
ATOM   383  C  CA  . LEU A 1 74  ? 10.001  15.205  -12.946 1.00 23.89 ? 71  LEU A CA  1 
ATOM   384  C  C   . LEU A 1 74  ? 9.331   13.885  -13.291 1.00 24.72 ? 71  LEU A C   1 
ATOM   385  O  O   . LEU A 1 74  ? 8.982   13.096  -12.409 1.00 24.75 ? 71  LEU A O   1 
ATOM   386  C  CB  . LEU A 1 74  ? 11.341  14.933  -12.266 1.00 21.70 ? 71  LEU A CB  1 
ATOM   387  C  CG  . LEU A 1 74  ? 12.233  13.838  -12.901 1.00 21.78 ? 71  LEU A CG  1 
ATOM   388  C  CD1 . LEU A 1 74  ? 12.648  14.219  -14.319 1.00 21.47 ? 71  LEU A CD1 1 
ATOM   389  C  CD2 . LEU A 1 74  ? 13.462  13.634  -12.046 1.00 18.66 ? 71  LEU A CD2 1 
ATOM   390  N  N   . GLN A 1 75  ? 9.136   13.659  -14.581 1.00 25.83 ? 72  GLN A N   1 
ATOM   391  C  CA  . GLN A 1 75  ? 8.527   12.433  -15.067 1.00 27.26 ? 72  GLN A CA  1 
ATOM   392  C  C   . GLN A 1 75  ? 9.628   11.556  -15.664 1.00 27.27 ? 72  GLN A C   1 
ATOM   393  O  O   . GLN A 1 75  ? 10.365  11.994  -16.556 1.00 28.08 ? 72  GLN A O   1 
ATOM   394  C  CB  . GLN A 1 75  ? 7.492   12.755  -16.126 1.00 28.98 ? 72  GLN A CB  1 
ATOM   395  C  CG  . GLN A 1 75  ? 6.995   11.540  -16.861 1.00 35.21 ? 72  GLN A CG  1 
ATOM   396  C  CD  . GLN A 1 75  ? 5.994   11.903  -17.941 1.00 38.94 ? 72  GLN A CD  1 
ATOM   397  O  OE1 . GLN A 1 75  ? 4.953   12.512  -17.655 1.00 41.40 ? 72  GLN A OE1 1 
ATOM   398  N  NE2 . GLN A 1 75  ? 6.298   11.528  -19.188 1.00 38.23 ? 72  GLN A NE2 1 
ATOM   399  N  N   . LEU A 1 76  ? 9.729   10.326  -15.170 1.00 27.15 ? 73  LEU A N   1 
ATOM   400  C  CA  . LEU A 1 76  ? 10.748  9.382   -15.606 1.00 28.24 ? 73  LEU A CA  1 
ATOM   401  C  C   . LEU A 1 76  ? 10.193  8.042   -16.079 1.00 29.43 ? 73  LEU A C   1 
ATOM   402  O  O   . LEU A 1 76  ? 9.216   7.517   -15.515 1.00 29.97 ? 73  LEU A O   1 
ATOM   403  C  CB  . LEU A 1 76  ? 11.719  9.097   -14.452 1.00 28.66 ? 73  LEU A CB  1 
ATOM   404  C  CG  . LEU A 1 76  ? 12.636  10.188  -13.882 1.00 29.44 ? 73  LEU A CG  1 
ATOM   405  C  CD1 . LEU A 1 76  ? 13.144  9.778   -12.495 1.00 30.52 ? 73  LEU A CD1 1 
ATOM   406  C  CD2 . LEU A 1 76  ? 13.806  10.410  -14.815 1.00 27.95 ? 73  LEU A CD2 1 
ATOM   407  N  N   . HIS A 1 77  ? 10.833  7.493   -17.111 1.00 29.52 ? 74  HIS A N   1 
ATOM   408  C  CA  . HIS A 1 77  ? 10.492  6.178   -17.653 1.00 30.36 ? 74  HIS A CA  1 
ATOM   409  C  C   . HIS A 1 77  ? 11.849  5.471   -17.728 1.00 29.84 ? 74  HIS A C   1 
ATOM   410  O  O   . HIS A 1 77  ? 12.717  5.854   -18.524 1.00 30.71 ? 74  HIS A O   1 
ATOM   411  C  CB  . HIS A 1 77  ? 9.848   6.312   -19.036 1.00 32.45 ? 74  HIS A CB  1 
ATOM   412  C  CG  . HIS A 1 77  ? 8.413   6.743   -18.986 1.00 36.58 ? 74  HIS A CG  1 
ATOM   413  N  ND1 . HIS A 1 77  ? 7.381   5.864   -18.734 1.00 39.41 ? 74  HIS A ND1 1 
ATOM   414  C  CD2 . HIS A 1 77  ? 7.844   7.967   -19.088 1.00 38.40 ? 74  HIS A CD2 1 
ATOM   415  C  CE1 . HIS A 1 77  ? 6.239   6.529   -18.682 1.00 39.69 ? 74  HIS A CE1 1 
ATOM   416  N  NE2 . HIS A 1 77  ? 6.493   7.808   -18.891 1.00 38.06 ? 74  HIS A NE2 1 
ATOM   417  N  N   . LEU A 1 78  ? 12.042  4.466   -16.881 1.00 28.23 ? 75  LEU A N   1 
ATOM   418  C  CA  . LEU A 1 78  ? 13.311  3.764   -16.813 1.00 29.28 ? 75  LEU A CA  1 
ATOM   419  C  C   . LEU A 1 78  ? 13.128  2.276   -17.097 1.00 30.71 ? 75  LEU A C   1 
ATOM   420  O  O   . LEU A 1 78  ? 12.246  1.636   -16.521 1.00 31.64 ? 75  LEU A O   1 
ATOM   421  C  CB  . LEU A 1 78  ? 13.930  3.956   -15.423 1.00 27.95 ? 75  LEU A CB  1 
ATOM   422  C  CG  . LEU A 1 78  ? 14.006  5.392   -14.868 1.00 27.38 ? 75  LEU A CG  1 
ATOM   423  C  CD1 . LEU A 1 78  ? 14.524  5.364   -13.444 1.00 25.51 ? 75  LEU A CD1 1 
ATOM   424  C  CD2 . LEU A 1 78  ? 14.915  6.257   -15.733 1.00 27.44 ? 75  LEU A CD2 1 
ATOM   425  N  N   . ARG A 1 79  ? 13.965  1.728   -17.972 1.00 32.34 ? 76  ARG A N   1 
ATOM   426  C  CA  . ARG A 1 79  ? 13.866  0.323   -18.332 1.00 34.00 ? 76  ARG A CA  1 
ATOM   427  C  C   . ARG A 1 79  ? 14.984  -0.504  -17.710 1.00 34.10 ? 76  ARG A C   1 
ATOM   428  O  O   . ARG A 1 79  ? 16.128  -0.065  -17.610 1.00 32.63 ? 76  ARG A O   1 
ATOM   429  C  CB  . ARG A 1 79  ? 13.879  0.158   -19.860 1.00 35.98 ? 76  ARG A CB  1 
ATOM   430  C  CG  . ARG A 1 79  ? 13.465  -1.247  -20.324 1.00 42.54 ? 76  ARG A CG  1 
ATOM   431  C  CD  . ARG A 1 79  ? 13.449  -1.388  -21.851 1.00 45.41 ? 76  ARG A CD  1 
ATOM   432  N  NE  . ARG A 1 79  ? 14.770  -1.740  -22.378 1.00 48.36 ? 76  ARG A NE  1 
ATOM   433  C  CZ  . ARG A 1 79  ? 15.367  -1.113  -23.388 1.00 48.06 ? 76  ARG A CZ  1 
ATOM   434  N  NH1 . ARG A 1 79  ? 14.766  -0.091  -23.992 1.00 46.65 ? 76  ARG A NH1 1 
ATOM   435  N  NH2 . ARG A 1 79  ? 16.566  -1.511  -23.792 1.00 47.15 ? 76  ARG A NH2 1 
ATOM   436  N  N   . ARG A 1 80  ? 14.631  -1.715  -17.291 1.00 35.17 ? 77  ARG A N   1 
ATOM   437  C  CA  . ARG A 1 80  ? 15.566  -2.644  -16.667 1.00 35.13 ? 77  ARG A CA  1 
ATOM   438  C  C   . ARG A 1 80  ? 14.979  -4.030  -16.919 1.00 34.26 ? 77  ARG A C   1 
ATOM   439  O  O   . ARG A 1 80  ? 13.766  -4.165  -17.096 1.00 33.69 ? 77  ARG A O   1 
ATOM   440  C  CB  . ARG A 1 80  ? 15.618  -2.399  -15.163 1.00 36.41 ? 77  ARG A CB  1 
ATOM   441  C  CG  . ARG A 1 80  ? 16.994  -2.204  -14.582 1.00 41.15 ? 77  ARG A CG  1 
ATOM   442  C  CD  . ARG A 1 80  ? 16.944  -2.395  -13.070 1.00 45.17 ? 77  ARG A CD  1 
ATOM   443  N  NE  . ARG A 1 80  ? 18.181  -1.985  -12.410 1.00 49.94 ? 77  ARG A NE  1 
ATOM   444  C  CZ  . ARG A 1 80  ? 18.639  -0.736  -12.409 1.00 51.27 ? 77  ARG A CZ  1 
ATOM   445  N  NH1 . ARG A 1 80  ? 17.959  0.211   -13.034 1.00 53.29 ? 77  ARG A NH1 1 
ATOM   446  N  NH2 . ARG A 1 80  ? 19.768  -0.431  -11.783 1.00 51.08 ? 77  ARG A NH2 1 
ATOM   447  N  N   . PRO A 1 81  ? 15.821  -5.076  -16.958 1.00 33.96 ? 78  PRO A N   1 
ATOM   448  C  CA  . PRO A 1 81  ? 15.231  -6.398  -17.193 1.00 34.34 ? 78  PRO A CA  1 
ATOM   449  C  C   . PRO A 1 81  ? 14.127  -6.636  -16.146 1.00 34.11 ? 78  PRO A C   1 
ATOM   450  O  O   . PRO A 1 81  ? 13.013  -7.054  -16.483 1.00 33.90 ? 78  PRO A O   1 
ATOM   451  C  CB  . PRO A 1 81  ? 16.425  -7.350  -17.033 1.00 34.50 ? 78  PRO A CB  1 
ATOM   452  C  CG  . PRO A 1 81  ? 17.590  -6.500  -17.491 1.00 35.21 ? 78  PRO A CG  1 
ATOM   453  C  CD  . PRO A 1 81  ? 17.291  -5.147  -16.865 1.00 34.39 ? 78  PRO A CD  1 
ATOM   454  N  N   . LEU A 1 82  ? 14.432  -6.329  -14.889 1.00 33.40 ? 79  LEU A N   1 
ATOM   455  C  CA  . LEU A 1 82  ? 13.461  -6.493  -13.805 1.00 33.65 ? 79  LEU A CA  1 
ATOM   456  C  C   . LEU A 1 82  ? 13.573  -5.447  -12.687 1.00 32.62 ? 79  LEU A C   1 
ATOM   457  O  O   . LEU A 1 82  ? 14.661  -5.172  -12.203 1.00 33.22 ? 79  LEU A O   1 
ATOM   458  C  CB  . LEU A 1 82  ? 13.605  -7.880  -13.159 1.00 34.39 ? 79  LEU A CB  1 
ATOM   459  C  CG  . LEU A 1 82  ? 12.959  -7.964  -11.767 1.00 34.79 ? 79  LEU A CG  1 
ATOM   460  C  CD1 . LEU A 1 82  ? 11.461  -8.150  -11.934 1.00 34.38 ? 79  LEU A CD1 1 
ATOM   461  C  CD2 . LEU A 1 82  ? 13.555  -9.109  -10.961 1.00 34.96 ? 79  LEU A CD2 1 
ATOM   462  N  N   . TRP A 1 83  ? 12.443  -4.882  -12.274 1.00 31.27 ? 80  TRP A N   1 
ATOM   463  C  CA  . TRP A 1 83  ? 12.436  -3.918  -11.176 1.00 31.16 ? 80  TRP A CA  1 
ATOM   464  C  C   . TRP A 1 83  ? 11.926  -4.564  -9.884  1.00 30.77 ? 80  TRP A C   1 
ATOM   465  O  O   . TRP A 1 83  ? 10.806  -5.050  -9.835  1.00 30.08 ? 80  TRP A O   1 
ATOM   466  C  CB  . TRP A 1 83  ? 11.538  -2.713  -11.491 1.00 31.10 ? 80  TRP A CB  1 
ATOM   467  C  CG  . TRP A 1 83  ? 12.129  -1.757  -12.481 1.00 30.66 ? 80  TRP A CG  1 
ATOM   468  C  CD1 . TRP A 1 83  ? 11.808  -1.635  -13.801 1.00 29.66 ? 80  TRP A CD1 1 
ATOM   469  C  CD2 . TRP A 1 83  ? 13.171  -0.810  -12.228 1.00 30.47 ? 80  TRP A CD2 1 
ATOM   470  N  NE1 . TRP A 1 83  ? 12.589  -0.668  -14.389 1.00 30.06 ? 80  TRP A NE1 1 
ATOM   471  C  CE2 . TRP A 1 83  ? 13.436  -0.147  -13.447 1.00 30.26 ? 80  TRP A CE2 1 
ATOM   472  C  CE3 . TRP A 1 83  ? 13.906  -0.456  -11.093 1.00 31.42 ? 80  TRP A CE3 1 
ATOM   473  C  CZ2 . TRP A 1 83  ? 14.408  0.854   -13.561 1.00 30.74 ? 80  TRP A CZ2 1 
ATOM   474  C  CZ3 . TRP A 1 83  ? 14.876  0.542   -11.204 1.00 32.77 ? 80  TRP A CZ3 1 
ATOM   475  C  CH2 . TRP A 1 83  ? 15.115  1.185   -12.438 1.00 31.84 ? 80  TRP A CH2 1 
ATOM   476  N  N   . ARG A 1 84  ? 12.743  -4.575  -8.842  1.00 31.16 ? 81  ARG A N   1 
ATOM   477  C  CA  . ARG A 1 84  ? 12.289  -5.122  -7.572  1.00 31.92 ? 81  ARG A CA  1 
ATOM   478  C  C   . ARG A 1 84  ? 11.798  -3.946  -6.724  1.00 29.96 ? 81  ARG A C   1 
ATOM   479  O  O   . ARG A 1 84  ? 12.237  -2.812  -6.927  1.00 28.39 ? 81  ARG A O   1 
ATOM   480  C  CB  . ARG A 1 84  ? 13.435  -5.835  -6.860  1.00 35.75 ? 81  ARG A CB  1 
ATOM   481  C  CG  . ARG A 1 84  ? 13.918  -7.072  -7.582  1.00 42.92 ? 81  ARG A CG  1 
ATOM   482  C  CD  . ARG A 1 84  ? 15.250  -7.546  -7.023  1.00 50.20 ? 81  ARG A CD  1 
ATOM   483  N  NE  . ARG A 1 84  ? 15.750  -8.698  -7.770  1.00 57.64 ? 81  ARG A NE  1 
ATOM   484  C  CZ  . ARG A 1 84  ? 15.264  -9.933  -7.662  1.00 60.95 ? 81  ARG A CZ  1 
ATOM   485  N  NH1 . ARG A 1 84  ? 14.262  -10.187 -6.827  1.00 62.55 ? 81  ARG A NH1 1 
ATOM   486  N  NH2 . ARG A 1 84  ? 15.770  -10.913 -8.405  1.00 62.69 ? 81  ARG A NH2 1 
ATOM   487  N  N   . LEU A 1 85  ? 10.898  -4.204  -5.775  1.00 28.60 ? 82  LEU A N   1 
ATOM   488  C  CA  . LEU A 1 85  ? 10.389  -3.117  -4.935  1.00 26.60 ? 82  LEU A CA  1 
ATOM   489  C  C   . LEU A 1 85  ? 11.558  -2.371  -4.306  1.00 25.56 ? 82  LEU A C   1 
ATOM   490  O  O   . LEU A 1 85  ? 11.555  -1.149  -4.269  1.00 23.64 ? 82  LEU A O   1 
ATOM   491  C  CB  . LEU A 1 85  ? 9.453   -3.634  -3.831  1.00 25.36 ? 82  LEU A CB  1 
ATOM   492  C  CG  . LEU A 1 85  ? 9.013   -2.553  -2.826  1.00 24.78 ? 82  LEU A CG  1 
ATOM   493  C  CD1 . LEU A 1 85  ? 8.167   -1.486  -3.539  1.00 22.42 ? 82  LEU A CD1 1 
ATOM   494  C  CD2 . LEU A 1 85  ? 8.212   -3.206  -1.664  1.00 24.32 ? 82  LEU A CD2 1 
ATOM   495  N  N   . ASP A 1 86  ? 12.563  -3.095  -3.817  1.00 26.41 ? 83  ASP A N   1 
ATOM   496  C  CA  . ASP A 1 86  ? 13.709  -2.409  -3.219  1.00 28.11 ? 83  ASP A CA  1 
ATOM   497  C  C   . ASP A 1 86  ? 14.410  -1.463  -4.184  1.00 28.57 ? 83  ASP A C   1 
ATOM   498  O  O   . ASP A 1 86  ? 14.952  -0.450  -3.751  1.00 28.85 ? 83  ASP A O   1 
ATOM   499  C  CB  . ASP A 1 86  ? 14.713  -3.396  -2.618  1.00 31.27 ? 83  ASP A CB  1 
ATOM   500  C  CG  . ASP A 1 86  ? 14.316  -3.832  -1.210  1.00 34.69 ? 83  ASP A CG  1 
ATOM   501  O  OD1 . ASP A 1 86  ? 13.392  -3.203  -0.638  1.00 35.41 ? 83  ASP A OD1 1 
ATOM   502  O  OD2 . ASP A 1 86  ? 14.928  -4.787  -0.674  1.00 36.88 ? 83  ASP A OD2 1 
ATOM   503  N  N   . ASP A 1 87  ? 14.408  -1.760  -5.484  1.00 28.53 ? 84  ASP A N   1 
ATOM   504  C  CA  . ASP A 1 87  ? 15.033  -0.824  -6.420  1.00 29.44 ? 84  ASP A CA  1 
ATOM   505  C  C   . ASP A 1 87  ? 14.271  0.500   -6.384  1.00 30.17 ? 84  ASP A C   1 
ATOM   506  O  O   . ASP A 1 87  ? 14.868  1.579   -6.398  1.00 30.64 ? 84  ASP A O   1 
ATOM   507  C  CB  . ASP A 1 87  ? 14.995  -1.342  -7.850  1.00 30.84 ? 84  ASP A CB  1 
ATOM   508  C  CG  . ASP A 1 87  ? 15.744  -2.629  -8.017  1.00 33.57 ? 84  ASP A CG  1 
ATOM   509  O  OD1 . ASP A 1 87  ? 16.845  -2.771  -7.432  1.00 32.94 ? 84  ASP A OD1 1 
ATOM   510  O  OD2 . ASP A 1 87  ? 15.227  -3.493  -8.748  1.00 36.62 ? 84  ASP A OD2 1 
ATOM   511  N  N   . VAL A 1 88  ? 12.943  0.415   -6.339  1.00 29.76 ? 85  VAL A N   1 
ATOM   512  C  CA  . VAL A 1 88  ? 12.125  1.619   -6.312  1.00 28.07 ? 85  VAL A CA  1 
ATOM   513  C  C   . VAL A 1 88  ? 12.298  2.367   -4.988  1.00 28.28 ? 85  VAL A C   1 
ATOM   514  O  O   . VAL A 1 88  ? 12.498  3.575   -4.985  1.00 28.74 ? 85  VAL A O   1 
ATOM   515  C  CB  . VAL A 1 88  ? 10.621  1.287   -6.545  1.00 26.56 ? 85  VAL A CB  1 
ATOM   516  C  CG1 . VAL A 1 88  ? 9.865   2.541   -6.884  1.00 25.40 ? 85  VAL A CG1 1 
ATOM   517  C  CG2 . VAL A 1 88  ? 10.473  0.279   -7.670  1.00 25.58 ? 85  VAL A CG2 1 
ATOM   518  N  N   . LEU A 1 89  ? 12.243  1.657   -3.865  1.00 28.47 ? 86  LEU A N   1 
ATOM   519  C  CA  . LEU A 1 89  ? 12.404  2.304   -2.567  1.00 28.52 ? 86  LEU A CA  1 
ATOM   520  C  C   . LEU A 1 89  ? 13.768  2.981   -2.419  1.00 29.87 ? 86  LEU A C   1 
ATOM   521  O  O   . LEU A 1 89  ? 13.909  3.928   -1.640  1.00 31.79 ? 86  LEU A O   1 
ATOM   522  C  CB  . LEU A 1 89  ? 12.205  1.299   -1.422  1.00 27.06 ? 86  LEU A CB  1 
ATOM   523  C  CG  . LEU A 1 89  ? 10.828  0.629   -1.310  1.00 26.06 ? 86  LEU A CG  1 
ATOM   524  C  CD1 . LEU A 1 89  ? 10.876  -0.438  -0.229  1.00 25.04 ? 86  LEU A CD1 1 
ATOM   525  C  CD2 . LEU A 1 89  ? 9.752   1.667   -1.006  1.00 25.54 ? 86  LEU A CD2 1 
ATOM   526  N  N   . ALA A 1 90  ? 14.772  2.501   -3.152  1.00 30.39 ? 87  ALA A N   1 
ATOM   527  C  CA  . ALA A 1 90  ? 16.104  3.098   -3.086  1.00 30.51 ? 87  ALA A CA  1 
ATOM   528  C  C   . ALA A 1 90  ? 16.054  4.475   -3.744  1.00 30.71 ? 87  ALA A C   1 
ATOM   529  O  O   . ALA A 1 90  ? 16.749  5.395   -3.319  1.00 31.52 ? 87  ALA A O   1 
ATOM   530  C  CB  . ALA A 1 90  ? 17.131  2.205   -3.792  1.00 29.00 ? 87  ALA A CB  1 
ATOM   531  N  N   . LEU A 1 91  ? 15.228  4.614   -4.778  1.00 30.85 ? 88  LEU A N   1 
ATOM   532  C  CA  . LEU A 1 91  ? 15.077  5.897   -5.458  1.00 32.15 ? 88  LEU A CA  1 
ATOM   533  C  C   . LEU A 1 91  ? 14.273  6.879   -4.601  1.00 32.90 ? 88  LEU A C   1 
ATOM   534  O  O   . LEU A 1 91  ? 14.350  8.087   -4.814  1.00 33.97 ? 88  LEU A O   1 
ATOM   535  C  CB  . LEU A 1 91  ? 14.368  5.726   -6.809  1.00 32.75 ? 88  LEU A CB  1 
ATOM   536  C  CG  . LEU A 1 91  ? 15.061  4.869   -7.874  1.00 34.41 ? 88  LEU A CG  1 
ATOM   537  C  CD1 . LEU A 1 91  ? 14.201  4.791   -9.127  1.00 34.02 ? 88  LEU A CD1 1 
ATOM   538  C  CD2 . LEU A 1 91  ? 16.413  5.472   -8.206  1.00 35.97 ? 88  LEU A CD2 1 
ATOM   539  N  N   . TYR A 1 92  ? 13.508  6.364   -3.638  1.00 32.44 ? 89  TYR A N   1 
ATOM   540  C  CA  . TYR A 1 92  ? 12.682  7.200   -2.755  1.00 32.30 ? 89  TYR A CA  1 
ATOM   541  C  C   . TYR A 1 92  ? 13.442  7.671   -1.528  1.00 33.93 ? 89  TYR A C   1 
ATOM   542  O  O   . TYR A 1 92  ? 13.115  8.702   -0.941  1.00 33.58 ? 89  TYR A O   1 
ATOM   543  C  CB  . TYR A 1 92  ? 11.451  6.416   -2.291  1.00 29.26 ? 89  TYR A CB  1 
ATOM   544  C  CG  . TYR A 1 92  ? 10.318  6.391   -3.291  1.00 27.41 ? 89  TYR A CG  1 
ATOM   545  C  CD1 . TYR A 1 92  ? 10.518  6.793   -4.617  1.00 25.95 ? 89  TYR A CD1 1 
ATOM   546  C  CD2 . TYR A 1 92  ? 9.038   5.974   -2.909  1.00 25.55 ? 89  TYR A CD2 1 
ATOM   547  C  CE1 . TYR A 1 92  ? 9.466   6.784   -5.541  1.00 25.76 ? 89  TYR A CE1 1 
ATOM   548  C  CE2 . TYR A 1 92  ? 7.984   5.960   -3.822  1.00 24.45 ? 89  TYR A CE2 1 
ATOM   549  C  CZ  . TYR A 1 92  ? 8.198   6.368   -5.137  1.00 26.43 ? 89  TYR A CZ  1 
ATOM   550  O  OH  . TYR A 1 92  ? 7.143   6.375   -6.039  1.00 25.82 ? 89  TYR A OH  1 
ATOM   551  N  N   . ALA A 1 93  ? 14.454  6.903   -1.150  1.00 35.88 ? 90  ALA A N   1 
ATOM   552  C  CA  . ALA A 1 93  ? 15.278  7.195   0.014   1.00 37.82 ? 90  ALA A CA  1 
ATOM   553  C  C   . ALA A 1 93  ? 15.719  8.659   0.140   1.00 38.92 ? 90  ALA A C   1 
ATOM   554  O  O   . ALA A 1 93  ? 15.580  9.264   1.204   1.00 40.14 ? 90  ALA A O   1 
ATOM   555  C  CB  . ALA A 1 93  ? 16.504  6.280   0.014   1.00 37.47 ? 90  ALA A CB  1 
ATOM   556  N  N   . PRO A 1 94  ? 16.237  9.249   -0.948  1.00 39.55 ? 91  PRO A N   1 
ATOM   557  C  CA  . PRO A 1 94  ? 16.693  10.645  -0.918  1.00 39.42 ? 91  PRO A CA  1 
ATOM   558  C  C   . PRO A 1 94  ? 15.588  11.697  -0.762  1.00 38.82 ? 91  PRO A C   1 
ATOM   559  O  O   . PRO A 1 94  ? 15.883  12.868  -0.518  1.00 39.44 ? 91  PRO A O   1 
ATOM   560  C  CB  . PRO A 1 94  ? 17.424  10.806  -2.261  1.00 39.79 ? 91  PRO A CB  1 
ATOM   561  C  CG  . PRO A 1 94  ? 17.736  9.377   -2.690  1.00 40.69 ? 91  PRO A CG  1 
ATOM   562  C  CD  . PRO A 1 94  ? 16.496  8.649   -2.266  1.00 39.98 ? 91  PRO A CD  1 
ATOM   563  N  N   . LEU A 1 95  ? 14.326  11.293  -0.894  1.00 37.44 ? 92  LEU A N   1 
ATOM   564  C  CA  . LEU A 1 95  ? 13.222  12.250  -0.798  1.00 35.93 ? 92  LEU A CA  1 
ATOM   565  C  C   . LEU A 1 95  ? 12.605  12.516  0.578   1.00 34.65 ? 92  LEU A C   1 
ATOM   566  O  O   . LEU A 1 95  ? 11.558  13.154  0.664   1.00 34.73 ? 92  LEU A O   1 
ATOM   567  C  CB  . LEU A 1 95  ? 12.119  11.867  -1.785  1.00 36.67 ? 92  LEU A CB  1 
ATOM   568  C  CG  . LEU A 1 95  ? 12.476  11.890  -3.276  1.00 37.52 ? 92  LEU A CG  1 
ATOM   569  C  CD1 . LEU A 1 95  ? 11.347  11.255  -4.059  1.00 36.66 ? 92  LEU A CD1 1 
ATOM   570  C  CD2 . LEU A 1 95  ? 12.724  13.329  -3.753  1.00 37.97 ? 92  LEU A CD2 1 
ATOM   571  N  N   . ARG A 1 96  ? 13.238  12.046  1.649   1.00 34.50 ? 93  ARG A N   1 
ATOM   572  C  CA  . ARG A 1 96  ? 12.732  12.295  3.012   1.00 34.91 ? 93  ARG A CA  1 
ATOM   573  C  C   . ARG A 1 96  ? 11.235  12.035  3.171   1.00 33.47 ? 93  ARG A C   1 
ATOM   574  O  O   . ARG A 1 96  ? 10.519  12.876  3.708   1.00 31.74 ? 93  ARG A O   1 
ATOM   575  C  CB  . ARG A 1 96  ? 12.980  13.754  3.415   1.00 37.59 ? 93  ARG A CB  1 
ATOM   576  C  CG  . ARG A 1 96  ? 14.437  14.192  3.437   1.00 41.42 ? 93  ARG A CG  1 
ATOM   577  C  CD  . ARG A 1 96  ? 14.530  15.704  3.648   1.00 44.34 ? 93  ARG A CD  1 
ATOM   578  N  NE  . ARG A 1 96  ? 13.861  16.444  2.574   1.00 46.50 ? 93  ARG A NE  1 
ATOM   579  C  CZ  . ARG A 1 96  ? 12.881  17.326  2.766   1.00 47.35 ? 93  ARG A CZ  1 
ATOM   580  N  NH1 . ARG A 1 96  ? 12.445  17.589  3.996   1.00 47.38 ? 93  ARG A NH1 1 
ATOM   581  N  NH2 . ARG A 1 96  ? 12.334  17.944  1.727   1.00 47.38 ? 93  ARG A NH2 1 
ATOM   582  N  N   . LEU A 1 97  ? 10.765  10.881  2.712   1.00 32.02 ? 94  LEU A N   1 
ATOM   583  C  CA  . LEU A 1 97  ? 9.350   10.550  2.814   1.00 29.96 ? 94  LEU A CA  1 
ATOM   584  C  C   . LEU A 1 97  ? 8.968   10.075  4.217   1.00 29.22 ? 94  LEU A C   1 
ATOM   585  O  O   . LEU A 1 97  ? 9.756   9.405   4.890   1.00 30.54 ? 94  LEU A O   1 
ATOM   586  C  CB  . LEU A 1 97  ? 8.995   9.480   1.776   1.00 27.67 ? 94  LEU A CB  1 
ATOM   587  C  CG  . LEU A 1 97  ? 9.253   9.907   0.323   1.00 25.78 ? 94  LEU A CG  1 
ATOM   588  C  CD1 . LEU A 1 97  ? 8.914   8.760   -0.627  1.00 24.45 ? 94  LEU A CD1 1 
ATOM   589  C  CD2 . LEU A 1 97  ? 8.426   11.146  -0.007  1.00 23.96 ? 94  LEU A CD2 1 
ATOM   590  N  N   . ASP A 1 98  ? 7.768   10.446  4.653   1.00 27.82 ? 95  ASP A N   1 
ATOM   591  C  CA  . ASP A 1 98  ? 7.254   10.040  5.959   1.00 27.65 ? 95  ASP A CA  1 
ATOM   592  C  C   . ASP A 1 98  ? 6.498   8.720   5.855   1.00 26.10 ? 95  ASP A C   1 
ATOM   593  O  O   . ASP A 1 98  ? 6.364   7.993   6.838   1.00 27.25 ? 95  ASP A O   1 
ATOM   594  C  CB  . ASP A 1 98  ? 6.284   11.092  6.517   1.00 28.43 ? 95  ASP A CB  1 
ATOM   595  C  CG  . ASP A 1 98  ? 6.940   12.455  6.704   1.00 30.71 ? 95  ASP A CG  1 
ATOM   596  O  OD1 . ASP A 1 98  ? 7.885   12.543  7.519   1.00 30.36 ? 95  ASP A OD1 1 
ATOM   597  O  OD2 . ASP A 1 98  ? 6.516   13.423  6.023   1.00 31.25 ? 95  ASP A OD2 1 
ATOM   598  N  N   . LEU A 1 99  ? 6.001   8.424   4.658   1.00 23.11 ? 96  LEU A N   1 
ATOM   599  C  CA  . LEU A 1 99  ? 5.197   7.232   4.434   1.00 20.43 ? 96  LEU A CA  1 
ATOM   600  C  C   . LEU A 1 99  ? 5.246   6.817   2.973   1.00 19.28 ? 96  LEU A C   1 
ATOM   601  O  O   . LEU A 1 99  ? 5.145   7.659   2.078   1.00 18.40 ? 96  LEU A O   1 
ATOM   602  C  CB  . LEU A 1 99  ? 3.727   7.521   4.803   1.00 17.74 ? 96  LEU A CB  1 
ATOM   603  C  CG  . LEU A 1 99  ? 2.685   6.440   4.456   1.00 17.54 ? 96  LEU A CG  1 
ATOM   604  C  CD1 . LEU A 1 99  ? 2.916   5.216   5.362   1.00 15.73 ? 96  LEU A CD1 1 
ATOM   605  C  CD2 . LEU A 1 99  ? 1.246   6.973   4.624   1.00 15.02 ? 96  LEU A CD2 1 
ATOM   606  N  N   . VAL A 1 100 ? 5.394   5.521   2.749   1.00 19.79 ? 97  VAL A N   1 
ATOM   607  C  CA  . VAL A 1 100 ? 5.394   4.963   1.404   1.00 19.40 ? 97  VAL A CA  1 
ATOM   608  C  C   . VAL A 1 100 ? 4.345   3.858   1.398   1.00 18.91 ? 97  VAL A C   1 
ATOM   609  O  O   . VAL A 1 100 ? 4.435   2.900   2.176   1.00 17.90 ? 97  VAL A O   1 
ATOM   610  C  CB  . VAL A 1 100 ? 6.771   4.338   1.004   1.00 19.32 ? 97  VAL A CB  1 
ATOM   611  C  CG1 . VAL A 1 100 ? 6.693   3.792   -0.433  1.00 16.95 ? 97  VAL A CG1 1 
ATOM   612  C  CG2 . VAL A 1 100 ? 7.864   5.401   1.097   1.00 19.51 ? 97  VAL A CG2 1 
ATOM   613  N  N   . LEU A 1 101 ? 3.338   4.011   0.544   1.00 17.93 ? 98  LEU A N   1 
ATOM   614  C  CA  . LEU A 1 101 ? 2.295   3.011   0.436   1.00 18.28 ? 98  LEU A CA  1 
ATOM   615  C  C   . LEU A 1 101 ? 2.563   2.213   -0.818  1.00 18.93 ? 98  LEU A C   1 
ATOM   616  O  O   . LEU A 1 101 ? 2.635   2.767   -1.931  1.00 19.14 ? 98  LEU A O   1 
ATOM   617  C  CB  . LEU A 1 101 ? 0.912   3.664   0.358   1.00 16.74 ? 98  LEU A CB  1 
ATOM   618  C  CG  . LEU A 1 101 ? 0.571   4.404   1.653   1.00 16.59 ? 98  LEU A CG  1 
ATOM   619  C  CD1 . LEU A 1 101 ? -0.722  5.193   1.458   1.00 14.91 ? 98  LEU A CD1 1 
ATOM   620  C  CD2 . LEU A 1 101 ? 0.413   3.389   2.814   1.00 15.45 ? 98  LEU A CD2 1 
ATOM   621  N  N   . VAL A 1 102 ? 2.690   0.909   -0.628  1.00 19.18 ? 99  VAL A N   1 
ATOM   622  C  CA  . VAL A 1 102 ? 2.988   -0.014  -1.703  1.00 19.77 ? 99  VAL A CA  1 
ATOM   623  C  C   . VAL A 1 102 ? 1.814   -0.932  -1.995  1.00 20.63 ? 99  VAL A C   1 
ATOM   624  O  O   . VAL A 1 102 ? 1.347   -1.657  -1.106  1.00 20.32 ? 99  VAL A O   1 
ATOM   625  C  CB  . VAL A 1 102 ? 4.205   -0.885  -1.315  1.00 19.54 ? 99  VAL A CB  1 
ATOM   626  C  CG1 . VAL A 1 102 ? 4.451   -1.938  -2.374  1.00 19.61 ? 99  VAL A CG1 1 
ATOM   627  C  CG2 . VAL A 1 102 ? 5.434   0.001   -1.097  1.00 18.11 ? 99  VAL A CG2 1 
ATOM   628  N  N   . GLU A 1 103 ? 1.347   -0.908  -3.242  1.00 21.46 ? 100 GLU A N   1 
ATOM   629  C  CA  . GLU A 1 103 ? 0.249   -1.765  -3.652  1.00 23.15 ? 100 GLU A CA  1 
ATOM   630  C  C   . GLU A 1 103 ? 0.817   -2.996  -4.367  1.00 23.97 ? 100 GLU A C   1 
ATOM   631  O  O   . GLU A 1 103 ? 1.391   -2.886  -5.450  1.00 25.24 ? 100 GLU A O   1 
ATOM   632  C  CB  . GLU A 1 103 ? -0.689  -0.994  -4.580  1.00 24.96 ? 100 GLU A CB  1 
ATOM   633  C  CG  . GLU A 1 103 ? -2.101  -1.547  -4.613  1.00 28.69 ? 100 GLU A CG  1 
ATOM   634  C  CD  . GLU A 1 103 ? -2.984  -0.889  -5.657  1.00 30.30 ? 100 GLU A CD  1 
ATOM   635  O  OE1 . GLU A 1 103 ? -2.947  0.349   -5.818  1.00 31.88 ? 100 GLU A OE1 1 
ATOM   636  O  OE2 . GLU A 1 103 ? -3.735  -1.621  -6.314  1.00 34.78 ? 100 GLU A OE2 1 
ATOM   637  N  N   . GLY A 1 104 ? 0.681   -4.171  -3.753  1.00 24.31 ? 101 GLY A N   1 
ATOM   638  C  CA  . GLY A 1 104 ? 1.201   -5.386  -4.356  1.00 23.97 ? 101 GLY A CA  1 
ATOM   639  C  C   . GLY A 1 104 ? 2.503   -5.859  -3.720  1.00 24.31 ? 101 GLY A C   1 
ATOM   640  O  O   . GLY A 1 104 ? 2.762   -5.559  -2.554  1.00 23.14 ? 101 GLY A O   1 
ATOM   641  N  N   . TYR A 1 105 ? 3.318   -6.595  -4.483  1.00 24.96 ? 102 TYR A N   1 
ATOM   642  C  CA  . TYR A 1 105 ? 4.604   -7.127  -3.999  1.00 25.57 ? 102 TYR A CA  1 
ATOM   643  C  C   . TYR A 1 105 ? 4.345   -7.938  -2.724  1.00 26.48 ? 102 TYR A C   1 
ATOM   644  O  O   . TYR A 1 105 ? 5.117   -7.866  -1.750  1.00 25.52 ? 102 TYR A O   1 
ATOM   645  C  CB  . TYR A 1 105 ? 5.567   -5.976  -3.681  1.00 26.02 ? 102 TYR A CB  1 
ATOM   646  C  CG  . TYR A 1 105 ? 5.848   -5.055  -4.851  1.00 27.01 ? 102 TYR A CG  1 
ATOM   647  C  CD1 . TYR A 1 105 ? 6.836   -5.358  -5.792  1.00 27.46 ? 102 TYR A CD1 1 
ATOM   648  C  CD2 . TYR A 1 105 ? 5.093   -3.904  -5.041  1.00 28.12 ? 102 TYR A CD2 1 
ATOM   649  C  CE1 . TYR A 1 105 ? 7.054   -4.522  -6.901  1.00 28.45 ? 102 TYR A CE1 1 
ATOM   650  C  CE2 . TYR A 1 105 ? 5.300   -3.073  -6.130  1.00 30.17 ? 102 TYR A CE2 1 
ATOM   651  C  CZ  . TYR A 1 105 ? 6.278   -3.386  -7.060  1.00 30.68 ? 102 TYR A CZ  1 
ATOM   652  O  OH  . TYR A 1 105 ? 6.441   -2.555  -8.148  1.00 33.01 ? 102 TYR A OH  1 
ATOM   653  N  N   . LYS A 1 106 ? 3.266   -8.719  -2.749  1.00 26.63 ? 103 LYS A N   1 
ATOM   654  C  CA  . LYS A 1 106 ? 2.832   -9.509  -1.595  1.00 26.64 ? 103 LYS A CA  1 
ATOM   655  C  C   . LYS A 1 106 ? 3.877   -10.375 -0.910  1.00 25.87 ? 103 LYS A C   1 
ATOM   656  O  O   . LYS A 1 106 ? 3.709   -10.729 0.259   1.00 25.63 ? 103 LYS A O   1 
ATOM   657  C  CB  . LYS A 1 106 ? 1.612   -10.368 -1.963  1.00 27.43 ? 103 LYS A CB  1 
ATOM   658  C  CG  . LYS A 1 106 ? 1.912   -11.551 -2.876  1.00 31.62 ? 103 LYS A CG  1 
ATOM   659  C  CD  . LYS A 1 106 ? 0.649   -12.374 -3.179  1.00 34.86 ? 103 LYS A CD  1 
ATOM   660  C  CE  . LYS A 1 106 ? 0.974   -13.535 -4.125  1.00 38.89 ? 103 LYS A CE  1 
ATOM   661  N  NZ  . LYS A 1 106 ? -0.218  -14.385 -4.477  1.00 42.40 ? 103 LYS A NZ  1 
ATOM   662  N  N   . GLN A 1 107 ? 4.954   -10.724 -1.608  1.00 25.78 ? 104 GLN A N   1 
ATOM   663  C  CA  . GLN A 1 107 ? 5.990   -11.537 -0.986  1.00 25.60 ? 104 GLN A CA  1 
ATOM   664  C  C   . GLN A 1 107 ? 6.889   -10.682 -0.083  1.00 25.55 ? 104 GLN A C   1 
ATOM   665  O  O   . GLN A 1 107 ? 7.603   -11.217 0.773   1.00 24.70 ? 104 GLN A O   1 
ATOM   666  C  CB  . GLN A 1 107 ? 6.851   -12.255 -2.052  1.00 26.14 ? 104 GLN A CB  1 
ATOM   667  C  CG  . GLN A 1 107 ? 7.849   -11.372 -2.825  1.00 27.20 ? 104 GLN A CG  1 
ATOM   668  C  CD  . GLN A 1 107 ? 7.183   -10.513 -3.896  1.00 28.02 ? 104 GLN A CD  1 
ATOM   669  O  OE1 . GLN A 1 107 ? 5.985   -10.624 -4.138  1.00 29.20 ? 104 GLN A OE1 1 
ATOM   670  N  NE2 . GLN A 1 107 ? 7.969   -9.664  -4.556  1.00 28.98 ? 104 GLN A NE2 1 
ATOM   671  N  N   . GLU A 1 108 ? 6.868   -9.360  -0.262  1.00 25.84 ? 105 GLU A N   1 
ATOM   672  C  CA  . GLU A 1 108 ? 7.713   -8.504  0.579   1.00 26.82 ? 105 GLU A CA  1 
ATOM   673  C  C   . GLU A 1 108 ? 7.171   -8.543  1.998   1.00 27.00 ? 105 GLU A C   1 
ATOM   674  O  O   . GLU A 1 108 ? 5.997   -8.857  2.205   1.00 27.29 ? 105 GLU A O   1 
ATOM   675  C  CB  . GLU A 1 108 ? 7.760   -7.068  0.036   1.00 28.61 ? 105 GLU A CB  1 
ATOM   676  C  CG  . GLU A 1 108 ? 8.446   -6.971  -1.309  1.00 30.18 ? 105 GLU A CG  1 
ATOM   677  C  CD  . GLU A 1 108 ? 9.864   -7.484  -1.248  1.00 33.05 ? 105 GLU A CD  1 
ATOM   678  O  OE1 . GLU A 1 108 ? 10.691  -6.893  -0.535  1.00 34.48 ? 105 GLU A OE1 1 
ATOM   679  O  OE2 . GLU A 1 108 ? 10.159  -8.499  -1.903  1.00 36.73 ? 105 GLU A OE2 1 
ATOM   680  N  N   . ARG A 1 109 ? 8.004   -8.202  2.976   1.00 27.31 ? 106 ARG A N   1 
ATOM   681  C  CA  . ARG A 1 109 ? 7.585   -8.317  4.368   1.00 28.34 ? 106 ARG A CA  1 
ATOM   682  C  C   . ARG A 1 109 ? 7.263   -7.057  5.186   1.00 26.85 ? 106 ARG A C   1 
ATOM   683  O  O   . ARG A 1 109 ? 7.352   -7.079  6.418   1.00 26.34 ? 106 ARG A O   1 
ATOM   684  C  CB  . ARG A 1 109 ? 8.626   -9.174  5.102   1.00 31.85 ? 106 ARG A CB  1 
ATOM   685  C  CG  . ARG A 1 109 ? 8.789   -10.573 4.481   1.00 36.99 ? 106 ARG A CG  1 
ATOM   686  C  CD  . ARG A 1 109 ? 9.927   -11.357 5.120   1.00 42.25 ? 106 ARG A CD  1 
ATOM   687  N  NE  . ARG A 1 109 ? 9.648   -11.685 6.515   1.00 47.69 ? 106 ARG A NE  1 
ATOM   688  C  CZ  . ARG A 1 109 ? 8.881   -12.697 6.905   1.00 50.71 ? 106 ARG A CZ  1 
ATOM   689  N  NH1 . ARG A 1 109 ? 8.320   -13.494 6.001   1.00 51.91 ? 106 ARG A NH1 1 
ATOM   690  N  NH2 . ARG A 1 109 ? 8.661   -12.907 8.196   1.00 51.99 ? 106 ARG A NH2 1 
ATOM   691  N  N   . HIS A 1 110 ? 6.872   -5.978  4.509   1.00 24.85 ? 107 HIS A N   1 
ATOM   692  C  CA  . HIS A 1 110 ? 6.514   -4.726  5.182   1.00 23.28 ? 107 HIS A CA  1 
ATOM   693  C  C   . HIS A 1 110 ? 5.133   -4.905  5.831   1.00 22.15 ? 107 HIS A C   1 
ATOM   694  O  O   . HIS A 1 110 ? 4.359   -5.758  5.410   1.00 22.55 ? 107 HIS A O   1 
ATOM   695  C  CB  . HIS A 1 110 ? 6.476   -3.589  4.147   1.00 23.67 ? 107 HIS A CB  1 
ATOM   696  C  CG  . HIS A 1 110 ? 7.761   -3.431  3.383   1.00 25.89 ? 107 HIS A CG  1 
ATOM   697  N  ND1 . HIS A 1 110 ? 8.916   -2.935  3.960   1.00 25.45 ? 107 HIS A ND1 1 
ATOM   698  C  CD2 . HIS A 1 110 ? 8.089   -3.764  2.109   1.00 24.54 ? 107 HIS A CD2 1 
ATOM   699  C  CE1 . HIS A 1 110 ? 9.897   -2.971  3.074   1.00 25.49 ? 107 HIS A CE1 1 
ATOM   700  N  NE2 . HIS A 1 110 ? 9.422   -3.469  1.944   1.00 24.68 ? 107 HIS A NE2 1 
ATOM   701  N  N   . PRO A 1 111 ? 4.810   -4.124  6.872   1.00 20.82 ? 108 PRO A N   1 
ATOM   702  C  CA  . PRO A 1 111 ? 3.477   -4.321  7.463   1.00 19.96 ? 108 PRO A CA  1 
ATOM   703  C  C   . PRO A 1 111 ? 2.435   -4.102  6.372   1.00 18.83 ? 108 PRO A C   1 
ATOM   704  O  O   . PRO A 1 111 ? 2.554   -3.176  5.572   1.00 18.28 ? 108 PRO A O   1 
ATOM   705  C  CB  . PRO A 1 111 ? 3.420   -3.264  8.570   1.00 19.09 ? 108 PRO A CB  1 
ATOM   706  C  CG  . PRO A 1 111 ? 4.394   -2.212  8.100   1.00 19.40 ? 108 PRO A CG  1 
ATOM   707  C  CD  . PRO A 1 111 ? 5.540   -3.058  7.573   1.00 19.82 ? 108 PRO A CD  1 
ATOM   708  N  N   . LYS A 1 112 ? 1.424   -4.957  6.332   1.00 18.67 ? 109 LYS A N   1 
ATOM   709  C  CA  . LYS A 1 112 ? 0.426   -4.840  5.281   1.00 19.43 ? 109 LYS A CA  1 
ATOM   710  C  C   . LYS A 1 112 ? -1.031  -4.940  5.676   1.00 19.61 ? 109 LYS A C   1 
ATOM   711  O  O   . LYS A 1 112 ? -1.404  -5.539  6.708   1.00 19.11 ? 109 LYS A O   1 
ATOM   712  C  CB  . LYS A 1 112 ? 0.707   -5.884  4.195   1.00 19.64 ? 109 LYS A CB  1 
ATOM   713  C  CG  . LYS A 1 112 ? 0.917   -7.308  4.709   1.00 19.32 ? 109 LYS A CG  1 
ATOM   714  C  CD  . LYS A 1 112 ? 1.217   -8.294  3.560   1.00 17.39 ? 109 LYS A CD  1 
ATOM   715  C  CE  . LYS A 1 112 ? 2.503   -7.933  2.787   1.00 17.43 ? 109 LYS A CE  1 
ATOM   716  N  NZ  . LYS A 1 112 ? 3.799   -8.171  3.524   1.00 16.52 ? 109 LYS A NZ  1 
ATOM   717  N  N   . VAL A 1 113 ? -1.858  -4.321  4.846   1.00 19.04 ? 110 VAL A N   1 
ATOM   718  C  CA  . VAL A 1 113 ? -3.291  -4.375  5.036   1.00 18.65 ? 110 VAL A CA  1 
ATOM   719  C  C   . VAL A 1 113 ? -3.768  -5.293  3.910   1.00 19.35 ? 110 VAL A C   1 
ATOM   720  O  O   . VAL A 1 113 ? -3.406  -5.106  2.750   1.00 17.68 ? 110 VAL A O   1 
ATOM   721  C  CB  . VAL A 1 113 ? -3.943  -2.993  4.882   1.00 18.18 ? 110 VAL A CB  1 
ATOM   722  C  CG1 . VAL A 1 113 ? -5.484  -3.142  4.980   1.00 15.68 ? 110 VAL A CG1 1 
ATOM   723  C  CG2 . VAL A 1 113 ? -3.399  -2.036  5.962   1.00 16.36 ? 110 VAL A CG2 1 
ATOM   724  N  N   . VAL A 1 114 ? -4.563  -6.297  4.252   1.00 19.96 ? 111 VAL A N   1 
ATOM   725  C  CA  . VAL A 1 114 ? -5.045  -7.229  3.251   1.00 19.56 ? 111 VAL A CA  1 
ATOM   726  C  C   . VAL A 1 114 ? -6.521  -6.940  2.950   1.00 20.65 ? 111 VAL A C   1 
ATOM   727  O  O   . VAL A 1 114 ? -7.347  -6.845  3.875   1.00 21.45 ? 111 VAL A O   1 
ATOM   728  C  CB  . VAL A 1 114 ? -4.896  -8.694  3.755   1.00 20.29 ? 111 VAL A CB  1 
ATOM   729  C  CG1 . VAL A 1 114 ? -5.422  -9.669  2.692   1.00 19.68 ? 111 VAL A CG1 1 
ATOM   730  C  CG2 . VAL A 1 114 ? -3.420  -9.000  4.097   1.00 18.75 ? 111 VAL A CG2 1 
ATOM   731  N  N   . LEU A 1 115 ? -6.838  -6.772  1.668   1.00 19.89 ? 112 LEU A N   1 
ATOM   732  C  CA  . LEU A 1 115 ? -8.207  -6.524  1.236   1.00 20.97 ? 112 LEU A CA  1 
ATOM   733  C  C   . LEU A 1 115 ? -8.746  -7.819  0.635   1.00 21.82 ? 112 LEU A C   1 
ATOM   734  O  O   . LEU A 1 115 ? -8.091  -8.458  -0.209  1.00 21.50 ? 112 LEU A O   1 
ATOM   735  C  CB  . LEU A 1 115 ? -8.258  -5.386  0.212   1.00 21.28 ? 112 LEU A CB  1 
ATOM   736  C  CG  . LEU A 1 115 ? -8.125  -4.021  0.902   1.00 20.59 ? 112 LEU A CG  1 
ATOM   737  C  CD1 . LEU A 1 115 ? -6.849  -3.367  0.476   1.00 21.77 ? 112 LEU A CD1 1 
ATOM   738  C  CD2 . LEU A 1 115 ? -9.332  -3.140  0.574   1.00 20.46 ? 112 LEU A CD2 1 
ATOM   739  N  N   . VAL A 1 116 ? -9.930  -8.222  1.087   1.00 22.25 ? 113 VAL A N   1 
ATOM   740  C  CA  . VAL A 1 116 ? -10.518 -9.465  0.614   1.00 23.41 ? 113 VAL A CA  1 
ATOM   741  C  C   . VAL A 1 116 ? -11.984 -9.307  0.239   1.00 24.11 ? 113 VAL A C   1 
ATOM   742  O  O   . VAL A 1 116 ? -12.754 -8.665  0.957   1.00 22.69 ? 113 VAL A O   1 
ATOM   743  C  CB  . VAL A 1 116 ? -10.392 -10.593 1.695   1.00 23.66 ? 113 VAL A CB  1 
ATOM   744  C  CG1 . VAL A 1 116 ? -8.905  -10.820 2.061   1.00 24.81 ? 113 VAL A CG1 1 
ATOM   745  C  CG2 . VAL A 1 116 ? -11.172 -10.229 2.934   1.00 23.09 ? 113 VAL A CG2 1 
ATOM   746  N  N   . ARG A 1 117 ? -12.365 -9.910  -0.884  1.00 24.55 ? 114 ARG A N   1 
ATOM   747  C  CA  . ARG A 1 117 ? -13.751 -9.854  -1.340  1.00 25.00 ? 114 ARG A CA  1 
ATOM   748  C  C   . ARG A 1 117 ? -14.548 -10.996 -0.724  1.00 25.55 ? 114 ARG A C   1 
ATOM   749  O  O   . ARG A 1 117 ? -15.775 -10.923 -0.595  1.00 25.18 ? 114 ARG A O   1 
ATOM   750  C  CB  . ARG A 1 117 ? -13.814 -9.996  -2.863  1.00 22.14 ? 114 ARG A CB  1 
ATOM   751  C  CG  . ARG A 1 117 ? -12.941 -9.007  -3.620  1.00 23.26 ? 114 ARG A CG  1 
ATOM   752  C  CD  . ARG A 1 117 ? -12.730 -9.473  -5.060  1.00 25.78 ? 114 ARG A CD  1 
ATOM   753  N  NE  . ARG A 1 117 ? -12.056 -10.776 -5.106  1.00 27.87 ? 114 ARG A NE  1 
ATOM   754  C  CZ  . ARG A 1 117 ? -11.577 -11.340 -6.216  1.00 28.20 ? 114 ARG A CZ  1 
ATOM   755  N  NH1 . ARG A 1 117 ? -11.689 -10.723 -7.394  1.00 29.19 ? 114 ARG A NH1 1 
ATOM   756  N  NH2 . ARG A 1 117 ? -10.984 -12.525 -6.149  1.00 28.25 ? 114 ARG A NH2 1 
ATOM   757  N  N   . SER A 1 118 ? -13.839 -12.036 -0.308  1.00 26.81 ? 115 SER A N   1 
ATOM   758  C  CA  . SER A 1 118 ? -14.501 -13.231 0.199   1.00 28.35 ? 115 SER A CA  1 
ATOM   759  C  C   . SER A 1 118 ? -13.622 -14.079 1.108   1.00 29.64 ? 115 SER A C   1 
ATOM   760  O  O   . SER A 1 118 ? -12.429 -13.825 1.267   1.00 29.77 ? 115 SER A O   1 
ATOM   761  C  CB  . SER A 1 118 ? -14.887 -14.092 -0.997  1.00 27.96 ? 115 SER A CB  1 
ATOM   762  O  OG  . SER A 1 118 ? -13.708 -14.409 -1.731  1.00 26.58 ? 115 SER A OG  1 
ATOM   763  N  N   . GLU A 1 119 ? -14.228 -15.116 1.675   1.00 31.14 ? 116 GLU A N   1 
ATOM   764  C  CA  . GLU A 1 119 ? -13.509 -16.034 2.537   1.00 32.55 ? 116 GLU A CA  1 
ATOM   765  C  C   . GLU A 1 119 ? -12.467 -16.732 1.666   1.00 31.61 ? 116 GLU A C   1 
ATOM   766  O  O   . GLU A 1 119 ? -11.360 -17.015 2.122   1.00 31.58 ? 116 GLU A O   1 
ATOM   767  C  CB  . GLU A 1 119 ? -14.484 -17.050 3.148   1.00 35.42 ? 116 GLU A CB  1 
ATOM   768  C  CG  . GLU A 1 119 ? -13.832 -18.177 3.942   1.00 40.08 ? 116 GLU A CG  1 
ATOM   769  C  CD  . GLU A 1 119 ? -12.876 -17.677 5.013   1.00 42.89 ? 116 GLU A CD  1 
ATOM   770  O  OE1 . GLU A 1 119 ? -13.203 -16.683 5.697   1.00 42.66 ? 116 GLU A OE1 1 
ATOM   771  O  OE2 . GLU A 1 119 ? -11.795 -18.294 5.176   1.00 44.66 ? 116 GLU A OE2 1 
ATOM   772  N  N   . GLU A 1 120 ? -12.815 -16.980 0.406   1.00 31.22 ? 117 GLU A N   1 
ATOM   773  C  CA  . GLU A 1 120 ? -11.902 -17.624 -0.541  1.00 31.70 ? 117 GLU A CA  1 
ATOM   774  C  C   . GLU A 1 120 ? -10.642 -16.779 -0.779  1.00 30.25 ? 117 GLU A C   1 
ATOM   775  O  O   . GLU A 1 120 ? -9.526  -17.319 -0.832  1.00 31.08 ? 117 GLU A O   1 
ATOM   776  C  CB  . GLU A 1 120 ? -12.611 -17.881 -1.878  1.00 35.81 ? 117 GLU A CB  1 
ATOM   777  C  CG  . GLU A 1 120 ? -11.717 -18.491 -2.948  1.00 44.32 ? 117 GLU A CG  1 
ATOM   778  C  CD  . GLU A 1 120 ? -12.468 -18.829 -4.235  1.00 49.89 ? 117 GLU A CD  1 
ATOM   779  O  OE1 . GLU A 1 120 ? -13.415 -19.650 -4.181  1.00 52.55 ? 117 GLU A OE1 1 
ATOM   780  O  OE2 . GLU A 1 120 ? -12.109 -18.281 -5.305  1.00 52.65 ? 117 GLU A OE2 1 
ATOM   781  N  N   . ASP A 1 121 ? -10.811 -15.465 -0.945  1.00 27.10 ? 118 ASP A N   1 
ATOM   782  C  CA  . ASP A 1 121 ? -9.655  -14.580 -1.127  1.00 24.40 ? 118 ASP A CA  1 
ATOM   783  C  C   . ASP A 1 121 ? -8.769  -14.676 0.121   1.00 24.13 ? 118 ASP A C   1 
ATOM   784  O  O   . ASP A 1 121 ? -7.545  -14.736 0.027   1.00 24.92 ? 118 ASP A O   1 
ATOM   785  C  CB  . ASP A 1 121 ? -10.071 -13.108 -1.236  1.00 23.48 ? 118 ASP A CB  1 
ATOM   786  C  CG  . ASP A 1 121 ? -10.497 -12.697 -2.628  1.00 24.45 ? 118 ASP A CG  1 
ATOM   787  O  OD1 . ASP A 1 121 ? -10.514 -13.526 -3.546  1.00 25.60 ? 118 ASP A OD1 1 
ATOM   788  O  OD2 . ASP A 1 121 ? -10.819 -11.504 -2.802  1.00 24.96 ? 118 ASP A OD2 1 
ATOM   789  N  N   . TRP A 1 122 ? -9.403  -14.639 1.290   1.00 23.55 ? 119 TRP A N   1 
ATOM   790  C  CA  . TRP A 1 122 ? -8.688  -14.674 2.564   1.00 23.48 ? 119 TRP A CA  1 
ATOM   791  C  C   . TRP A 1 122 ? -7.916  -15.968 2.765   1.00 25.15 ? 119 TRP A C   1 
ATOM   792  O  O   . TRP A 1 122 ? -6.823  -15.958 3.337   1.00 25.69 ? 119 TRP A O   1 
ATOM   793  C  CB  . TRP A 1 122 ? -9.666  -14.483 3.724   1.00 22.21 ? 119 TRP A CB  1 
ATOM   794  C  CG  . TRP A 1 122 ? -9.032  -14.566 5.097   1.00 21.36 ? 119 TRP A CG  1 
ATOM   795  C  CD1 . TRP A 1 122 ? -9.397  -15.403 6.122   1.00 20.80 ? 119 TRP A CD1 1 
ATOM   796  C  CD2 . TRP A 1 122 ? -7.926  -13.793 5.583   1.00 20.95 ? 119 TRP A CD2 1 
ATOM   797  N  NE1 . TRP A 1 122 ? -8.587  -15.193 7.210   1.00 20.87 ? 119 TRP A NE1 1 
ATOM   798  C  CE2 . TRP A 1 122 ? -7.673  -14.214 6.909   1.00 20.96 ? 119 TRP A CE2 1 
ATOM   799  C  CE3 . TRP A 1 122 ? -7.114  -12.783 5.021   1.00 20.46 ? 119 TRP A CE3 1 
ATOM   800  C  CZ2 . TRP A 1 122 ? -6.641  -13.665 7.689   1.00 20.41 ? 119 TRP A CZ2 1 
ATOM   801  C  CZ3 . TRP A 1 122 ? -6.086  -12.238 5.797   1.00 19.57 ? 119 TRP A CZ3 1 
ATOM   802  C  CH2 . TRP A 1 122 ? -5.860  -12.682 7.119   1.00 20.33 ? 119 TRP A CH2 1 
ATOM   803  N  N   . ALA A 1 123 ? -8.490  -17.079 2.318   1.00 25.76 ? 120 ALA A N   1 
ATOM   804  C  CA  . ALA A 1 123 ? -7.832  -18.376 2.451   1.00 26.90 ? 120 ALA A CA  1 
ATOM   805  C  C   . ALA A 1 123 ? -6.493  -18.380 1.714   1.00 28.22 ? 120 ALA A C   1 
ATOM   806  O  O   . ALA A 1 123 ? -5.526  -18.974 2.183   1.00 29.52 ? 120 ALA A O   1 
ATOM   807  C  CB  . ALA A 1 123 ? -8.733  -19.484 1.909   1.00 26.14 ? 120 ALA A CB  1 
ATOM   808  N  N   . SER A 1 124 ? -6.418  -17.716 0.569   1.00 28.82 ? 121 SER A N   1 
ATOM   809  C  CA  . SER A 1 124 ? -5.157  -17.707 -0.162  1.00 30.46 ? 121 SER A CA  1 
ATOM   810  C  C   . SER A 1 124 ? -4.219  -16.560 0.204   1.00 30.77 ? 121 SER A C   1 
ATOM   811  O  O   . SER A 1 124 ? -3.064  -16.558 -0.227  1.00 33.85 ? 121 SER A O   1 
ATOM   812  C  CB  . SER A 1 124 ? -5.410  -17.671 -1.664  1.00 31.56 ? 121 SER A CB  1 
ATOM   813  O  OG  . SER A 1 124 ? -5.923  -16.415 -2.057  1.00 35.23 ? 121 SER A OG  1 
ATOM   814  N  N   . LEU A 1 125 ? -4.705  -15.596 0.991   1.00 28.38 ? 122 LEU A N   1 
ATOM   815  C  CA  . LEU A 1 125 ? -3.897  -14.439 1.382   1.00 26.32 ? 122 LEU A CA  1 
ATOM   816  C  C   . LEU A 1 125 ? -3.513  -14.400 2.866   1.00 25.39 ? 122 LEU A C   1 
ATOM   817  O  O   . LEU A 1 125 ? -2.656  -13.621 3.256   1.00 23.48 ? 122 LEU A O   1 
ATOM   818  C  CB  . LEU A 1 125 ? -4.639  -13.136 1.032   1.00 25.84 ? 122 LEU A CB  1 
ATOM   819  C  CG  . LEU A 1 125 ? -4.968  -12.872 -0.451  1.00 26.91 ? 122 LEU A CG  1 
ATOM   820  C  CD1 . LEU A 1 125 ? -5.837  -11.643 -0.577  1.00 26.30 ? 122 LEU A CD1 1 
ATOM   821  C  CD2 . LEU A 1 125 ? -3.704  -12.698 -1.250  1.00 25.85 ? 122 LEU A CD2 1 
ATOM   822  N  N   . GLN A 1 126 ? -4.152  -15.235 3.686   1.00 25.33 ? 123 GLN A N   1 
ATOM   823  C  CA  . GLN A 1 126 ? -3.897  -15.260 5.125   1.00 24.25 ? 123 GLN A CA  1 
ATOM   824  C  C   . GLN A 1 126 ? -2.490  -15.715 5.497   1.00 23.49 ? 123 GLN A C   1 
ATOM   825  O  O   . GLN A 1 126 ? -2.048  -15.499 6.617   1.00 24.66 ? 123 GLN A O   1 
ATOM   826  C  CB  . GLN A 1 126 ? -4.911  -16.165 5.832   1.00 24.35 ? 123 GLN A CB  1 
ATOM   827  C  CG  . GLN A 1 126 ? -4.730  -17.662 5.587   1.00 25.45 ? 123 GLN A CG  1 
ATOM   828  C  CD  . GLN A 1 126 ? -5.767  -18.510 6.330   1.00 27.99 ? 123 GLN A CD  1 
ATOM   829  O  OE1 . GLN A 1 126 ? -6.210  -18.149 7.422   1.00 28.79 ? 123 GLN A OE1 1 
ATOM   830  N  NE2 . GLN A 1 126 ? -6.133  -19.653 5.749   1.00 28.97 ? 123 GLN A NE2 1 
ATOM   831  N  N   . HIS A 1 127 ? -1.776  -16.341 4.572   1.00 22.99 ? 124 HIS A N   1 
ATOM   832  C  CA  . HIS A 1 127 ? -0.443  -16.808 4.916   1.00 24.24 ? 124 HIS A CA  1 
ATOM   833  C  C   . HIS A 1 127 ? 0.693   -15.825 4.629   1.00 24.86 ? 124 HIS A C   1 
ATOM   834  O  O   . HIS A 1 127 ? 1.872   -16.158 4.810   1.00 25.96 ? 124 HIS A O   1 
ATOM   835  C  CB  . HIS A 1 127 ? -0.194  -18.162 4.253   1.00 24.98 ? 124 HIS A CB  1 
ATOM   836  C  CG  . HIS A 1 127 ? -1.161  -19.213 4.705   1.00 27.61 ? 124 HIS A CG  1 
ATOM   837  N  ND1 . HIS A 1 127 ? -1.273  -19.593 6.025   1.00 27.35 ? 124 HIS A ND1 1 
ATOM   838  C  CD2 . HIS A 1 127 ? -2.092  -19.924 4.027   1.00 27.60 ? 124 HIS A CD2 1 
ATOM   839  C  CE1 . HIS A 1 127 ? -2.232  -20.496 6.142   1.00 27.16 ? 124 HIS A CE1 1 
ATOM   840  N  NE2 . HIS A 1 127 ? -2.744  -20.715 4.944   1.00 29.31 ? 124 HIS A NE2 1 
ATOM   841  N  N   . LEU A 1 128 ? 0.340   -14.608 4.226   1.00 23.42 ? 125 LEU A N   1 
ATOM   842  C  CA  . LEU A 1 128 ? 1.350   -13.596 3.949   1.00 22.30 ? 125 LEU A CA  1 
ATOM   843  C  C   . LEU A 1 128 ? 1.980   -13.121 5.249   1.00 22.23 ? 125 LEU A C   1 
ATOM   844  O  O   . LEU A 1 128 ? 1.440   -13.339 6.342   1.00 21.51 ? 125 LEU A O   1 
ATOM   845  C  CB  . LEU A 1 128 ? 0.748   -12.412 3.196   1.00 20.63 ? 125 LEU A CB  1 
ATOM   846  C  CG  . LEU A 1 128 ? 0.200   -12.736 1.808   1.00 20.40 ? 125 LEU A CG  1 
ATOM   847  C  CD1 . LEU A 1 128 ? -0.456  -11.497 1.216   1.00 20.95 ? 125 LEU A CD1 1 
ATOM   848  C  CD2 . LEU A 1 128 ? 1.340   -13.220 0.903   1.00 20.57 ? 125 LEU A CD2 1 
ATOM   849  N  N   . ALA A 1 129 ? 3.126   -12.463 5.118   1.00 21.76 ? 126 ALA A N   1 
ATOM   850  C  CA  . ALA A 1 129 ? 3.862   -11.975 6.267   1.00 22.39 ? 126 ALA A CA  1 
ATOM   851  C  C   . ALA A 1 129 ? 3.491   -10.578 6.744   1.00 22.99 ? 126 ALA A C   1 
ATOM   852  O  O   . ALA A 1 129 ? 3.136   -9.695  5.953   1.00 24.24 ? 126 ALA A O   1 
ATOM   853  C  CB  . ALA A 1 129 ? 5.374   -12.015 5.969   1.00 22.39 ? 126 ALA A CB  1 
ATOM   854  N  N   . ASN A 1 130 ? 3.556   -10.397 8.059   1.00 22.50 ? 127 ASN A N   1 
ATOM   855  C  CA  . ASN A 1 130 ? 3.337   -9.088  8.653   1.00 21.61 ? 127 ASN A CA  1 
ATOM   856  C  C   . ASN A 1 130 ? 1.950   -8.451  8.407   1.00 21.33 ? 127 ASN A C   1 
ATOM   857  O  O   . ASN A 1 130 ? 1.842   -7.229  8.313   1.00 22.28 ? 127 ASN A O   1 
ATOM   858  C  CB  . ASN A 1 130 ? 4.437   -8.151  8.127   1.00 20.59 ? 127 ASN A CB  1 
ATOM   859  C  CG  . ASN A 1 130 ? 4.949   -7.185  9.184   1.00 21.07 ? 127 ASN A CG  1 
ATOM   860  O  OD1 . ASN A 1 130 ? 4.377   -7.063  10.262  1.00 21.58 ? 127 ASN A OD1 1 
ATOM   861  N  ND2 . ASN A 1 130 ? 6.041   -6.484  8.868   1.00 21.12 ? 127 ASN A ND2 1 
ATOM   862  N  N   . ILE A 1 131 ? 0.903   -9.258  8.299   1.00 20.38 ? 128 ILE A N   1 
ATOM   863  C  CA  . ILE A 1 131 ? -0.443  -8.707  8.099   1.00 20.42 ? 128 ILE A CA  1 
ATOM   864  C  C   . ILE A 1 131 ? -0.859  -7.945  9.362   1.00 20.48 ? 128 ILE A C   1 
ATOM   865  O  O   . ILE A 1 131 ? -0.811  -8.502  10.452  1.00 20.98 ? 128 ILE A O   1 
ATOM   866  C  CB  . ILE A 1 131 ? -1.488  -9.831  7.842   1.00 20.04 ? 128 ILE A CB  1 
ATOM   867  C  CG1 . ILE A 1 131 ? -1.201  -10.499 6.493   1.00 18.85 ? 128 ILE A CG1 1 
ATOM   868  C  CG2 . ILE A 1 131 ? -2.929  -9.247  7.827   1.00 17.62 ? 128 ILE A CG2 1 
ATOM   869  C  CD1 . ILE A 1 131 ? -2.027  -11.774 6.283   1.00 17.34 ? 128 ILE A CD1 1 
ATOM   870  N  N   . ARG A 1 132 ? -1.261  -6.684  9.222   1.00 19.50 ? 129 ARG A N   1 
ATOM   871  C  CA  . ARG A 1 132 ? -1.682  -5.903  10.385  1.00 19.91 ? 129 ARG A CA  1 
ATOM   872  C  C   . ARG A 1 132 ? -3.199  -5.713  10.480  1.00 20.44 ? 129 ARG A C   1 
ATOM   873  O  O   . ARG A 1 132 ? -3.736  -5.471  11.565  1.00 21.50 ? 129 ARG A O   1 
ATOM   874  C  CB  . ARG A 1 132 ? -1.011  -4.525  10.382  1.00 20.18 ? 129 ARG A CB  1 
ATOM   875  C  CG  . ARG A 1 132 ? 0.524   -4.561  10.354  1.00 20.72 ? 129 ARG A CG  1 
ATOM   876  C  CD  . ARG A 1 132 ? 1.063   -5.358  11.550  1.00 22.87 ? 129 ARG A CD  1 
ATOM   877  N  NE  . ARG A 1 132 ? 2.523   -5.405  11.582  1.00 25.43 ? 129 ARG A NE  1 
ATOM   878  C  CZ  . ARG A 1 132 ? 3.294   -4.400  11.994  1.00 26.77 ? 129 ARG A CZ  1 
ATOM   879  N  NH1 . ARG A 1 132 ? 2.739   -3.272  12.410  1.00 26.80 ? 129 ARG A NH1 1 
ATOM   880  N  NH2 . ARG A 1 132 ? 4.622   -4.521  11.979  1.00 27.58 ? 129 ARG A NH2 1 
ATOM   881  N  N   . ALA A 1 133 ? -3.889  -5.800  9.353   1.00 19.84 ? 130 ALA A N   1 
ATOM   882  C  CA  . ALA A 1 133 ? -5.336  -5.609  9.339   1.00 19.45 ? 130 ALA A CA  1 
ATOM   883  C  C   . ALA A 1 133 ? -5.891  -6.140  8.052   1.00 20.51 ? 130 ALA A C   1 
ATOM   884  O  O   . ALA A 1 133 ? -5.156  -6.311  7.070   1.00 20.82 ? 130 ALA A O   1 
ATOM   885  C  CB  . ALA A 1 133 ? -5.693  -4.116  9.468   1.00 17.74 ? 130 ALA A CB  1 
ATOM   886  N  N   . VAL A 1 134 ? -7.197  -6.391  8.076   1.00 20.81 ? 131 VAL A N   1 
ATOM   887  C  CA  . VAL A 1 134 ? -7.948  -6.898  6.941   1.00 20.09 ? 131 VAL A CA  1 
ATOM   888  C  C   . VAL A 1 134 ? -9.144  -5.977  6.738   1.00 20.21 ? 131 VAL A C   1 
ATOM   889  O  O   . VAL A 1 134 ? -9.787  -5.566  7.714   1.00 19.55 ? 131 VAL A O   1 
ATOM   890  C  CB  . VAL A 1 134 ? -8.512  -8.321  7.210   1.00 20.88 ? 131 VAL A CB  1 
ATOM   891  C  CG1 . VAL A 1 134 ? -9.282  -8.828  5.960   1.00 19.82 ? 131 VAL A CG1 1 
ATOM   892  C  CG2 . VAL A 1 134 ? -7.372  -9.293  7.582   1.00 19.93 ? 131 VAL A CG2 1 
ATOM   893  N  N   . ILE A 1 135 ? -9.420  -5.626  5.485   1.00 19.11 ? 132 ILE A N   1 
ATOM   894  C  CA  . ILE A 1 135 ? -10.577 -4.809  5.153   1.00 19.32 ? 132 ILE A CA  1 
ATOM   895  C  C   . ILE A 1 135 ? -11.318 -5.705  4.163   1.00 20.88 ? 132 ILE A C   1 
ATOM   896  O  O   . ILE A 1 135 ? -10.757 -6.114  3.145   1.00 21.03 ? 132 ILE A O   1 
ATOM   897  C  CB  . ILE A 1 135 ? -10.160 -3.458  4.535   1.00 18.89 ? 132 ILE A CB  1 
ATOM   898  C  CG1 . ILE A 1 135 ? -9.372  -2.643  5.579   1.00 16.88 ? 132 ILE A CG1 1 
ATOM   899  C  CG2 . ILE A 1 135 ? -11.400 -2.700  4.047   1.00 17.70 ? 132 ILE A CG2 1 
ATOM   900  C  CD1 . ILE A 1 135 ? -8.812  -1.287  5.076   1.00 16.24 ? 132 ILE A CD1 1 
ATOM   901  N  N   . ALA A 1 136 ? -12.577 -6.019  4.463   1.00 21.62 ? 133 ALA A N   1 
ATOM   902  C  CA  . ALA A 1 136 ? -13.316 -6.966  3.636   1.00 21.67 ? 133 ALA A CA  1 
ATOM   903  C  C   . ALA A 1 136 ? -14.704 -6.570  3.187   1.00 22.55 ? 133 ALA A C   1 
ATOM   904  O  O   . ALA A 1 136 ? -15.308 -5.649  3.736   1.00 23.07 ? 133 ALA A O   1 
ATOM   905  C  CB  . ALA A 1 136 ? -13.406 -8.292  4.385   1.00 21.76 ? 133 ALA A CB  1 
ATOM   906  N  N   . TRP A 1 137 ? -15.209 -7.310  2.200   1.00 23.39 ? 134 TRP A N   1 
ATOM   907  C  CA  . TRP A 1 137 ? -16.552 -7.091  1.651   1.00 25.13 ? 134 TRP A CA  1 
ATOM   908  C  C   . TRP A 1 137 ? -17.584 -7.740  2.575   1.00 26.73 ? 134 TRP A C   1 
ATOM   909  O  O   . TRP A 1 137 ? -18.731 -7.319  2.622   1.00 28.52 ? 134 TRP A O   1 
ATOM   910  C  CB  . TRP A 1 137 ? -16.711 -7.774  0.295   1.00 23.73 ? 134 TRP A CB  1 
ATOM   911  C  CG  . TRP A 1 137 ? -16.089 -7.153  -0.903  1.00 23.55 ? 134 TRP A CG  1 
ATOM   912  C  CD1 . TRP A 1 137 ? -14.966 -6.378  -0.960  1.00 23.19 ? 134 TRP A CD1 1 
ATOM   913  C  CD2 . TRP A 1 137 ? -16.479 -7.398  -2.256  1.00 23.91 ? 134 TRP A CD2 1 
ATOM   914  N  NE1 . TRP A 1 137 ? -14.622 -6.134  -2.278  1.00 23.52 ? 134 TRP A NE1 1 
ATOM   915  C  CE2 . TRP A 1 137 ? -15.536 -6.751  -3.091  1.00 23.90 ? 134 TRP A CE2 1 
ATOM   916  C  CE3 . TRP A 1 137 ? -17.533 -8.108  -2.847  1.00 23.74 ? 134 TRP A CE3 1 
ATOM   917  C  CZ2 . TRP A 1 137 ? -15.619 -6.796  -4.487  1.00 25.06 ? 134 TRP A CZ2 1 
ATOM   918  C  CZ3 . TRP A 1 137 ? -17.612 -8.151  -4.237  1.00 25.06 ? 134 TRP A CZ3 1 
ATOM   919  C  CH2 . TRP A 1 137 ? -16.658 -7.497  -5.039  1.00 26.09 ? 134 TRP A CH2 1 
ATOM   920  N  N   . GLU A 1 138 ? -17.167 -8.800  3.262   1.00 28.35 ? 135 GLU A N   1 
ATOM   921  C  CA  . GLU A 1 138 ? -18.047 -9.553  4.161   1.00 30.47 ? 135 GLU A CA  1 
ATOM   922  C  C   . GLU A 1 138 ? -17.249 -10.090 5.339   1.00 30.64 ? 135 GLU A C   1 
ATOM   923  O  O   . GLU A 1 138 ? -16.023 -10.060 5.315   1.00 29.55 ? 135 GLU A O   1 
ATOM   924  C  CB  . GLU A 1 138 ? -18.681 -10.733 3.416   1.00 31.78 ? 135 GLU A CB  1 
ATOM   925  C  CG  . GLU A 1 138 ? -17.681 -11.587 2.637   1.00 34.95 ? 135 GLU A CG  1 
ATOM   926  C  CD  . GLU A 1 138 ? -18.210 -12.982 2.330   1.00 37.17 ? 135 GLU A CD  1 
ATOM   927  O  OE1 . GLU A 1 138 ? -19.451 -13.142 2.252   1.00 38.03 ? 135 GLU A OE1 1 
ATOM   928  O  OE2 . GLU A 1 138 ? -17.385 -13.918 2.157   1.00 39.15 ? 135 GLU A OE2 1 
ATOM   929  N  N   . PRO A 1 139 ? -17.935 -10.584 6.390   1.00 30.58 ? 136 PRO A N   1 
ATOM   930  C  CA  . PRO A 1 139 ? -17.257 -11.127 7.575   1.00 30.69 ? 136 PRO A CA  1 
ATOM   931  C  C   . PRO A 1 139 ? -16.521 -12.421 7.214   1.00 32.20 ? 136 PRO A C   1 
ATOM   932  O  O   . PRO A 1 139 ? -16.913 -13.107 6.272   1.00 31.66 ? 136 PRO A O   1 
ATOM   933  C  CB  . PRO A 1 139 ? -18.404 -11.355 8.552   1.00 29.91 ? 136 PRO A CB  1 
ATOM   934  C  CG  . PRO A 1 139 ? -19.555 -11.697 7.635   1.00 29.85 ? 136 PRO A CG  1 
ATOM   935  C  CD  . PRO A 1 139 ? -19.401 -10.679 6.529   1.00 29.73 ? 136 PRO A CD  1 
ATOM   936  N  N   . LEU A 1 140 ? -15.469 -12.751 7.958   1.00 34.09 ? 137 LEU A N   1 
ATOM   937  C  CA  . LEU A 1 140 ? -14.683 -13.949 7.670   1.00 38.71 ? 137 LEU A CA  1 
ATOM   938  C  C   . LEU A 1 140 ? -14.884 -15.063 8.695   1.00 42.99 ? 137 LEU A C   1 
ATOM   939  O  O   . LEU A 1 140 ? -15.184 -14.804 9.854   1.00 44.37 ? 137 LEU A O   1 
ATOM   940  C  CB  . LEU A 1 140 ? -13.198 -13.583 7.593   1.00 36.36 ? 137 LEU A CB  1 
ATOM   941  C  CG  . LEU A 1 140 ? -12.863 -12.511 6.558   1.00 34.71 ? 137 LEU A CG  1 
ATOM   942  C  CD1 . LEU A 1 140 ? -11.431 -12.016 6.745   1.00 33.89 ? 137 LEU A CD1 1 
ATOM   943  C  CD2 . LEU A 1 140 ? -13.081 -13.090 5.167   1.00 34.33 ? 137 LEU A CD2 1 
ATOM   944  N  N   . GLU A 1 141 ? -14.710 -16.307 8.260   1.00 47.55 ? 138 GLU A N   1 
ATOM   945  C  CA  . GLU A 1 141 ? -14.874 -17.455 9.149   1.00 51.65 ? 138 GLU A CA  1 
ATOM   946  C  C   . GLU A 1 141 ? -13.617 -17.762 9.947   1.00 53.29 ? 138 GLU A C   1 
ATOM   947  O  O   . GLU A 1 141 ? -12.539 -17.234 9.665   1.00 53.65 ? 138 GLU A O   1 
ATOM   948  C  CB  . GLU A 1 141 ? -15.229 -18.706 8.348   1.00 54.57 ? 138 GLU A CB  1 
ATOM   949  C  CG  . GLU A 1 141 ? -16.563 -18.670 7.638   1.00 58.97 ? 138 GLU A CG  1 
ATOM   950  C  CD  . GLU A 1 141 ? -16.855 -19.980 6.942   1.00 61.79 ? 138 GLU A CD  1 
ATOM   951  O  OE1 . GLU A 1 141 ? -16.062 -20.367 6.052   1.00 62.91 ? 138 GLU A OE1 1 
ATOM   952  O  OE2 . GLU A 1 141 ? -17.869 -20.624 7.292   1.00 63.23 ? 138 GLU A OE2 1 
ATOM   953  N  N   . GLY A 1 142 ? -13.771 -18.645 10.932  1.00 54.98 ? 139 GLY A N   1 
ATOM   954  C  CA  . GLY A 1 142 ? -12.653 -19.060 11.761  1.00 56.53 ? 139 GLY A CA  1 
ATOM   955  C  C   . GLY A 1 142 ? -12.061 -17.974 12.629  1.00 57.73 ? 139 GLY A C   1 
ATOM   956  O  O   . GLY A 1 142 ? -12.567 -16.850 12.666  1.00 58.20 ? 139 GLY A O   1 
ATOM   957  N  N   . PRO A 1 143 ? -10.983 -18.287 13.362  1.00 58.63 ? 140 PRO A N   1 
ATOM   958  C  CA  . PRO A 1 143 ? -10.348 -17.287 14.227  1.00 58.55 ? 140 PRO A CA  1 
ATOM   959  C  C   . PRO A 1 143 ? -9.584  -16.287 13.370  1.00 57.25 ? 140 PRO A C   1 
ATOM   960  O  O   . PRO A 1 143 ? -9.196  -16.604 12.249  1.00 57.87 ? 140 PRO A O   1 
ATOM   961  C  CB  . PRO A 1 143 ? -9.412  -18.122 15.099  1.00 59.45 ? 140 PRO A CB  1 
ATOM   962  C  CG  . PRO A 1 143 ? -10.022 -19.504 15.061  1.00 60.44 ? 140 PRO A CG  1 
ATOM   963  C  CD  . PRO A 1 143 ? -10.432 -19.626 13.623  1.00 59.03 ? 140 PRO A CD  1 
ATOM   964  N  N   . LEU A 1 144 ? -9.375  -15.083 13.892  1.00 55.61 ? 141 LEU A N   1 
ATOM   965  C  CA  . LEU A 1 144 ? -8.642  -14.064 13.152  1.00 53.36 ? 141 LEU A CA  1 
ATOM   966  C  C   . LEU A 1 144 ? -7.750  -13.307 14.126  1.00 51.51 ? 141 LEU A C   1 
ATOM   967  O  O   . LEU A 1 144 ? -8.230  -12.746 15.116  1.00 51.81 ? 141 LEU A O   1 
ATOM   968  C  CB  . LEU A 1 144 ? -9.616  -13.099 12.460  1.00 53.30 ? 141 LEU A CB  1 
ATOM   969  C  CG  . LEU A 1 144 ? -9.186  -12.498 11.113  1.00 52.25 ? 141 LEU A CG  1 
ATOM   970  C  CD1 . LEU A 1 144 ? -7.833  -11.816 11.243  1.00 51.78 ? 141 LEU A CD1 1 
ATOM   971  C  CD2 . LEU A 1 144 ? -9.126  -13.596 10.068  1.00 50.92 ? 141 LEU A CD2 1 
ATOM   972  N  N   . ALA A 1 145 ? -6.451  -13.302 13.844  1.00 48.85 ? 142 ALA A N   1 
ATOM   973  C  CA  . ALA A 1 145 ? -5.473  -12.631 14.701  1.00 46.56 ? 142 ALA A CA  1 
ATOM   974  C  C   . ALA A 1 145 ? -5.294  -11.155 14.380  1.00 44.61 ? 142 ALA A C   1 
ATOM   975  O  O   . ALA A 1 145 ? -4.424  -10.496 14.957  1.00 45.90 ? 142 ALA A O   1 
ATOM   976  C  CB  . ALA A 1 145 ? -4.123  -13.338 14.605  1.00 46.71 ? 142 ALA A CB  1 
ATOM   977  N  N   . HIS A 1 146 ? -6.113  -10.629 13.475  1.00 40.90 ? 143 HIS A N   1 
ATOM   978  C  CA  . HIS A 1 146 ? -5.998  -9.224  13.097  1.00 36.38 ? 143 HIS A CA  1 
ATOM   979  C  C   . HIS A 1 146 ? -7.348  -8.532  13.048  1.00 32.14 ? 143 HIS A C   1 
ATOM   980  O  O   . HIS A 1 146 ? -8.364  -9.165  12.778  1.00 31.66 ? 143 HIS A O   1 
ATOM   981  C  CB  . HIS A 1 146 ? -5.342  -9.108  11.722  1.00 37.59 ? 143 HIS A CB  1 
ATOM   982  C  CG  . HIS A 1 146 ? -4.170  -10.016 11.539  1.00 38.38 ? 143 HIS A CG  1 
ATOM   983  N  ND1 . HIS A 1 146 ? -2.998  -9.873  12.251  1.00 38.20 ? 143 HIS A ND1 1 
ATOM   984  C  CD2 . HIS A 1 146 ? -4.007  -11.108 10.754  1.00 38.57 ? 143 HIS A CD2 1 
ATOM   985  C  CE1 . HIS A 1 146 ? -2.162  -10.838 11.912  1.00 39.93 ? 143 HIS A CE1 1 
ATOM   986  N  NE2 . HIS A 1 146 ? -2.749  -11.601 11.007  1.00 40.31 ? 143 HIS A NE2 1 
ATOM   987  N  N   . PRO A 1 147 ? -7.377  -7.220  13.312  1.00 28.56 ? 144 PRO A N   1 
ATOM   988  C  CA  . PRO A 1 147 ? -8.671  -6.542  13.255  1.00 26.57 ? 144 PRO A CA  1 
ATOM   989  C  C   . PRO A 1 147 ? -9.203  -6.609  11.823  1.00 25.01 ? 144 PRO A C   1 
ATOM   990  O  O   . PRO A 1 147 ? -8.426  -6.603  10.856  1.00 24.34 ? 144 PRO A O   1 
ATOM   991  C  CB  . PRO A 1 147 ? -8.345  -5.112  13.698  1.00 25.98 ? 144 PRO A CB  1 
ATOM   992  C  CG  . PRO A 1 147 ? -6.891  -4.958  13.373  1.00 26.91 ? 144 PRO A CG  1 
ATOM   993  C  CD  . PRO A 1 147 ? -6.310  -6.300  13.743  1.00 27.19 ? 144 PRO A CD  1 
ATOM   994  N  N   . VAL A 1 148 ? -10.522 -6.713  11.698  1.00 22.40 ? 145 VAL A N   1 
ATOM   995  C  CA  . VAL A 1 148 ? -11.165 -6.775  10.393  1.00 21.55 ? 145 VAL A CA  1 
ATOM   996  C  C   . VAL A 1 148 ? -12.156 -5.615  10.339  1.00 22.42 ? 145 VAL A C   1 
ATOM   997  O  O   . VAL A 1 148 ? -12.935 -5.410  11.290  1.00 23.08 ? 145 VAL A O   1 
ATOM   998  C  CB  . VAL A 1 148 ? -11.951 -8.103  10.187  1.00 21.43 ? 145 VAL A CB  1 
ATOM   999  C  CG1 . VAL A 1 148 ? -12.599 -8.124  8.782   1.00 19.36 ? 145 VAL A CG1 1 
ATOM   1000 C  CG2 . VAL A 1 148 ? -11.018 -9.306  10.388  1.00 21.55 ? 145 VAL A CG2 1 
ATOM   1001 N  N   . PHE A 1 149 ? -12.119 -4.860  9.244   1.00 20.58 ? 146 PHE A N   1 
ATOM   1002 C  CA  . PHE A 1 149 ? -13.021 -3.723  9.055   1.00 19.64 ? 146 PHE A CA  1 
ATOM   1003 C  C   . PHE A 1 149 ? -13.795 -3.931  7.747   1.00 20.07 ? 146 PHE A C   1 
ATOM   1004 O  O   . PHE A 1 149 ? -13.375 -4.672  6.846   1.00 20.62 ? 146 PHE A O   1 
ATOM   1005 C  CB  . PHE A 1 149 ? -12.253 -2.391  8.899   1.00 19.19 ? 146 PHE A CB  1 
ATOM   1006 C  CG  . PHE A 1 149 ? -11.326 -2.035  10.045  1.00 19.66 ? 146 PHE A CG  1 
ATOM   1007 C  CD1 . PHE A 1 149 ? -11.763 -1.225  11.097  1.00 18.32 ? 146 PHE A CD1 1 
ATOM   1008 C  CD2 . PHE A 1 149 ? -9.988  -2.458  10.033  1.00 19.44 ? 146 PHE A CD2 1 
ATOM   1009 C  CE1 . PHE A 1 149 ? -10.888 -0.835  12.114  1.00 20.39 ? 146 PHE A CE1 1 
ATOM   1010 C  CE2 . PHE A 1 149 ? -9.101  -2.077  11.044  1.00 19.19 ? 146 PHE A CE2 1 
ATOM   1011 C  CZ  . PHE A 1 149 ? -9.545  -1.265  12.087  1.00 20.47 ? 146 PHE A CZ  1 
ATOM   1012 N  N   . SER A 1 150 ? -14.922 -3.256  7.639   1.00 19.58 ? 147 SER A N   1 
ATOM   1013 C  CA  . SER A 1 150 ? -15.697 -3.294  6.419   1.00 18.20 ? 147 SER A CA  1 
ATOM   1014 C  C   . SER A 1 150 ? -15.052 -2.241  5.517   1.00 18.59 ? 147 SER A C   1 
ATOM   1015 O  O   . SER A 1 150 ? -14.601 -1.187  5.993   1.00 18.20 ? 147 SER A O   1 
ATOM   1016 C  CB  . SER A 1 150 ? -17.151 -2.886  6.689   1.00 17.04 ? 147 SER A CB  1 
ATOM   1017 O  OG  . SER A 1 150 ? -17.761 -2.412  5.495   1.00 16.47 ? 147 SER A OG  1 
ATOM   1018 N  N   . LEU A 1 151 ? -15.005 -2.526  4.220   1.00 19.17 ? 148 LEU A N   1 
ATOM   1019 C  CA  . LEU A 1 151 ? -14.454 -1.585  3.244   1.00 18.95 ? 148 LEU A CA  1 
ATOM   1020 C  C   . LEU A 1 151 ? -15.219 -0.247  3.292   1.00 19.98 ? 148 LEU A C   1 
ATOM   1021 O  O   . LEU A 1 151 ? -14.676 0.829   2.979   1.00 19.52 ? 148 LEU A O   1 
ATOM   1022 C  CB  . LEU A 1 151 ? -14.557 -2.198  1.838   1.00 18.14 ? 148 LEU A CB  1 
ATOM   1023 C  CG  . LEU A 1 151 ? -14.026 -1.324  0.704   1.00 18.88 ? 148 LEU A CG  1 
ATOM   1024 C  CD1 . LEU A 1 151 ? -12.509 -1.107  0.928   1.00 15.78 ? 148 LEU A CD1 1 
ATOM   1025 C  CD2 . LEU A 1 151 ? -14.322 -1.995  -0.661  1.00 16.09 ? 148 LEU A CD2 1 
ATOM   1026 N  N   . ALA A 1 152 ? -16.481 -0.298  3.711   1.00 19.73 ? 149 ALA A N   1 
ATOM   1027 C  CA  . ALA A 1 152 ? -17.289 0.921   3.798   1.00 20.07 ? 149 ALA A CA  1 
ATOM   1028 C  C   . ALA A 1 152 ? -16.961 1.753   5.041   1.00 20.87 ? 149 ALA A C   1 
ATOM   1029 O  O   . ALA A 1 152 ? -17.302 2.933   5.121   1.00 22.23 ? 149 ALA A O   1 
ATOM   1030 C  CB  . ALA A 1 152 ? -18.788 0.554   3.821   1.00 18.68 ? 149 ALA A CB  1 
ATOM   1031 N  N   . ASP A 1 153 ? -16.268 1.153   5.998   1.00 20.72 ? 150 ASP A N   1 
ATOM   1032 C  CA  . ASP A 1 153 ? -15.995 1.843   7.264   1.00 20.90 ? 150 ASP A CA  1 
ATOM   1033 C  C   . ASP A 1 153 ? -14.676 2.605   7.345   1.00 21.34 ? 150 ASP A C   1 
ATOM   1034 O  O   . ASP A 1 153 ? -13.929 2.454   8.318   1.00 21.56 ? 150 ASP A O   1 
ATOM   1035 C  CB  . ASP A 1 153 ? -16.099 0.785   8.364   1.00 22.76 ? 150 ASP A CB  1 
ATOM   1036 C  CG  . ASP A 1 153 ? -16.134 1.367   9.768   1.00 25.70 ? 150 ASP A CG  1 
ATOM   1037 O  OD1 . ASP A 1 153 ? -16.630 2.497   9.956   1.00 23.57 ? 150 ASP A OD1 1 
ATOM   1038 O  OD2 . ASP A 1 153 ? -15.675 0.649   10.684  1.00 26.47 ? 150 ASP A OD2 1 
ATOM   1039 N  N   . ASP A 1 154 ? -14.380 3.422   6.333   1.00 21.74 ? 151 ASP A N   1 
ATOM   1040 C  CA  . ASP A 1 154 ? -13.126 4.179   6.329   1.00 22.13 ? 151 ASP A CA  1 
ATOM   1041 C  C   . ASP A 1 154 ? -13.059 5.211   7.457   1.00 21.30 ? 151 ASP A C   1 
ATOM   1042 O  O   . ASP A 1 154 ? -11.969 5.587   7.879   1.00 19.32 ? 151 ASP A O   1 
ATOM   1043 C  CB  . ASP A 1 154 ? -12.884 4.881   4.976   1.00 24.27 ? 151 ASP A CB  1 
ATOM   1044 C  CG  . ASP A 1 154 ? -14.033 5.803   4.567   1.00 26.63 ? 151 ASP A CG  1 
ATOM   1045 O  OD1 . ASP A 1 154 ? -15.155 5.308   4.316   1.00 28.19 ? 151 ASP A OD1 1 
ATOM   1046 O  OD2 . ASP A 1 154 ? -13.812 7.027   4.491   1.00 28.28 ? 151 ASP A OD2 1 
ATOM   1047 N  N   . ASP A 1 155 ? -14.214 5.673   7.940   1.00 22.13 ? 152 ASP A N   1 
ATOM   1048 C  CA  . ASP A 1 155 ? -14.216 6.638   9.043   1.00 23.33 ? 152 ASP A CA  1 
ATOM   1049 C  C   . ASP A 1 155 ? -13.534 6.015   10.254  1.00 23.52 ? 152 ASP A C   1 
ATOM   1050 O  O   . ASP A 1 155 ? -13.127 6.708   11.189  1.00 23.06 ? 152 ASP A O   1 
ATOM   1051 C  CB  . ASP A 1 155 ? -15.635 7.052   9.430   1.00 24.80 ? 152 ASP A CB  1 
ATOM   1052 C  CG  . ASP A 1 155 ? -16.198 8.122   8.509   1.00 27.42 ? 152 ASP A CG  1 
ATOM   1053 O  OD1 . ASP A 1 155 ? -15.395 8.776   7.806   1.00 27.75 ? 152 ASP A OD1 1 
ATOM   1054 O  OD2 . ASP A 1 155 ? -17.434 8.315   8.501   1.00 28.36 ? 152 ASP A OD2 1 
ATOM   1055 N  N   . GLU A 1 156 ? -13.420 4.696   10.229  1.00 23.40 ? 153 GLU A N   1 
ATOM   1056 C  CA  . GLU A 1 156 ? -12.760 4.007   11.307  1.00 24.05 ? 153 GLU A CA  1 
ATOM   1057 C  C   . GLU A 1 156 ? -11.391 3.460   10.911  1.00 22.47 ? 153 GLU A C   1 
ATOM   1058 O  O   . GLU A 1 156 ? -10.418 3.645   11.654  1.00 21.30 ? 153 GLU A O   1 
ATOM   1059 C  CB  . GLU A 1 156 ? -13.620 2.863   11.819  1.00 27.65 ? 153 GLU A CB  1 
ATOM   1060 C  CG  . GLU A 1 156 ? -13.015 2.189   13.010  1.00 34.92 ? 153 GLU A CG  1 
ATOM   1061 C  CD  . GLU A 1 156 ? -14.064 1.883   14.054  1.00 40.95 ? 153 GLU A CD  1 
ATOM   1062 O  OE1 . GLU A 1 156 ? -14.876 0.951   13.836  1.00 42.93 ? 153 GLU A OE1 1 
ATOM   1063 O  OE2 . GLU A 1 156 ? -14.083 2.598   15.081  1.00 44.13 ? 153 GLU A OE2 1 
ATOM   1064 N  N   . TYR A 1 157 ? -11.272 2.819   9.750   1.00 19.97 ? 154 TYR A N   1 
ATOM   1065 C  CA  . TYR A 1 157 ? -9.952  2.266   9.437   1.00 19.57 ? 154 TYR A CA  1 
ATOM   1066 C  C   . TYR A 1 157 ? -8.854  3.255   9.045   1.00 19.39 ? 154 TYR A C   1 
ATOM   1067 O  O   . TYR A 1 157 ? -7.686  2.978   9.272   1.00 19.39 ? 154 TYR A O   1 
ATOM   1068 C  CB  . TYR A 1 157 ? -10.040 1.086   8.435   1.00 19.70 ? 154 TYR A CB  1 
ATOM   1069 C  CG  . TYR A 1 157 ? -10.607 1.357   7.063   1.00 19.40 ? 154 TYR A CG  1 
ATOM   1070 C  CD1 . TYR A 1 157 ? -9.913  2.141   6.131   1.00 18.98 ? 154 TYR A CD1 1 
ATOM   1071 C  CD2 . TYR A 1 157 ? -11.815 0.777   6.669   1.00 19.05 ? 154 TYR A CD2 1 
ATOM   1072 C  CE1 . TYR A 1 157 ? -10.415 2.331   4.842   1.00 17.66 ? 154 TYR A CE1 1 
ATOM   1073 C  CE2 . TYR A 1 157 ? -12.325 0.962   5.386   1.00 17.35 ? 154 TYR A CE2 1 
ATOM   1074 C  CZ  . TYR A 1 157 ? -11.622 1.736   4.477   1.00 18.75 ? 154 TYR A CZ  1 
ATOM   1075 O  OH  . TYR A 1 157 ? -12.121 1.900   3.207   1.00 18.33 ? 154 TYR A OH  1 
ATOM   1076 N  N   . ILE A 1 158 ? -9.212  4.410   8.498   1.00 19.03 ? 155 ILE A N   1 
ATOM   1077 C  CA  . ILE A 1 158 ? -8.199  5.403   8.120   1.00 18.23 ? 155 ILE A CA  1 
ATOM   1078 C  C   . ILE A 1 158 ? -7.546  5.982   9.384   1.00 18.44 ? 155 ILE A C   1 
ATOM   1079 O  O   . ILE A 1 158 ? -6.324  5.971   9.509   1.00 18.51 ? 155 ILE A O   1 
ATOM   1080 C  CB  . ILE A 1 158 ? -8.811  6.521   7.242   1.00 18.79 ? 155 ILE A CB  1 
ATOM   1081 C  CG1 . ILE A 1 158 ? -9.224  5.929   5.878   1.00 17.94 ? 155 ILE A CG1 1 
ATOM   1082 C  CG2 . ILE A 1 158 ? -7.806  7.663   7.058   1.00 16.95 ? 155 ILE A CG2 1 
ATOM   1083 C  CD1 . ILE A 1 158 ? -8.034  5.337   5.052   1.00 17.65 ? 155 ILE A CD1 1 
ATOM   1084 N  N   . PRO A 1 159 ? -8.348  6.478   10.347  1.00 19.48 ? 156 PRO A N   1 
ATOM   1085 C  CA  . PRO A 1 159 ? -7.697  7.008   11.554  1.00 19.42 ? 156 PRO A CA  1 
ATOM   1086 C  C   . PRO A 1 159 ? -6.898  5.883   12.250  1.00 19.75 ? 156 PRO A C   1 
ATOM   1087 O  O   . PRO A 1 159 ? -5.822  6.112   12.814  1.00 19.91 ? 156 PRO A O   1 
ATOM   1088 C  CB  . PRO A 1 159 ? -8.882  7.503   12.396  1.00 19.46 ? 156 PRO A CB  1 
ATOM   1089 C  CG  . PRO A 1 159 ? -9.850  7.956   11.345  1.00 19.62 ? 156 PRO A CG  1 
ATOM   1090 C  CD  . PRO A 1 159 ? -9.787  6.812   10.340  1.00 18.58 ? 156 PRO A CD  1 
ATOM   1091 N  N   . TRP A 1 160 ? -7.416  4.661   12.201  1.00 19.97 ? 157 TRP A N   1 
ATOM   1092 C  CA  . TRP A 1 160 ? -6.704  3.543   12.834  1.00 21.13 ? 157 TRP A CA  1 
ATOM   1093 C  C   . TRP A 1 160 ? -5.331  3.330   12.165  1.00 21.62 ? 157 TRP A C   1 
ATOM   1094 O  O   . TRP A 1 160 ? -4.282  3.180   12.840  1.00 21.36 ? 157 TRP A O   1 
ATOM   1095 C  CB  . TRP A 1 160 ? -7.526  2.262   12.723  1.00 22.28 ? 157 TRP A CB  1 
ATOM   1096 C  CG  . TRP A 1 160 ? -6.925  1.106   13.463  1.00 24.95 ? 157 TRP A CG  1 
ATOM   1097 C  CD1 . TRP A 1 160 ? -7.088  0.802   14.787  1.00 26.66 ? 157 TRP A CD1 1 
ATOM   1098 C  CD2 . TRP A 1 160 ? -6.025  0.128   12.936  1.00 26.02 ? 157 TRP A CD2 1 
ATOM   1099 N  NE1 . TRP A 1 160 ? -6.343  -0.304  15.116  1.00 27.52 ? 157 TRP A NE1 1 
ATOM   1100 C  CE2 . TRP A 1 160 ? -5.678  -0.737  13.998  1.00 26.62 ? 157 TRP A CE2 1 
ATOM   1101 C  CE3 . TRP A 1 160 ? -5.476  -0.103  11.669  1.00 25.46 ? 157 TRP A CE3 1 
ATOM   1102 C  CZ2 . TRP A 1 160 ? -4.805  -1.813  13.831  1.00 26.91 ? 157 TRP A CZ2 1 
ATOM   1103 C  CZ3 . TRP A 1 160 ? -4.608  -1.172  11.502  1.00 25.95 ? 157 TRP A CZ3 1 
ATOM   1104 C  CH2 . TRP A 1 160 ? -4.281  -2.015  12.581  1.00 27.10 ? 157 TRP A CH2 1 
ATOM   1105 N  N   . LEU A 1 161 ? -5.335  3.309   10.838  1.00 20.47 ? 158 LEU A N   1 
ATOM   1106 C  CA  . LEU A 1 161 ? -4.091  3.107   10.092  1.00 20.21 ? 158 LEU A CA  1 
ATOM   1107 C  C   . LEU A 1 161 ? -3.118  4.261   10.319  1.00 20.31 ? 158 LEU A C   1 
ATOM   1108 O  O   . LEU A 1 161 ? -1.931  4.027   10.546  1.00 20.90 ? 158 LEU A O   1 
ATOM   1109 C  CB  . LEU A 1 161 ? -4.377  2.941   8.595   1.00 18.91 ? 158 LEU A CB  1 
ATOM   1110 C  CG  . LEU A 1 161 ? -5.065  1.634   8.211   1.00 19.09 ? 158 LEU A CG  1 
ATOM   1111 C  CD1 . LEU A 1 161 ? -5.509  1.662   6.753   1.00 18.29 ? 158 LEU A CD1 1 
ATOM   1112 C  CD2 . LEU A 1 161 ? -4.098  0.487   8.459   1.00 17.71 ? 158 LEU A CD2 1 
HETATM 1113 N  N   . MSE A 1 162 ? -3.611  5.498   10.267  1.00 20.60 ? 159 MSE A N   1 
HETATM 1114 C  CA  . MSE A 1 162 ? -2.745  6.653   10.480  1.00 22.32 ? 159 MSE A CA  1 
HETATM 1115 C  C   . MSE A 1 162 ? -2.067  6.531   11.862  1.00 23.07 ? 159 MSE A C   1 
HETATM 1116 O  O   . MSE A 1 162 ? -0.865  6.808   12.019  1.00 22.91 ? 159 MSE A O   1 
HETATM 1117 C  CB  . MSE A 1 162 ? -3.561  7.946   10.379  1.00 24.28 ? 159 MSE A CB  1 
HETATM 1118 C  CG  . MSE A 1 162 ? -4.067  8.234   8.958   1.00 27.10 ? 159 MSE A CG  1 
HETATM 1119 SE SE  . MSE A 1 162 ? -2.588  8.609   7.724   0.92 32.76 ? 159 MSE A SE  1 
HETATM 1120 C  CE  . MSE A 1 162 ? -2.340  10.489  8.170   1.00 28.64 ? 159 MSE A CE  1 
ATOM   1121 N  N   . ASN A 1 163 ? -2.830  6.087   12.851  1.00 22.72 ? 160 ASN A N   1 
ATOM   1122 C  CA  . ASN A 1 163 ? -2.272  5.927   14.185  1.00 25.00 ? 160 ASN A CA  1 
ATOM   1123 C  C   . ASN A 1 163 ? -1.202  4.832   14.168  1.00 24.94 ? 160 ASN A C   1 
ATOM   1124 O  O   . ASN A 1 163 ? -0.162  4.974   14.817  1.00 24.30 ? 160 ASN A O   1 
ATOM   1125 C  CB  . ASN A 1 163 ? -3.361  5.577   15.206  1.00 26.32 ? 160 ASN A CB  1 
ATOM   1126 C  CG  . ASN A 1 163 ? -2.801  5.406   16.614  1.00 29.85 ? 160 ASN A CG  1 
ATOM   1127 O  OD1 . ASN A 1 163 ? -2.250  6.346   17.196  1.00 31.76 ? 160 ASN A OD1 1 
ATOM   1128 N  ND2 . ASN A 1 163 ? -2.926  4.200   17.162  1.00 30.21 ? 160 ASN A ND2 1 
ATOM   1129 N  N   . GLU A 1 164 ? -1.450  3.753   13.422  1.00 25.27 ? 161 GLU A N   1 
ATOM   1130 C  CA  . GLU A 1 164 ? -0.479  2.661   13.338  1.00 27.45 ? 161 GLU A CA  1 
ATOM   1131 C  C   . GLU A 1 164 ? 0.827   3.166   12.730  1.00 28.81 ? 161 GLU A C   1 
ATOM   1132 O  O   . GLU A 1 164 ? 1.916   2.793   13.186  1.00 29.62 ? 161 GLU A O   1 
ATOM   1133 C  CB  . GLU A 1 164 ? -1.016  1.483   12.511  1.00 27.27 ? 161 GLU A CB  1 
ATOM   1134 C  CG  . GLU A 1 164 ? -2.068  0.653   13.221  1.00 29.51 ? 161 GLU A CG  1 
ATOM   1135 C  CD  . GLU A 1 164 ? -1.593  0.148   14.584  1.00 31.28 ? 161 GLU A CD  1 
ATOM   1136 O  OE1 . GLU A 1 164 ? -0.648  -0.664  14.622  1.00 32.89 ? 161 GLU A OE1 1 
ATOM   1137 O  OE2 . GLU A 1 164 ? -2.162  0.566   15.614  1.00 31.82 ? 161 GLU A OE2 1 
ATOM   1138 N  N   . VAL A 1 165 ? 0.723   4.006   11.700  1.00 29.87 ? 162 VAL A N   1 
ATOM   1139 C  CA  . VAL A 1 165 ? 1.911   4.568   11.077  1.00 31.03 ? 162 VAL A CA  1 
ATOM   1140 C  C   . VAL A 1 165 ? 2.637   5.493   12.075  1.00 33.80 ? 162 VAL A C   1 
ATOM   1141 O  O   . VAL A 1 165 ? 3.854   5.414   12.227  1.00 33.77 ? 162 VAL A O   1 
ATOM   1142 C  CB  . VAL A 1 165 ? 1.564   5.414   9.824   1.00 30.15 ? 162 VAL A CB  1 
ATOM   1143 C  CG1 . VAL A 1 165 ? 2.837   6.079   9.291   1.00 30.01 ? 162 VAL A CG1 1 
ATOM   1144 C  CG2 . VAL A 1 165 ? 0.900   4.539   8.748   1.00 28.03 ? 162 VAL A CG2 1 
ATOM   1145 N  N   . ARG A 1 166 ? 1.891   6.370   12.743  1.00 36.51 ? 163 ARG A N   1 
ATOM   1146 C  CA  . ARG A 1 166 ? 2.489   7.306   13.699  1.00 39.80 ? 163 ARG A CA  1 
ATOM   1147 C  C   . ARG A 1 166 ? 3.205   6.633   14.859  1.00 43.15 ? 163 ARG A C   1 
ATOM   1148 O  O   . ARG A 1 166 ? 4.303   7.034   15.240  1.00 43.40 ? 163 ARG A O   1 
ATOM   1149 C  CB  . ARG A 1 166 ? 1.437   8.266   14.252  1.00 38.77 ? 163 ARG A CB  1 
ATOM   1150 C  CG  . ARG A 1 166 ? 1.303   9.549   13.459  1.00 40.33 ? 163 ARG A CG  1 
ATOM   1151 C  CD  . ARG A 1 166 ? 0.423   10.546  14.191  1.00 40.22 ? 163 ARG A CD  1 
ATOM   1152 N  NE  . ARG A 1 166 ? -0.884  9.964   14.449  1.00 41.39 ? 163 ARG A NE  1 
ATOM   1153 C  CZ  . ARG A 1 166 ? -1.959  10.159  13.694  1.00 41.73 ? 163 ARG A CZ  1 
ATOM   1154 N  NH1 . ARG A 1 166 ? -1.898  10.943  12.622  1.00 40.96 ? 163 ARG A NH1 1 
ATOM   1155 N  NH2 . ARG A 1 166 ? -3.092  9.547   14.004  1.00 41.42 ? 163 ARG A NH2 1 
ATOM   1156 N  N   . THR A 1 167 ? 2.580   5.613   15.432  1.00 47.42 ? 164 THR A N   1 
ATOM   1157 C  CA  . THR A 1 167 ? 3.196   4.896   16.540  1.00 51.18 ? 164 THR A CA  1 
ATOM   1158 C  C   . THR A 1 167 ? 4.290   3.996   15.949  1.00 53.91 ? 164 THR A C   1 
ATOM   1159 O  O   . THR A 1 167 ? 4.647   2.957   16.512  1.00 54.57 ? 164 THR A O   1 
ATOM   1160 C  CB  . THR A 1 167 ? 2.139   4.069   17.299  1.00 51.07 ? 164 THR A CB  1 
ATOM   1161 O  OG1 . THR A 1 167 ? 1.525   3.137   16.404  1.00 52.41 ? 164 THR A OG1 1 
ATOM   1162 C  CG2 . THR A 1 167 ? 1.061   4.986   17.860  1.00 50.37 ? 164 THR A CG2 1 
ATOM   1163 N  N   . ARG A 1 168 ? 4.803   4.446   14.802  1.00 57.00 ? 165 ARG A N   1 
ATOM   1164 C  CA  . ARG A 1 168 ? 5.864   3.810   14.007  1.00 59.26 ? 165 ARG A CA  1 
ATOM   1165 C  C   . ARG A 1 168 ? 6.355   2.485   14.549  1.00 60.13 ? 165 ARG A C   1 
ATOM   1166 O  O   . ARG A 1 168 ? 6.133   1.468   13.855  1.00 61.43 ? 165 ARG A O   1 
ATOM   1167 C  CB  . ARG A 1 168 ? 7.058   4.768   13.879  1.00 60.34 ? 165 ARG A CB  1 
ATOM   1168 C  CG  . ARG A 1 168 ? 6.663   6.250   13.740  1.00 61.95 ? 165 ARG A CG  1 
ATOM   1169 C  CD  . ARG A 1 168 ? 6.467   6.714   12.283  1.00 63.98 ? 165 ARG A CD  1 
ATOM   1170 N  NE  . ARG A 1 168 ? 5.842   8.048   12.219  1.00 66.34 ? 165 ARG A NE  1 
ATOM   1171 C  CZ  . ARG A 1 168 ? 5.793   8.822   11.129  1.00 66.27 ? 165 ARG A CZ  1 
ATOM   1172 N  NH1 . ARG A 1 168 ? 6.338   8.408   9.983   1.00 66.65 ? 165 ARG A NH1 1 
ATOM   1173 N  NH2 . ARG A 1 168 ? 5.195   10.013  11.180  1.00 64.47 ? 165 ARG A NH2 1 
HETATM 1174 O  O   . HOH B 2 .   ? -12.578 -5.012  0.998   1.00 20.60 ? 167 HOH A O   1 
HETATM 1175 O  O   . HOH B 2 .   ? -8.562  -9.822  -2.445  1.00 14.74 ? 168 HOH A O   1 
HETATM 1176 O  O   . HOH B 2 .   ? -1.727  -7.623  -4.210  1.00 18.03 ? 169 HOH A O   1 
HETATM 1177 O  O   . HOH B 2 .   ? 3.018   14.126  0.220   1.00 17.67 ? 170 HOH A O   1 
HETATM 1178 O  O   . HOH B 2 .   ? -14.634 4.185   -2.711  1.00 23.20 ? 171 HOH A O   1 
HETATM 1179 O  O   . HOH B 2 .   ? 10.038  -7.032  -5.302  1.00 22.56 ? 172 HOH A O   1 
HETATM 1180 O  O   . HOH B 2 .   ? 1.880   4.633   -7.391  1.00 24.50 ? 173 HOH A O   1 
HETATM 1181 O  O   . HOH B 2 .   ? 2.364   -7.206  -7.298  1.00 22.74 ? 174 HOH A O   1 
HETATM 1182 O  O   . HOH B 2 .   ? -8.714  -3.294  -5.998  1.00 21.35 ? 175 HOH A O   1 
HETATM 1183 O  O   . HOH B 2 .   ? 9.058   19.361  3.544   1.00 25.40 ? 176 HOH A O   1 
HETATM 1184 O  O   . HOH B 2 .   ? 0.968   -12.160 8.777   1.00 27.86 ? 177 HOH A O   1 
HETATM 1185 O  O   . HOH B 2 .   ? 12.596  -5.880  -3.376  1.00 28.90 ? 178 HOH A O   1 
HETATM 1186 O  O   . HOH B 2 .   ? -4.022  2.410   15.696  1.00 27.95 ? 179 HOH A O   1 
HETATM 1187 O  O   . HOH B 2 .   ? 10.874  -4.393  -0.093  1.00 23.92 ? 180 HOH A O   1 
HETATM 1188 O  O   . HOH B 2 .   ? -15.585 -1.940  10.065  1.00 22.75 ? 181 HOH A O   1 
HETATM 1189 O  O   . HOH B 2 .   ? -9.092  -3.058  -8.698  1.00 29.66 ? 182 HOH A O   1 
HETATM 1190 O  O   . HOH B 2 .   ? 9.409   10.472  -19.664 1.00 21.62 ? 183 HOH A O   1 
HETATM 1191 O  O   . HOH B 2 .   ? -14.482 -8.708  -11.048 1.00 23.07 ? 184 HOH A O   1 
HETATM 1192 O  O   . HOH B 2 .   ? 7.630   -4.752  10.914  1.00 28.02 ? 185 HOH A O   1 
HETATM 1193 O  O   . HOH B 2 .   ? -5.850  10.305  -2.700  1.00 35.33 ? 186 HOH A O   1 
HETATM 1194 O  O   . HOH B 2 .   ? -9.187  9.901   3.645   1.00 26.97 ? 187 HOH A O   1 
HETATM 1195 O  O   . HOH B 2 .   ? -1.355  -16.898 1.697   1.00 34.40 ? 188 HOH A O   1 
HETATM 1196 O  O   . HOH B 2 .   ? 4.124   -12.575 10.269  1.00 32.25 ? 189 HOH A O   1 
HETATM 1197 O  O   . HOH B 2 .   ? 9.124   -2.018  6.646   1.00 33.60 ? 190 HOH A O   1 
HETATM 1198 O  O   . HOH B 2 .   ? 10.697  -7.227  2.281   1.00 25.54 ? 191 HOH A O   1 
HETATM 1199 O  O   . HOH B 2 .   ? -5.506  8.670   13.801  1.00 31.74 ? 192 HOH A O   1 
HETATM 1200 O  O   . HOH B 2 .   ? 1.076   -9.992  11.755  1.00 33.53 ? 193 HOH A O   1 
HETATM 1201 O  O   . HOH B 2 .   ? -10.654 11.305  1.523   1.00 33.19 ? 194 HOH A O   1 
HETATM 1202 O  O   . HOH B 2 .   ? -6.918  -10.532 -9.370  1.00 32.85 ? 195 HOH A O   1 
HETATM 1203 O  O   . HOH B 2 .   ? -4.217  9.009   -4.605  1.00 33.43 ? 196 HOH A O   1 
HETATM 1204 O  O   . HOH B 2 .   ? -14.552 -6.979  12.982  1.00 30.50 ? 197 HOH A O   1 
HETATM 1205 O  O   . HOH B 2 .   ? 4.408   -11.894 2.668   1.00 29.26 ? 198 HOH A O   1 
HETATM 1206 O  O   . HOH B 2 .   ? -14.915 -10.810 10.429  1.00 30.95 ? 199 HOH A O   1 
HETATM 1207 O  O   . HOH B 2 .   ? -5.423  -5.948  -9.447  1.00 33.74 ? 200 HOH A O   1 
HETATM 1208 O  O   . HOH B 2 .   ? 17.365  -6.520  -13.561 1.00 33.76 ? 201 HOH A O   1 
HETATM 1209 O  O   . HOH B 2 .   ? -9.839  9.889   -1.022  1.00 33.18 ? 202 HOH A O   1 
HETATM 1210 O  O   . HOH B 2 .   ? -5.860  13.427  7.868   1.00 39.23 ? 203 HOH A O   1 
HETATM 1211 O  O   . HOH B 2 .   ? -18.128 10.242  6.793   1.00 34.30 ? 204 HOH A O   1 
HETATM 1212 O  O   . HOH B 2 .   ? 16.522  -3.864  -20.217 1.00 32.81 ? 205 HOH A O   1 
HETATM 1213 O  O   . HOH B 2 .   ? 9.800   19.543  -1.044  1.00 49.05 ? 206 HOH A O   1 
HETATM 1214 O  O   . HOH B 2 .   ? -18.271 4.666   3.514   1.00 37.99 ? 207 HOH A O   1 
HETATM 1215 O  O   . HOH B 2 .   ? 12.000  22.036  -11.850 1.00 32.87 ? 208 HOH A O   1 
HETATM 1216 O  O   . HOH B 2 .   ? -15.256 6.863   -1.336  1.00 44.81 ? 209 HOH A O   1 
HETATM 1217 O  O   . HOH B 2 .   ? -15.119 3.415   2.164   1.00 31.27 ? 210 HOH A O   1 
HETATM 1218 O  O   . HOH B 2 .   ? -2.490  -5.166  13.787  1.00 32.90 ? 211 HOH A O   1 
HETATM 1219 O  O   . HOH B 2 .   ? -11.422 8.809   5.435   1.00 41.05 ? 212 HOH A O   1 
HETATM 1220 O  O   . HOH B 2 .   ? -6.127  4.706   -5.877  1.00 42.65 ? 213 HOH A O   1 
HETATM 1221 O  O   . HOH B 2 .   ? 20.547  -1.466  -15.273 1.00 41.97 ? 214 HOH A O   1 
HETATM 1222 O  O   . HOH B 2 .   ? 17.197  1.660   -8.016  1.00 35.38 ? 215 HOH A O   1 
HETATM 1223 O  O   . HOH B 2 .   ? -17.369 1.814   12.875  1.00 44.23 ? 216 HOH A O   1 
HETATM 1224 O  O   . HOH B 2 .   ? 1.406   -9.197  -5.196  1.00 31.42 ? 217 HOH A O   1 
HETATM 1225 O  O   . HOH B 2 .   ? 12.387  8.787   2.012   1.00 36.83 ? 218 HOH A O   1 
HETATM 1226 O  O   . HOH B 2 .   ? -10.338 4.337   14.370  1.00 39.95 ? 219 HOH A O   1 
HETATM 1227 O  O   . HOH B 2 .   ? 0.105   6.315   -9.405  1.00 30.93 ? 220 HOH A O   1 
HETATM 1228 O  O   . HOH B 2 .   ? -1.885  8.822   16.655  1.00 31.86 ? 221 HOH A O   1 
HETATM 1229 O  O   . HOH B 2 .   ? 0.030   -2.959  13.206  1.00 39.51 ? 222 HOH A O   1 
HETATM 1230 O  O   . HOH B 2 .   ? -16.184 -17.381 -0.124  1.00 35.88 ? 223 HOH A O   1 
HETATM 1231 O  O   . HOH B 2 .   ? 12.411  4.130   -21.404 1.00 32.35 ? 224 HOH A O   1 
HETATM 1232 O  O   . HOH B 2 .   ? -6.865  -8.894  16.108  1.00 49.90 ? 225 HOH A O   1 
HETATM 1233 O  O   . HOH B 2 .   ? -13.076 -8.595  -13.922 1.00 41.18 ? 226 HOH A O   1 
HETATM 1234 O  O   . HOH B 2 .   ? 4.438   9.868   -17.405 0.50 24.63 ? 227 HOH A O   1 
HETATM 1235 O  O   . HOH B 2 .   ? -3.045  -14.551 8.877   1.00 34.37 ? 228 HOH A O   1 
HETATM 1236 O  O   . HOH B 2 .   ? -3.469  6.219   -5.054  1.00 34.39 ? 229 HOH A O   1 
HETATM 1237 O  O   . HOH B 2 .   ? 18.645  -0.981  -17.841 1.00 42.21 ? 230 HOH A O   1 
HETATM 1238 O  O   . HOH B 2 .   ? -11.688 7.501   -7.715  1.00 47.82 ? 231 HOH A O   1 
HETATM 1239 O  O   . HOH B 2 .   ? 7.196   0.299   7.998   1.00 45.10 ? 232 HOH A O   1 
HETATM 1240 O  O   . HOH B 2 .   ? -1.797  -4.718  -6.960  1.00 34.17 ? 233 HOH A O   1 
HETATM 1241 O  O   . HOH B 2 .   ? 18.012  2.760   -10.845 1.00 42.71 ? 234 HOH A O   1 
HETATM 1242 O  O   . HOH B 2 .   ? -4.968  -21.207 3.286   1.00 39.43 ? 235 HOH A O   1 
HETATM 1243 O  O   . HOH B 2 .   ? -12.944 -5.725  -15.119 1.00 48.34 ? 236 HOH A O   1 
HETATM 1244 O  O   . HOH B 2 .   ? -0.886  -13.676 10.292  1.00 44.82 ? 237 HOH A O   1 
HETATM 1245 O  O   . HOH B 2 .   ? 10.204  13.760  6.385   1.00 37.59 ? 238 HOH A O   1 
HETATM 1246 O  O   . HOH B 2 .   ? -13.826 -14.717 -4.457  1.00 37.73 ? 239 HOH A O   1 
HETATM 1247 O  O   . HOH B 2 .   ? -5.285  -14.959 10.911  1.00 37.77 ? 240 HOH A O   1 
HETATM 1248 O  O   . HOH B 2 .   ? 4.339   -0.951  13.628  1.00 40.96 ? 241 HOH A O   1 
HETATM 1249 O  O   . HOH B 2 .   ? -0.550  7.227   -6.059  1.00 44.30 ? 242 HOH A O   1 
HETATM 1250 O  O   . HOH B 2 .   ? 6.657   0.470   10.668  1.00 47.30 ? 243 HOH A O   1 
HETATM 1251 O  O   . HOH B 2 .   ? -10.207 -16.187 -4.554  1.00 47.81 ? 244 HOH A O   1 
HETATM 1252 O  O   . HOH B 2 .   ? -4.617  13.043  -1.913  1.00 41.29 ? 245 HOH A O   1 
HETATM 1253 O  O   . HOH B 2 .   ? 9.414   7.457   -22.726 1.00 44.21 ? 246 HOH A O   1 
HETATM 1254 O  O   . HOH B 2 .   ? 12.569  9.870   5.496   1.00 50.51 ? 247 HOH A O   1 
# 
